data_6A67
#
_entry.id   6A67
#
_cell.length_a   168.106
_cell.length_b   168.106
_cell.length_c   147.188
_cell.angle_alpha   90.00
_cell.angle_beta   90.00
_cell.angle_gamma   90.00
#
_symmetry.space_group_name_H-M   'P 42 2 2'
#
loop_
_entity.id
_entity.type
_entity.pdbx_description
1 polymer 'FLD21.140 Heavy Chain'
2 polymer 'FLD21.140 Light Chain'
3 polymer Hemagglutinin
4 non-polymer 2-acetamido-2-deoxy-beta-D-glucopyranose
5 water water
#
loop_
_entity_poly.entity_id
_entity_poly.type
_entity_poly.pdbx_seq_one_letter_code
_entity_poly.pdbx_strand_id
1 'polypeptide(L)'
;QVQLQESGPGLVKPSQTLSLTCTVSGGSISSGTYYWSWIRHHPGKGLEWIGYIYHSGSAYYNPSLESRVTMSVDTSKNQF
SLKLSSVTAADTAIYYCARAENLLSPYLAEGFDPWGQGTLVTVSSASTKGPSVFPLAPSSKSTSGGTAALGCLVKDYFPE
PVTVSWNSGALTSGVHTFPAVLQSSGLYSLSSVVTVPSSSLGTQTYICNVNHKPSNTKVDKKVEPK
;
H,C
2 'polypeptide(L)'
;QSVLTQPPSASGTPGQRVTISCSGSTSNIGSNAVNWYQQLPGTAPKLLIYSNNQRPSGVPDRFSGSKSGTSASLAISGLQ
SEDEADYYCAAWDDSLSGSWVFGGGTKLTVLGQPKANPTVTLFPPSSEELQANKATLVCLISDFYPGAVTVAWKADGSPV
KAGVETTKPSKQSNNKYAASSYLSLTPEQWKSHRSYSCQVTHEGSTVEKTVAPTECS
;
L,D
3 'polypeptide(L)'
;DGVKPLILRDCSVAGWLLGNPMCDEFINVPEWSYIVEKANPVNDLCYPGDFNDYEELKHLLSRINHFEKIQIIPKSSWSS
HEASLGVSSACPYQRKSSFFRNVVWLIKKNSTYPTIKRSYNNTNQEDLLVLWGIHHPNDAAEQTKLYQNPTTYISVGTST
LNQRLVPRIATRSKVNGQSGRMEFFWTILKPNDAINFESNGNFIAPEYAYKIVKKGDSTIMKSEHHHHHH
;
B,A
#
loop_
_chem_comp.id
_chem_comp.type
_chem_comp.name
_chem_comp.formula
NAG D-saccharide, beta linking 2-acetamido-2-deoxy-beta-D-glucopyranose 'C8 H15 N O6'
#
# COMPACT_ATOMS: atom_id res chain seq x y z
N GLN A 1 -19.06 0.50 -20.22
CA GLN A 1 -18.42 -0.57 -19.47
C GLN A 1 -19.41 -1.72 -19.29
N VAL A 2 -19.20 -2.75 -20.10
CA VAL A 2 -19.92 -4.00 -19.91
C VAL A 2 -19.44 -4.65 -18.62
N GLN A 3 -20.36 -5.25 -17.88
CA GLN A 3 -20.00 -5.94 -16.65
C GLN A 3 -20.64 -7.33 -16.62
N LEU A 4 -19.91 -8.25 -16.02
CA LEU A 4 -20.30 -9.65 -15.97
C LEU A 4 -20.38 -10.10 -14.52
N GLN A 5 -21.35 -10.93 -14.21
CA GLN A 5 -21.53 -11.38 -12.84
C GLN A 5 -21.94 -12.84 -12.88
N GLU A 6 -21.14 -13.70 -12.27
CA GLU A 6 -21.50 -15.12 -12.17
C GLU A 6 -22.53 -15.32 -11.06
N SER A 7 -23.28 -16.40 -11.17
CA SER A 7 -24.19 -16.80 -10.12
C SER A 7 -23.42 -17.27 -8.88
N GLY A 8 -24.14 -17.41 -7.76
CA GLY A 8 -23.55 -17.57 -6.45
C GLY A 8 -22.79 -18.87 -6.21
N PRO A 9 -21.86 -18.84 -5.24
CA PRO A 9 -21.04 -20.01 -4.94
C PRO A 9 -21.85 -21.15 -4.32
N GLY A 10 -21.35 -22.37 -4.51
CA GLY A 10 -22.13 -23.50 -4.05
C GLY A 10 -21.36 -24.82 -4.04
N LEU A 11 -22.06 -25.82 -3.54
CA LEU A 11 -21.62 -27.18 -3.43
C LEU A 11 -22.31 -28.00 -4.52
N VAL A 12 -21.58 -28.93 -5.14
CA VAL A 12 -22.16 -29.89 -6.07
C VAL A 12 -21.67 -31.27 -5.66
N LYS A 13 -22.59 -32.25 -5.62
CA LYS A 13 -22.19 -33.59 -5.23
C LYS A 13 -21.49 -34.28 -6.40
N PRO A 14 -20.50 -35.13 -6.13
CA PRO A 14 -19.82 -35.85 -7.21
C PRO A 14 -20.81 -36.62 -8.08
N SER A 15 -20.56 -36.57 -9.39
CA SER A 15 -21.31 -37.17 -10.50
C SER A 15 -22.55 -36.35 -10.87
N GLN A 16 -22.90 -35.31 -10.12
CA GLN A 16 -24.01 -34.47 -10.53
C GLN A 16 -23.53 -33.45 -11.56
N THR A 17 -24.40 -32.51 -11.90
CA THR A 17 -24.13 -31.51 -12.93
C THR A 17 -23.96 -30.14 -12.27
N LEU A 18 -22.83 -29.48 -12.55
CA LEU A 18 -22.61 -28.10 -12.15
C LEU A 18 -23.27 -27.18 -13.17
N SER A 19 -24.07 -26.22 -12.69
CA SER A 19 -24.73 -25.23 -13.54
C SER A 19 -24.36 -23.84 -13.07
N LEU A 20 -23.89 -22.99 -13.98
CA LEU A 20 -23.64 -21.60 -13.62
C LEU A 20 -24.24 -20.69 -14.68
N THR A 21 -24.51 -19.45 -14.27
CA THR A 21 -25.01 -18.43 -15.17
C THR A 21 -24.19 -17.16 -15.00
N CYS A 22 -23.95 -16.51 -16.12
CA CYS A 22 -23.33 -15.19 -16.14
C CYS A 22 -24.37 -14.19 -16.61
N THR A 23 -24.56 -13.13 -15.84
CA THR A 23 -25.45 -12.04 -16.22
C THR A 23 -24.59 -10.89 -16.75
N VAL A 24 -24.91 -10.44 -17.95
CA VAL A 24 -24.22 -9.32 -18.57
C VAL A 24 -25.02 -8.05 -18.35
N SER A 25 -24.34 -6.98 -18.02
CA SER A 25 -25.03 -5.70 -17.85
C SER A 25 -24.19 -4.64 -18.52
N GLY A 26 -24.85 -3.55 -18.89
CA GLY A 26 -24.14 -2.46 -19.55
C GLY A 26 -23.93 -2.68 -21.03
N GLY A 27 -24.71 -3.56 -21.65
CA GLY A 27 -24.54 -3.86 -23.05
C GLY A 27 -25.30 -5.13 -23.36
N SER A 28 -25.58 -5.36 -24.64
CA SER A 28 -26.37 -6.50 -25.04
C SER A 28 -25.45 -7.66 -25.42
N ILE A 29 -25.77 -8.84 -24.89
CA ILE A 29 -25.05 -10.07 -25.24
C ILE A 29 -25.09 -10.31 -26.74
N SER A 30 -26.15 -9.89 -27.40
CA SER A 30 -26.28 -10.10 -28.84
C SER A 30 -25.73 -8.96 -29.66
N SER A 31 -25.21 -7.90 -29.03
CA SER A 31 -24.58 -6.80 -29.73
C SER A 31 -23.08 -7.05 -29.92
N GLY A 32 -22.59 -6.76 -31.11
CA GLY A 32 -21.20 -6.96 -31.44
C GLY A 32 -20.89 -8.40 -31.76
N THR A 33 -19.64 -8.61 -32.15
CA THR A 33 -19.18 -9.93 -32.55
C THR A 33 -18.22 -10.45 -31.48
N TYR A 34 -18.78 -10.80 -30.34
CA TYR A 34 -18.02 -11.29 -29.20
C TYR A 34 -18.30 -12.75 -28.96
N TYR A 35 -17.37 -13.42 -28.28
CA TYR A 35 -17.64 -14.73 -27.71
C TYR A 35 -17.65 -14.62 -26.19
N TRP A 36 -18.55 -15.40 -25.58
CA TRP A 36 -18.85 -15.33 -24.17
C TRP A 36 -18.29 -16.58 -23.51
N SER A 37 -17.38 -16.39 -22.57
CA SER A 37 -16.44 -17.43 -22.24
C SER A 37 -16.52 -17.82 -20.76
N TRP A 38 -16.13 -19.07 -20.47
CA TRP A 38 -15.96 -19.55 -19.10
C TRP A 38 -14.51 -20.00 -18.91
N ILE A 39 -13.92 -19.61 -17.78
CA ILE A 39 -12.54 -19.94 -17.45
C ILE A 39 -12.49 -20.29 -15.99
N ARG A 40 -11.73 -21.32 -15.62
CA ARG A 40 -11.70 -21.72 -14.22
C ARG A 40 -10.27 -21.84 -13.71
N HIS A 41 -10.15 -21.71 -12.38
CA HIS A 41 -8.88 -21.79 -11.68
C HIS A 41 -9.03 -22.84 -10.59
N HIS A 42 -8.44 -24.02 -10.81
CA HIS A 42 -8.42 -25.05 -9.79
C HIS A 42 -7.44 -24.64 -8.69
N PRO A 43 -7.79 -24.81 -7.41
CA PRO A 43 -6.95 -24.28 -6.33
C PRO A 43 -5.51 -24.78 -6.43
N GLY A 44 -4.58 -23.84 -6.37
CA GLY A 44 -3.17 -24.16 -6.51
C GLY A 44 -2.73 -24.64 -7.87
N LYS A 45 -3.57 -24.53 -8.89
CA LYS A 45 -3.06 -24.72 -10.25
C LYS A 45 -3.19 -23.41 -11.00
N GLY A 46 -3.47 -23.46 -12.29
CA GLY A 46 -3.41 -22.28 -13.13
C GLY A 46 -4.78 -21.83 -13.62
N LEU A 47 -4.83 -21.46 -14.89
CA LEU A 47 -6.07 -21.09 -15.54
C LEU A 47 -6.35 -22.10 -16.65
N GLU A 48 -7.61 -22.50 -16.77
CA GLU A 48 -8.04 -23.44 -17.80
C GLU A 48 -9.26 -22.89 -18.49
N TRP A 49 -9.15 -22.66 -19.80
CA TRP A 49 -10.28 -22.22 -20.61
C TRP A 49 -11.28 -23.37 -20.81
N ILE A 50 -12.55 -23.12 -20.53
CA ILE A 50 -13.56 -24.15 -20.71
C ILE A 50 -14.18 -24.10 -22.09
N GLY A 51 -14.42 -22.89 -22.58
CA GLY A 51 -15.01 -22.69 -23.88
C GLY A 51 -15.68 -21.32 -23.96
N TYR A 52 -16.26 -21.05 -25.12
CA TYR A 52 -17.06 -19.84 -25.27
C TYR A 52 -18.13 -20.07 -26.33
N ILE A 53 -19.08 -19.14 -26.39
CA ILE A 53 -20.26 -19.33 -27.21
C ILE A 53 -20.63 -18.00 -27.84
N TYR A 54 -21.07 -18.05 -29.08
CA TYR A 54 -21.58 -16.89 -29.79
C TYR A 54 -23.06 -16.66 -29.47
N HIS A 55 -23.51 -15.42 -29.62
CA HIS A 55 -24.87 -15.12 -29.18
C HIS A 55 -25.92 -15.90 -29.95
N SER A 56 -25.66 -16.23 -31.22
CA SER A 56 -26.63 -17.01 -31.99
C SER A 56 -26.45 -18.52 -31.82
N GLY A 57 -25.54 -18.97 -30.96
CA GLY A 57 -25.61 -20.35 -30.52
C GLY A 57 -24.40 -21.26 -30.68
N SER A 58 -23.56 -21.07 -31.72
CA SER A 58 -22.39 -21.94 -31.90
C SER A 58 -21.39 -21.75 -30.77
N ALA A 59 -20.75 -22.84 -30.36
CA ALA A 59 -19.85 -22.83 -29.22
C ALA A 59 -18.64 -23.68 -29.52
N TYR A 60 -17.56 -23.40 -28.81
CA TYR A 60 -16.32 -24.12 -28.96
C TYR A 60 -15.80 -24.43 -27.56
N TYR A 61 -15.40 -25.67 -27.34
CA TYR A 61 -15.05 -26.14 -26.02
C TYR A 61 -13.62 -26.62 -25.99
N ASN A 62 -13.06 -26.62 -24.80
CA ASN A 62 -11.76 -27.21 -24.60
C ASN A 62 -11.90 -28.71 -24.84
N PRO A 63 -11.04 -29.33 -25.67
CA PRO A 63 -11.20 -30.77 -25.97
C PRO A 63 -11.07 -31.67 -24.76
N SER A 64 -10.34 -31.25 -23.73
CA SER A 64 -10.24 -32.08 -22.54
C SER A 64 -11.53 -32.10 -21.72
N LEU A 65 -12.46 -31.16 -21.95
CA LEU A 65 -13.73 -31.09 -21.23
C LEU A 65 -14.93 -31.24 -22.13
N GLU A 66 -14.70 -31.33 -23.44
CA GLU A 66 -15.77 -31.20 -24.44
C GLU A 66 -16.98 -32.09 -24.14
N SER A 67 -16.75 -33.36 -23.79
CA SER A 67 -17.86 -34.30 -23.68
C SER A 67 -18.75 -34.02 -22.49
N ARG A 68 -18.28 -33.27 -21.50
CA ARG A 68 -19.07 -32.99 -20.31
C ARG A 68 -19.66 -31.58 -20.33
N VAL A 69 -19.30 -30.77 -21.31
CA VAL A 69 -19.57 -29.34 -21.29
C VAL A 69 -20.69 -29.01 -22.27
N THR A 70 -21.62 -28.18 -21.84
CA THR A 70 -22.55 -27.53 -22.74
C THR A 70 -22.76 -26.10 -22.26
N MET A 71 -22.81 -25.15 -23.18
CA MET A 71 -23.11 -23.77 -22.83
C MET A 71 -24.34 -23.36 -23.64
N SER A 72 -24.99 -22.31 -23.17
CA SER A 72 -26.17 -21.78 -23.85
C SER A 72 -26.25 -20.28 -23.61
N VAL A 73 -27.10 -19.63 -24.40
CA VAL A 73 -27.31 -18.19 -24.37
C VAL A 73 -28.79 -17.89 -24.18
N ASP A 74 -29.08 -16.87 -23.39
CA ASP A 74 -30.46 -16.43 -23.15
C ASP A 74 -30.47 -14.94 -23.43
N THR A 75 -30.71 -14.55 -24.69
CA THR A 75 -30.56 -13.14 -25.06
C THR A 75 -31.60 -12.26 -24.39
N SER A 76 -32.76 -12.82 -24.03
CA SER A 76 -33.80 -12.03 -23.39
C SER A 76 -33.44 -11.66 -21.97
N LYS A 77 -32.80 -12.58 -21.24
CA LYS A 77 -32.29 -12.29 -19.92
C LYS A 77 -30.92 -11.66 -19.96
N ASN A 78 -30.32 -11.52 -21.15
CA ASN A 78 -28.95 -11.03 -21.29
C ASN A 78 -27.96 -11.90 -20.51
N GLN A 79 -28.12 -13.23 -20.62
CA GLN A 79 -27.32 -14.18 -19.85
C GLN A 79 -26.74 -15.24 -20.76
N PHE A 80 -25.64 -15.85 -20.32
CA PHE A 80 -25.19 -17.11 -20.92
C PHE A 80 -24.76 -18.03 -19.78
N SER A 81 -24.67 -19.33 -20.07
CA SER A 81 -24.58 -20.28 -18.97
C SER A 81 -23.72 -21.48 -19.33
N LEU A 82 -23.37 -22.25 -18.29
CA LEU A 82 -22.45 -23.36 -18.38
C LEU A 82 -23.03 -24.56 -17.62
N LYS A 83 -23.04 -25.72 -18.27
CA LYS A 83 -23.34 -26.99 -17.62
C LYS A 83 -22.14 -27.91 -17.78
N LEU A 84 -21.69 -28.46 -16.67
CA LEU A 84 -20.56 -29.36 -16.62
C LEU A 84 -21.07 -30.62 -15.93
N SER A 85 -21.12 -31.72 -16.65
CA SER A 85 -21.77 -32.91 -16.12
C SER A 85 -20.72 -33.84 -15.51
N SER A 86 -21.21 -34.82 -14.73
CA SER A 86 -20.37 -35.87 -14.13
C SER A 86 -19.17 -35.32 -13.37
N VAL A 87 -19.42 -34.39 -12.44
CA VAL A 87 -18.30 -33.69 -11.79
C VAL A 87 -17.66 -34.60 -10.76
N THR A 88 -16.38 -34.35 -10.51
CA THR A 88 -15.65 -34.90 -9.38
C THR A 88 -14.88 -33.75 -8.70
N ALA A 89 -14.13 -34.11 -7.64
CA ALA A 89 -13.32 -33.13 -6.93
C ALA A 89 -12.34 -32.41 -7.86
N ALA A 90 -12.02 -32.99 -9.00
CA ALA A 90 -11.17 -32.31 -9.97
C ALA A 90 -11.83 -31.06 -10.55
N ASP A 91 -13.15 -30.91 -10.41
CA ASP A 91 -13.85 -29.76 -10.94
C ASP A 91 -14.08 -28.65 -9.91
N THR A 92 -13.64 -28.85 -8.66
CA THR A 92 -13.62 -27.77 -7.68
C THR A 92 -12.75 -26.63 -8.18
N ALA A 93 -13.30 -25.43 -8.29
CA ALA A 93 -12.53 -24.34 -8.87
C ALA A 93 -13.24 -23.03 -8.64
N ILE A 94 -12.53 -21.95 -8.89
CA ILE A 94 -13.16 -20.66 -9.10
C ILE A 94 -13.52 -20.58 -10.58
N TYR A 95 -14.79 -20.37 -10.86
CA TYR A 95 -15.31 -20.26 -12.21
C TYR A 95 -15.53 -18.79 -12.56
N TYR A 96 -14.87 -18.33 -13.61
CA TYR A 96 -15.00 -16.98 -14.12
C TYR A 96 -15.75 -16.99 -15.45
N CYS A 97 -16.65 -16.02 -15.64
CA CYS A 97 -17.12 -15.69 -16.96
C CYS A 97 -16.33 -14.50 -17.50
N ALA A 98 -16.28 -14.39 -18.83
CA ALA A 98 -15.46 -13.36 -19.44
C ALA A 98 -15.94 -13.14 -20.86
N ARG A 99 -15.64 -11.97 -21.40
CA ARG A 99 -16.00 -11.66 -22.78
C ARG A 99 -14.72 -11.69 -23.61
N ALA A 100 -14.70 -12.56 -24.62
CA ALA A 100 -13.58 -12.60 -25.57
C ALA A 100 -13.86 -11.51 -26.60
N GLU A 101 -13.07 -10.45 -26.57
CA GLU A 101 -13.48 -9.18 -27.17
C GLU A 101 -13.00 -9.00 -28.60
N ASN A 102 -11.92 -9.66 -29.01
CA ASN A 102 -11.28 -9.33 -30.27
C ASN A 102 -11.23 -10.55 -31.19
N LEU A 103 -12.01 -10.51 -32.27
CA LEU A 103 -12.06 -11.62 -33.20
C LEU A 103 -10.83 -11.60 -34.08
N LEU A 104 -10.14 -12.74 -34.16
CA LEU A 104 -9.07 -12.92 -35.13
C LEU A 104 -9.46 -13.81 -36.29
N SER A 105 -10.53 -14.58 -36.14
CA SER A 105 -11.06 -15.46 -37.16
C SER A 105 -12.50 -15.73 -36.78
N PRO A 106 -13.28 -16.40 -37.63
CA PRO A 106 -14.69 -16.61 -37.26
C PRO A 106 -14.89 -17.31 -35.94
N TYR A 107 -13.95 -18.17 -35.51
CA TYR A 107 -14.11 -18.89 -34.25
C TYR A 107 -13.01 -18.60 -33.24
N LEU A 108 -12.00 -17.84 -33.60
CA LEU A 108 -10.87 -17.55 -32.70
C LEU A 108 -11.00 -16.11 -32.21
N ALA A 109 -11.29 -15.96 -30.93
CA ALA A 109 -11.45 -14.68 -30.29
C ALA A 109 -10.49 -14.61 -29.10
N GLU A 110 -9.82 -13.47 -28.96
CA GLU A 110 -8.82 -13.23 -27.93
C GLU A 110 -9.22 -12.01 -27.10
N GLY A 111 -8.37 -11.70 -26.11
CA GLY A 111 -8.58 -10.54 -25.28
C GLY A 111 -9.76 -10.70 -24.35
N PHE A 112 -9.62 -11.58 -23.35
CA PHE A 112 -10.69 -11.79 -22.38
C PHE A 112 -10.83 -10.54 -21.53
N ASP A 113 -11.92 -9.82 -21.72
CA ASP A 113 -12.05 -8.50 -21.16
C ASP A 113 -13.45 -7.96 -21.42
N PRO A 114 -14.21 -7.71 -20.35
CA PRO A 114 -13.83 -7.94 -18.94
C PRO A 114 -14.07 -9.38 -18.46
N TRP A 115 -13.65 -9.64 -17.24
CA TRP A 115 -13.94 -10.85 -16.50
C TRP A 115 -14.96 -10.56 -15.40
N GLY A 116 -15.68 -11.58 -15.00
CA GLY A 116 -16.44 -11.47 -13.76
C GLY A 116 -15.51 -11.56 -12.57
N GLN A 117 -16.07 -11.35 -11.40
CA GLN A 117 -15.46 -11.85 -10.18
C GLN A 117 -15.77 -13.33 -10.17
N GLY A 118 -14.84 -14.15 -9.80
CA GLY A 118 -15.15 -15.57 -9.97
C GLY A 118 -16.23 -16.05 -9.00
N THR A 119 -16.65 -17.30 -9.16
CA THR A 119 -17.54 -17.93 -8.19
C THR A 119 -16.95 -19.28 -7.83
N LEU A 120 -16.84 -19.56 -6.53
CA LEU A 120 -16.21 -20.79 -6.07
C LEU A 120 -17.22 -21.92 -6.06
N VAL A 121 -16.92 -23.01 -6.76
CA VAL A 121 -17.78 -24.18 -6.76
C VAL A 121 -16.98 -25.32 -6.15
N THR A 122 -17.50 -25.89 -5.08
CA THR A 122 -16.87 -26.99 -4.39
C THR A 122 -17.62 -28.29 -4.71
N VAL A 123 -16.90 -29.28 -5.21
CA VAL A 123 -17.47 -30.60 -5.47
C VAL A 123 -17.12 -31.51 -4.30
N SER A 124 -18.14 -31.96 -3.59
CA SER A 124 -17.97 -32.74 -2.37
C SER A 124 -19.26 -33.49 -2.09
N SER A 125 -19.14 -34.64 -1.44
CA SER A 125 -20.33 -35.37 -0.99
C SER A 125 -20.82 -34.91 0.38
N ALA A 126 -19.97 -34.23 1.14
CA ALA A 126 -20.30 -33.71 2.46
C ALA A 126 -21.43 -32.69 2.36
N SER A 127 -22.15 -32.53 3.47
CA SER A 127 -23.30 -31.63 3.48
C SER A 127 -22.86 -30.19 3.75
N THR A 128 -23.63 -29.25 3.21
CA THR A 128 -23.38 -27.85 3.47
C THR A 128 -23.63 -27.58 4.97
N LYS A 129 -22.82 -26.69 5.56
CA LYS A 129 -23.04 -26.34 6.96
C LYS A 129 -22.83 -24.85 7.20
N GLY A 130 -23.84 -24.21 7.77
CA GLY A 130 -23.77 -22.81 8.07
C GLY A 130 -22.97 -22.54 9.33
N PRO A 131 -22.38 -21.36 9.40
CA PRO A 131 -21.52 -21.00 10.54
C PRO A 131 -22.29 -20.68 11.79
N SER A 132 -21.62 -20.84 12.94
CA SER A 132 -21.99 -20.20 14.19
C SER A 132 -21.12 -18.97 14.37
N VAL A 133 -21.72 -17.86 14.80
CA VAL A 133 -21.01 -16.59 14.91
C VAL A 133 -21.01 -16.19 16.39
N PHE A 134 -19.83 -15.84 16.90
CA PHE A 134 -19.65 -15.38 18.27
C PHE A 134 -18.97 -14.02 18.29
N PRO A 135 -19.34 -13.14 19.22
CA PRO A 135 -18.68 -11.83 19.30
C PRO A 135 -17.34 -11.94 19.97
N LEU A 136 -16.37 -11.18 19.46
CA LEU A 136 -15.06 -11.03 20.08
C LEU A 136 -15.04 -9.63 20.69
N ALA A 137 -15.36 -9.55 21.99
CA ALA A 137 -15.62 -8.28 22.64
C ALA A 137 -14.33 -7.47 22.80
N PRO A 138 -14.40 -6.15 22.64
CA PRO A 138 -13.23 -5.33 22.98
C PRO A 138 -13.07 -5.24 24.49
N SER A 139 -11.81 -5.22 24.92
CA SER A 139 -11.50 -4.97 26.34
C SER A 139 -10.49 -3.85 26.38
N SER A 140 -10.87 -2.72 26.96
CA SER A 140 -9.95 -1.59 27.06
C SER A 140 -9.57 -1.34 28.52
N GLY A 145 -9.05 6.27 26.12
CA GLY A 145 -8.82 7.35 25.18
C GLY A 145 -8.00 7.01 23.96
N GLY A 146 -8.00 5.76 23.53
CA GLY A 146 -7.27 5.39 22.32
C GLY A 146 -8.08 4.59 21.31
N THR A 147 -7.60 3.42 20.90
CA THR A 147 -8.34 2.55 19.99
C THR A 147 -8.47 1.14 20.54
N ALA A 148 -9.60 0.51 20.19
CA ALA A 148 -9.93 -0.84 20.61
C ALA A 148 -10.24 -1.70 19.39
N ALA A 149 -9.88 -2.98 19.51
CA ALA A 149 -10.17 -3.97 18.49
C ALA A 149 -11.34 -4.83 18.95
N LEU A 150 -12.30 -5.02 18.05
CA LEU A 150 -13.39 -5.94 18.33
C LEU A 150 -13.65 -6.73 17.05
N GLY A 151 -14.27 -7.88 17.20
CA GLY A 151 -14.45 -8.67 16.02
C GLY A 151 -15.54 -9.71 16.21
N CYS A 152 -15.65 -10.59 15.23
CA CYS A 152 -16.54 -11.72 15.41
C CYS A 152 -15.90 -12.97 14.81
N LEU A 153 -16.17 -14.08 15.48
CA LEU A 153 -15.61 -15.36 15.12
C LEU A 153 -16.67 -16.16 14.40
N VAL A 154 -16.35 -16.64 13.21
CA VAL A 154 -17.27 -17.36 12.34
C VAL A 154 -16.81 -18.81 12.31
N LYS A 155 -17.50 -19.67 13.04
CA LYS A 155 -17.06 -21.03 13.33
C LYS A 155 -17.79 -22.06 12.48
N ASP A 156 -17.06 -23.09 12.03
CA ASP A 156 -17.59 -24.39 11.58
C ASP A 156 -18.61 -24.27 10.44
N TYR A 157 -18.12 -23.82 9.30
CA TYR A 157 -18.98 -23.78 8.12
C TYR A 157 -18.34 -24.58 6.99
N PHE A 158 -19.19 -24.95 6.04
CA PHE A 158 -18.75 -25.66 4.84
C PHE A 158 -19.76 -25.49 3.72
N PRO A 159 -19.29 -25.27 2.47
CA PRO A 159 -17.90 -25.00 2.06
C PRO A 159 -17.59 -23.51 2.15
N GLU A 160 -16.41 -23.13 1.68
CA GLU A 160 -16.10 -21.72 1.43
C GLU A 160 -17.01 -21.18 0.34
N PRO A 161 -17.21 -19.86 0.28
CA PRO A 161 -16.70 -18.75 1.10
C PRO A 161 -17.76 -18.23 2.09
N VAL A 162 -17.34 -17.45 3.09
CA VAL A 162 -18.28 -16.54 3.74
C VAL A 162 -17.78 -15.14 3.48
N THR A 163 -18.69 -14.18 3.57
CA THR A 163 -18.34 -12.76 3.57
C THR A 163 -18.78 -12.13 4.88
N VAL A 164 -17.99 -11.19 5.37
CA VAL A 164 -18.30 -10.49 6.60
C VAL A 164 -18.29 -8.99 6.31
N SER A 165 -19.33 -8.29 6.71
CA SER A 165 -19.32 -6.84 6.71
C SER A 165 -19.63 -6.34 8.12
N TRP A 166 -19.44 -5.04 8.33
CA TRP A 166 -19.68 -4.40 9.61
C TRP A 166 -20.67 -3.25 9.45
N ASN A 167 -21.71 -3.23 10.29
CA ASN A 167 -22.76 -2.21 10.24
C ASN A 167 -23.31 -2.05 8.82
N SER A 168 -23.62 -3.19 8.20
CA SER A 168 -24.21 -3.30 6.85
C SER A 168 -23.36 -2.64 5.77
N GLY A 169 -22.06 -2.49 5.98
CA GLY A 169 -21.20 -1.83 5.02
C GLY A 169 -20.88 -0.38 5.33
N ALA A 170 -21.58 0.22 6.30
CA ALA A 170 -21.29 1.61 6.66
C ALA A 170 -19.91 1.76 7.29
N LEU A 171 -19.35 0.69 7.83
CA LEU A 171 -18.06 0.71 8.52
C LEU A 171 -17.03 -0.10 7.74
N THR A 172 -16.06 0.58 7.14
CA THR A 172 -15.04 -0.04 6.31
C THR A 172 -13.62 0.29 6.77
N SER A 173 -13.43 1.45 7.39
CA SER A 173 -12.13 1.83 7.91
C SER A 173 -11.73 0.90 9.04
N GLY A 174 -10.57 0.26 8.91
CA GLY A 174 -10.07 -0.59 9.96
C GLY A 174 -10.59 -2.01 9.95
N VAL A 175 -11.27 -2.43 8.89
CA VAL A 175 -11.84 -3.76 8.81
C VAL A 175 -10.85 -4.74 8.19
N HIS A 176 -10.52 -5.80 8.92
CA HIS A 176 -9.72 -6.91 8.39
C HIS A 176 -10.49 -8.21 8.60
N THR A 177 -10.88 -8.85 7.50
CA THR A 177 -11.42 -10.20 7.54
C THR A 177 -10.32 -11.18 7.12
N PHE A 178 -9.98 -12.06 7.96
CA PHE A 178 -8.83 -12.94 7.81
C PHE A 178 -9.21 -14.16 6.99
N PRO A 179 -8.25 -14.73 6.26
CA PRO A 179 -8.52 -16.00 5.55
C PRO A 179 -8.87 -17.11 6.53
N ALA A 180 -9.69 -18.04 6.06
CA ALA A 180 -10.20 -19.10 6.92
C ALA A 180 -9.13 -20.13 7.22
N VAL A 181 -9.23 -20.71 8.37
CA VAL A 181 -8.47 -21.91 8.68
C VAL A 181 -9.33 -23.11 8.35
N LEU A 182 -8.67 -24.18 7.90
CA LEU A 182 -9.34 -25.43 7.59
C LEU A 182 -9.02 -26.39 8.72
N GLN A 183 -10.05 -26.77 9.47
CA GLN A 183 -9.86 -27.66 10.59
C GLN A 183 -9.71 -29.10 10.12
N SER A 184 -9.18 -29.94 11.00
CA SER A 184 -9.06 -31.35 10.69
C SER A 184 -10.42 -32.03 10.53
N SER A 185 -11.48 -31.45 11.11
CA SER A 185 -12.84 -31.92 10.88
C SER A 185 -13.31 -31.71 9.45
N GLY A 186 -12.58 -30.94 8.64
CA GLY A 186 -13.06 -30.58 7.32
C GLY A 186 -13.94 -29.34 7.30
N LEU A 187 -14.14 -28.68 8.42
CA LEU A 187 -14.91 -27.45 8.49
C LEU A 187 -13.98 -26.23 8.53
N TYR A 188 -14.46 -25.12 8.02
CA TYR A 188 -13.70 -23.87 8.05
C TYR A 188 -14.12 -23.00 9.23
N SER A 189 -13.20 -22.11 9.65
CA SER A 189 -13.53 -21.04 10.58
C SER A 189 -12.74 -19.81 10.20
N LEU A 190 -13.31 -18.63 10.42
CA LEU A 190 -12.56 -17.42 10.16
C LEU A 190 -12.93 -16.37 11.19
N SER A 191 -12.16 -15.28 11.19
CA SER A 191 -12.41 -14.14 12.07
C SER A 191 -12.41 -12.85 11.26
N SER A 192 -13.21 -11.90 11.69
CA SER A 192 -13.16 -10.54 11.17
C SER A 192 -12.99 -9.60 12.35
N VAL A 193 -12.10 -8.61 12.23
CA VAL A 193 -11.82 -7.67 13.29
C VAL A 193 -11.86 -6.25 12.72
N VAL A 194 -12.33 -5.31 13.53
CA VAL A 194 -12.32 -3.90 13.16
C VAL A 194 -11.71 -3.11 14.31
N THR A 195 -10.93 -2.09 13.98
CA THR A 195 -10.33 -1.23 14.99
C THR A 195 -11.09 0.10 15.03
N VAL A 196 -11.51 0.51 16.22
CA VAL A 196 -12.38 1.67 16.38
C VAL A 196 -11.86 2.52 17.53
N PRO A 197 -12.32 3.78 17.62
CA PRO A 197 -11.95 4.62 18.76
C PRO A 197 -12.51 4.06 20.07
N SER A 198 -11.67 4.03 21.11
CA SER A 198 -12.13 3.59 22.42
C SER A 198 -13.23 4.46 22.96
N SER A 199 -13.21 5.76 22.62
CA SER A 199 -14.21 6.69 23.17
C SER A 199 -15.62 6.31 22.72
N SER A 200 -15.77 5.91 21.46
CA SER A 200 -17.10 5.61 20.90
C SER A 200 -17.71 4.29 21.41
N LEU A 201 -17.01 3.52 22.25
CA LEU A 201 -17.51 2.20 22.64
C LEU A 201 -18.84 2.31 23.39
N GLY A 202 -19.02 3.36 24.20
CA GLY A 202 -20.27 3.49 24.92
C GLY A 202 -21.45 3.95 24.08
N THR A 203 -21.21 4.62 22.97
CA THR A 203 -22.26 5.29 22.22
C THR A 203 -22.55 4.69 20.85
N GLN A 204 -21.61 3.95 20.27
CA GLN A 204 -21.75 3.44 18.90
C GLN A 204 -21.96 1.92 18.91
N THR A 205 -22.85 1.45 18.05
CA THR A 205 -23.17 0.04 17.96
C THR A 205 -22.39 -0.59 16.82
N TYR A 206 -21.84 -1.79 17.07
CA TYR A 206 -21.06 -2.51 16.08
C TYR A 206 -21.70 -3.87 15.87
N ILE A 207 -22.12 -4.13 14.63
CA ILE A 207 -22.78 -5.37 14.24
C ILE A 207 -22.00 -5.94 13.06
N CYS A 208 -21.57 -7.18 13.17
CA CYS A 208 -20.95 -7.82 12.03
C CYS A 208 -22.01 -8.62 11.29
N ASN A 209 -21.94 -8.57 9.97
CA ASN A 209 -22.94 -9.19 9.10
C ASN A 209 -22.22 -10.32 8.38
N VAL A 210 -22.64 -11.54 8.67
CA VAL A 210 -22.01 -12.74 8.14
C VAL A 210 -22.95 -13.33 7.09
N ASN A 211 -22.42 -13.56 5.89
CA ASN A 211 -23.17 -14.16 4.81
C ASN A 211 -22.49 -15.45 4.38
N HIS A 212 -23.25 -16.54 4.33
CA HIS A 212 -22.76 -17.83 3.84
C HIS A 212 -23.74 -18.30 2.76
N LYS A 213 -23.53 -17.86 1.52
CA LYS A 213 -24.50 -18.19 0.47
C LYS A 213 -24.65 -19.70 0.23
N PRO A 214 -23.62 -20.55 0.30
CA PRO A 214 -23.84 -21.97 0.00
C PRO A 214 -24.90 -22.62 0.85
N SER A 215 -25.21 -22.07 2.03
CA SER A 215 -26.26 -22.62 2.88
C SER A 215 -27.41 -21.63 3.09
N ASN A 216 -27.40 -20.50 2.39
CA ASN A 216 -28.40 -19.45 2.58
C ASN A 216 -28.50 -19.03 4.04
N THR A 217 -27.35 -18.77 4.65
CA THR A 217 -27.31 -18.37 6.06
C THR A 217 -26.85 -16.91 6.15
N LYS A 218 -27.66 -16.08 6.79
CA LYS A 218 -27.31 -14.70 7.13
C LYS A 218 -27.41 -14.55 8.66
N VAL A 219 -26.33 -14.12 9.29
CA VAL A 219 -26.32 -13.96 10.74
C VAL A 219 -25.70 -12.62 11.07
N ASP A 220 -26.40 -11.83 11.89
CA ASP A 220 -25.87 -10.60 12.45
C ASP A 220 -25.53 -10.83 13.92
N LYS A 221 -24.44 -10.23 14.38
CA LYS A 221 -24.02 -10.36 15.78
C LYS A 221 -23.58 -9.02 16.31
N LYS A 222 -24.19 -8.59 17.41
CA LYS A 222 -23.78 -7.36 18.09
C LYS A 222 -22.50 -7.63 18.86
N VAL A 223 -21.53 -6.73 18.75
CA VAL A 223 -20.26 -6.88 19.46
C VAL A 223 -20.14 -5.69 20.40
N GLU A 224 -20.30 -5.94 21.69
CA GLU A 224 -20.35 -4.86 22.67
C GLU A 224 -19.29 -5.09 23.74
N PRO A 225 -18.90 -4.02 24.45
CA PRO A 225 -17.82 -4.14 25.44
C PRO A 225 -18.14 -5.12 26.55
N LYS A 226 -17.08 -5.67 27.13
CA LYS A 226 -17.13 -6.61 28.25
C LYS A 226 -17.96 -7.85 27.91
N VAL B 3 0.47 -26.26 -19.75
CA VAL B 3 0.67 -26.58 -21.17
C VAL B 3 1.74 -25.68 -21.77
N LEU B 4 1.61 -24.38 -21.56
CA LEU B 4 2.70 -23.46 -21.82
C LEU B 4 3.54 -23.38 -20.56
N THR B 5 4.85 -23.21 -20.74
CA THR B 5 5.79 -23.29 -19.62
C THR B 5 6.33 -21.91 -19.28
N GLN B 6 6.14 -21.51 -18.02
CA GLN B 6 6.57 -20.26 -17.44
C GLN B 6 7.41 -20.54 -16.21
N PRO B 7 8.41 -19.73 -15.92
CA PRO B 7 9.06 -19.82 -14.62
C PRO B 7 8.04 -19.60 -13.52
N PRO B 8 8.07 -20.41 -12.47
CA PRO B 8 7.10 -20.21 -11.38
C PRO B 8 7.31 -18.92 -10.62
N SER B 9 8.52 -18.37 -10.60
CA SER B 9 8.76 -17.13 -9.88
C SER B 9 9.59 -16.17 -10.73
N ALA B 10 9.53 -14.90 -10.34
CA ALA B 10 10.39 -13.86 -10.89
C ALA B 10 10.40 -12.71 -9.90
N SER B 11 11.47 -11.93 -9.93
CA SER B 11 11.57 -10.84 -8.96
C SER B 11 12.42 -9.72 -9.53
N GLY B 12 12.29 -8.57 -8.91
CA GLY B 12 13.06 -7.40 -9.30
C GLY B 12 12.96 -6.34 -8.23
N THR B 13 13.85 -5.39 -8.31
CA THR B 13 13.69 -4.29 -7.37
C THR B 13 13.07 -3.09 -8.08
N PRO B 14 12.44 -2.17 -7.32
CA PRO B 14 11.74 -1.07 -7.98
C PRO B 14 12.63 -0.30 -8.94
N GLY B 15 12.04 0.10 -10.06
CA GLY B 15 12.72 0.75 -11.16
C GLY B 15 13.34 -0.18 -12.18
N GLN B 16 13.52 -1.47 -11.86
CA GLN B 16 14.18 -2.40 -12.75
C GLN B 16 13.25 -2.84 -13.89
N ARG B 17 13.84 -3.52 -14.86
CA ARG B 17 13.09 -4.21 -15.90
C ARG B 17 13.16 -5.71 -15.62
N VAL B 18 11.98 -6.35 -15.58
CA VAL B 18 11.88 -7.78 -15.34
C VAL B 18 11.22 -8.41 -16.57
N THR B 19 11.73 -9.55 -17.01
CA THR B 19 11.13 -10.25 -18.13
C THR B 19 10.60 -11.60 -17.66
N ILE B 20 9.46 -11.98 -18.22
CA ILE B 20 8.77 -13.22 -17.88
C ILE B 20 8.63 -13.99 -19.18
N SER B 21 9.18 -15.21 -19.20
CA SER B 21 9.20 -16.02 -20.40
C SER B 21 8.05 -17.02 -20.42
N CYS B 22 7.70 -17.44 -21.64
CA CYS B 22 6.63 -18.39 -21.89
C CYS B 22 7.08 -19.25 -23.05
N SER B 23 7.23 -20.55 -22.81
CA SER B 23 7.76 -21.49 -23.79
C SER B 23 6.63 -22.40 -24.26
N GLY B 24 6.41 -22.47 -25.57
CA GLY B 24 5.35 -23.29 -26.10
C GLY B 24 5.87 -24.24 -27.16
N SER B 25 4.98 -24.56 -28.10
CA SER B 25 5.26 -25.48 -29.19
C SER B 25 4.79 -24.85 -30.49
N THR B 26 5.00 -25.57 -31.59
CA THR B 26 4.64 -25.05 -32.92
C THR B 26 3.14 -24.89 -33.07
N SER B 27 2.40 -25.79 -32.43
CA SER B 27 0.95 -25.76 -32.46
C SER B 27 0.29 -24.62 -31.73
N ASN B 28 0.93 -24.07 -30.72
CA ASN B 28 0.35 -22.94 -30.02
C ASN B 28 1.06 -21.62 -30.25
N ILE B 29 2.07 -21.27 -29.47
CA ILE B 29 2.75 -19.99 -29.66
C ILE B 29 3.32 -19.87 -31.07
N GLY B 30 3.84 -20.97 -31.62
CA GLY B 30 4.43 -20.94 -32.94
C GLY B 30 3.47 -20.58 -34.06
N SER B 31 2.17 -20.83 -33.87
CA SER B 31 1.18 -20.60 -34.91
C SER B 31 0.18 -19.50 -34.60
N ASN B 32 0.11 -19.01 -33.36
CA ASN B 32 -1.04 -18.21 -32.94
C ASN B 32 -0.60 -17.03 -32.07
N ALA B 33 -1.48 -16.03 -31.99
CA ALA B 33 -1.25 -14.84 -31.18
C ALA B 33 -1.16 -15.19 -29.70
N VAL B 34 -0.32 -14.44 -28.99
CA VAL B 34 -0.13 -14.63 -27.56
C VAL B 34 -0.88 -13.53 -26.81
N ASN B 35 -1.49 -13.88 -25.67
CA ASN B 35 -2.06 -12.91 -24.75
C ASN B 35 -1.35 -13.00 -23.40
N TRP B 36 -1.38 -11.91 -22.64
CA TRP B 36 -0.91 -11.91 -21.26
C TRP B 36 -1.99 -11.35 -20.35
N TYR B 37 -2.11 -11.96 -19.17
CA TYR B 37 -3.07 -11.57 -18.14
C TYR B 37 -2.34 -11.32 -16.82
N GLN B 38 -2.79 -10.31 -16.10
CA GLN B 38 -2.26 -9.97 -14.78
C GLN B 38 -3.32 -10.28 -13.74
N GLN B 39 -2.94 -11.01 -12.70
CA GLN B 39 -3.88 -11.24 -11.60
C GLN B 39 -3.29 -10.69 -10.30
N LEU B 40 -3.78 -9.50 -9.90
CA LEU B 40 -3.47 -8.92 -8.60
C LEU B 40 -4.11 -9.74 -7.49
N PRO B 41 -3.58 -9.67 -6.27
CA PRO B 41 -4.13 -10.47 -5.17
C PRO B 41 -5.55 -10.05 -4.84
N GLY B 42 -6.46 -11.03 -4.81
CA GLY B 42 -7.84 -10.77 -4.48
C GLY B 42 -8.73 -10.40 -5.64
N THR B 43 -8.22 -10.35 -6.88
CA THR B 43 -9.03 -9.95 -8.02
C THR B 43 -9.01 -11.03 -9.10
N ALA B 44 -9.88 -10.84 -10.10
CA ALA B 44 -9.86 -11.67 -11.28
C ALA B 44 -8.73 -11.24 -12.20
N PRO B 45 -8.26 -12.12 -13.07
CA PRO B 45 -7.28 -11.73 -14.07
C PRO B 45 -7.78 -10.56 -14.91
N LYS B 46 -6.85 -9.73 -15.35
CA LYS B 46 -7.19 -8.67 -16.27
C LYS B 46 -6.24 -8.73 -17.46
N LEU B 47 -6.78 -8.37 -18.62
CA LEU B 47 -6.02 -8.37 -19.85
C LEU B 47 -4.93 -7.31 -19.80
N LEU B 48 -3.72 -7.72 -20.16
CA LEU B 48 -2.53 -6.88 -20.23
C LEU B 48 -1.99 -6.72 -21.65
N ILE B 49 -1.97 -7.80 -22.42
CA ILE B 49 -1.42 -7.83 -23.77
C ILE B 49 -2.29 -8.72 -24.65
N TYR B 50 -2.67 -8.25 -25.82
CA TYR B 50 -3.30 -9.10 -26.82
C TYR B 50 -2.56 -8.94 -28.15
N SER B 51 -2.75 -9.91 -29.05
CA SER B 51 -2.11 -9.90 -30.37
C SER B 51 -0.59 -9.76 -30.25
N ASN B 52 -0.01 -10.51 -29.32
CA ASN B 52 1.43 -10.58 -29.03
C ASN B 52 2.00 -9.33 -28.36
N ASN B 53 1.63 -8.13 -28.81
CA ASN B 53 2.29 -6.92 -28.34
C ASN B 53 1.38 -5.70 -28.23
N GLN B 54 0.07 -5.85 -28.32
CA GLN B 54 -0.86 -4.74 -28.26
C GLN B 54 -1.37 -4.57 -26.82
N ARG B 55 -1.47 -3.30 -26.36
CA ARG B 55 -1.99 -3.07 -25.02
C ARG B 55 -3.40 -2.51 -25.10
N PRO B 56 -4.30 -3.00 -24.26
CA PRO B 56 -5.60 -2.34 -24.13
C PRO B 56 -5.47 -0.97 -23.50
N SER B 57 -6.55 -0.21 -23.61
CA SER B 57 -6.62 1.13 -23.04
C SER B 57 -6.40 1.03 -21.54
N GLY B 58 -5.52 1.87 -21.02
CA GLY B 58 -5.19 1.87 -19.61
C GLY B 58 -4.04 0.97 -19.19
N VAL B 59 -3.33 0.36 -20.12
CA VAL B 59 -2.14 -0.43 -19.80
C VAL B 59 -0.95 0.36 -20.33
N PRO B 60 -0.02 0.79 -19.48
CA PRO B 60 1.07 1.66 -19.93
C PRO B 60 2.14 0.93 -20.72
N ASP B 61 2.94 1.74 -21.43
CA ASP B 61 4.03 1.29 -22.29
C ASP B 61 5.04 0.44 -21.54
N ARG B 62 5.12 0.57 -20.24
CA ARG B 62 6.10 -0.18 -19.52
C ARG B 62 5.89 -1.67 -19.63
N PHE B 63 4.67 -2.10 -19.87
CA PHE B 63 4.39 -3.51 -20.16
C PHE B 63 4.54 -3.74 -21.65
N SER B 64 5.45 -4.61 -22.04
CA SER B 64 5.75 -4.81 -23.45
C SER B 64 5.74 -6.31 -23.73
N GLY B 65 4.94 -6.72 -24.69
CA GLY B 65 4.87 -8.11 -25.09
C GLY B 65 5.64 -8.35 -26.36
N SER B 66 6.19 -9.55 -26.49
CA SER B 66 6.91 -9.96 -27.69
C SER B 66 6.83 -11.47 -27.80
N LYS B 67 7.06 -11.95 -29.02
CA LYS B 67 7.01 -13.35 -29.38
C LYS B 67 8.08 -13.62 -30.43
N SER B 68 8.69 -14.81 -30.38
CA SER B 68 9.59 -15.22 -31.45
C SER B 68 9.66 -16.74 -31.50
N GLY B 69 9.38 -17.31 -32.67
CA GLY B 69 9.40 -18.77 -32.77
C GLY B 69 8.31 -19.37 -31.92
N THR B 70 8.68 -20.33 -31.07
CA THR B 70 7.74 -20.95 -30.15
C THR B 70 7.84 -20.39 -28.74
N SER B 71 8.41 -19.18 -28.57
CA SER B 71 8.54 -18.56 -27.26
C SER B 71 7.99 -17.13 -27.27
N ALA B 72 7.50 -16.71 -26.11
CA ALA B 72 6.94 -15.38 -25.94
C ALA B 72 7.54 -14.78 -24.68
N SER B 73 7.45 -13.45 -24.58
CA SER B 73 8.08 -12.82 -23.43
C SER B 73 7.30 -11.57 -23.05
N LEU B 74 7.20 -11.33 -21.75
CA LEU B 74 6.59 -10.12 -21.22
C LEU B 74 7.66 -9.34 -20.46
N ALA B 75 7.91 -8.11 -20.87
CA ALA B 75 8.89 -7.24 -20.23
C ALA B 75 8.16 -6.17 -19.45
N ILE B 76 8.49 -6.06 -18.17
CA ILE B 76 7.91 -5.06 -17.28
C ILE B 76 9.04 -4.12 -16.87
N SER B 77 9.04 -2.92 -17.45
CA SER B 77 9.97 -1.85 -17.12
C SER B 77 9.45 -0.96 -16.01
N GLY B 78 10.38 -0.22 -15.38
CA GLY B 78 10.04 0.73 -14.32
C GLY B 78 9.24 0.05 -13.23
N LEU B 79 9.71 -1.13 -12.81
CA LEU B 79 8.99 -1.97 -11.88
C LEU B 79 8.53 -1.18 -10.67
N GLN B 80 7.26 -1.36 -10.31
CA GLN B 80 6.64 -0.73 -9.16
C GLN B 80 6.13 -1.80 -8.21
N SER B 81 5.95 -1.39 -6.96
CA SER B 81 5.49 -2.32 -5.93
C SER B 81 4.10 -2.89 -6.27
N GLU B 82 3.25 -2.10 -6.93
CA GLU B 82 1.92 -2.56 -7.32
C GLU B 82 1.93 -3.61 -8.43
N ASP B 83 3.06 -3.90 -9.04
CA ASP B 83 3.10 -4.94 -10.06
C ASP B 83 3.19 -6.34 -9.49
N GLU B 84 3.28 -6.49 -8.17
CA GLU B 84 3.26 -7.83 -7.60
C GLU B 84 1.93 -8.48 -7.93
N ALA B 85 2.00 -9.64 -8.59
CA ALA B 85 0.84 -10.31 -9.18
C ALA B 85 1.31 -11.63 -9.75
N ASP B 86 0.36 -12.44 -10.19
CA ASP B 86 0.63 -13.59 -11.03
C ASP B 86 0.39 -13.17 -12.49
N TYR B 87 1.33 -13.51 -13.38
CA TYR B 87 1.23 -13.19 -14.80
C TYR B 87 1.07 -14.49 -15.58
N TYR B 88 0.06 -14.52 -16.44
CA TYR B 88 -0.25 -15.71 -17.23
C TYR B 88 -0.10 -15.38 -18.69
N CYS B 89 0.60 -16.24 -19.44
CA CYS B 89 0.53 -16.18 -20.89
C CYS B 89 -0.56 -17.12 -21.37
N ALA B 90 -1.05 -16.85 -22.58
CA ALA B 90 -2.10 -17.65 -23.18
C ALA B 90 -1.98 -17.62 -24.69
N ALA B 91 -2.34 -18.74 -25.32
CA ALA B 91 -2.38 -18.84 -26.78
C ALA B 91 -3.39 -19.90 -27.19
N TRP B 92 -3.95 -19.72 -28.40
CA TRP B 92 -4.68 -20.79 -29.04
C TRP B 92 -3.73 -21.93 -29.40
N ASP B 93 -4.15 -23.17 -29.12
CA ASP B 93 -3.38 -24.35 -29.49
C ASP B 93 -4.14 -25.15 -30.55
N ASP B 94 -3.47 -25.42 -31.68
CA ASP B 94 -4.11 -26.12 -32.79
C ASP B 94 -4.34 -27.61 -32.54
N SER B 95 -3.72 -28.21 -31.51
CA SER B 95 -3.87 -29.63 -31.25
C SER B 95 -5.33 -30.01 -31.00
N LEU B 96 -5.71 -31.20 -31.49
CA LEU B 96 -6.98 -31.82 -31.12
C LEU B 96 -8.18 -30.90 -31.41
N SER B 97 -8.20 -30.25 -32.57
CA SER B 97 -9.30 -29.38 -32.99
C SER B 97 -9.39 -28.03 -32.25
N GLY B 98 -8.44 -27.68 -31.38
CA GLY B 98 -8.24 -26.30 -30.96
C GLY B 98 -8.81 -25.87 -29.62
N SER B 99 -8.04 -25.10 -28.85
CA SER B 99 -8.56 -24.44 -27.65
C SER B 99 -7.54 -23.42 -27.17
N TRP B 100 -8.02 -22.51 -26.33
CA TRP B 100 -7.12 -21.63 -25.60
C TRP B 100 -6.36 -22.43 -24.55
N VAL B 101 -5.07 -22.11 -24.39
CA VAL B 101 -4.30 -22.71 -23.30
C VAL B 101 -3.57 -21.60 -22.58
N PHE B 102 -3.24 -21.85 -21.32
CA PHE B 102 -2.54 -20.93 -20.44
C PHE B 102 -1.22 -21.53 -19.97
N GLY B 103 -0.24 -20.65 -19.72
CA GLY B 103 0.90 -21.04 -18.93
C GLY B 103 0.52 -21.24 -17.48
N GLY B 104 1.45 -21.79 -16.70
CA GLY B 104 1.14 -22.06 -15.32
C GLY B 104 1.09 -20.84 -14.43
N GLY B 105 1.54 -19.68 -14.92
CA GLY B 105 1.58 -18.46 -14.15
C GLY B 105 2.94 -18.22 -13.51
N THR B 106 3.32 -16.95 -13.43
CA THR B 106 4.55 -16.54 -12.78
C THR B 106 4.18 -15.57 -11.67
N LYS B 107 4.58 -15.91 -10.45
CA LYS B 107 4.40 -14.98 -9.33
C LYS B 107 5.56 -13.99 -9.36
N LEU B 108 5.26 -12.71 -9.51
CA LEU B 108 6.28 -11.68 -9.54
C LEU B 108 6.30 -11.00 -8.18
N THR B 109 7.46 -11.02 -7.53
CA THR B 109 7.65 -10.29 -6.28
C THR B 109 8.56 -9.11 -6.55
N VAL B 110 8.23 -7.99 -5.93
CA VAL B 110 9.05 -6.79 -5.98
C VAL B 110 9.77 -6.68 -4.64
N LEU B 111 11.09 -6.79 -4.67
CA LEU B 111 11.88 -6.85 -3.45
C LEU B 111 12.22 -5.45 -2.95
N GLY B 112 12.69 -5.38 -1.70
CA GLY B 112 13.03 -4.11 -1.11
C GLY B 112 11.86 -3.34 -0.52
N GLN B 113 10.73 -3.98 -0.28
CA GLN B 113 9.64 -3.21 0.29
C GLN B 113 9.87 -2.96 1.79
N PRO B 114 9.33 -1.86 2.32
CA PRO B 114 9.62 -1.48 3.70
C PRO B 114 9.07 -2.48 4.70
N LYS B 115 9.89 -2.82 5.69
CA LYS B 115 9.45 -3.71 6.75
C LYS B 115 8.26 -3.12 7.51
N ALA B 116 7.40 -4.02 7.97
CA ALA B 116 6.28 -3.63 8.83
C ALA B 116 6.04 -4.78 9.79
N ASN B 117 6.14 -4.51 11.09
CA ASN B 117 5.91 -5.60 12.03
C ASN B 117 4.43 -5.75 12.34
N PRO B 118 4.02 -6.94 12.76
CA PRO B 118 2.58 -7.24 12.79
C PRO B 118 1.91 -6.67 14.03
N THR B 119 0.65 -6.32 13.86
CA THR B 119 -0.23 -6.09 14.99
C THR B 119 -0.83 -7.44 15.42
N VAL B 120 -0.65 -7.78 16.69
CA VAL B 120 -1.12 -9.03 17.26
C VAL B 120 -2.26 -8.70 18.21
N THR B 121 -3.43 -9.30 17.96
CA THR B 121 -4.58 -9.18 18.84
C THR B 121 -5.02 -10.56 19.30
N LEU B 122 -5.16 -10.73 20.61
CA LEU B 122 -5.58 -12.00 21.21
C LEU B 122 -6.97 -11.83 21.84
N PHE B 123 -7.91 -12.69 21.42
CA PHE B 123 -9.23 -12.64 22.05
C PHE B 123 -9.47 -13.87 22.92
N PRO B 124 -10.10 -13.71 24.07
CA PRO B 124 -10.53 -14.87 24.88
C PRO B 124 -11.80 -15.46 24.29
N PRO B 125 -12.23 -16.62 24.76
CA PRO B 125 -13.52 -17.15 24.32
C PRO B 125 -14.67 -16.25 24.80
N SER B 126 -15.67 -16.09 23.94
CA SER B 126 -16.85 -15.32 24.29
C SER B 126 -17.73 -16.06 25.30
N SER B 127 -18.49 -15.25 26.07
CA SER B 127 -19.50 -15.81 26.98
C SER B 127 -20.43 -16.75 26.24
N GLU B 128 -20.88 -16.34 25.05
CA GLU B 128 -21.80 -17.15 24.26
C GLU B 128 -21.19 -18.50 23.91
N GLU B 129 -19.92 -18.52 23.52
CA GLU B 129 -19.28 -19.79 23.19
C GLU B 129 -19.14 -20.69 24.42
N LEU B 130 -18.70 -20.09 25.54
CA LEU B 130 -18.59 -20.86 26.78
C LEU B 130 -19.94 -21.42 27.18
N GLN B 131 -21.01 -20.62 26.98
CA GLN B 131 -22.35 -21.10 27.29
C GLN B 131 -22.76 -22.24 26.38
N ALA B 132 -22.15 -22.36 25.21
CA ALA B 132 -22.35 -23.48 24.31
C ALA B 132 -21.35 -24.60 24.57
N ASN B 133 -20.63 -24.57 25.70
CA ASN B 133 -19.75 -25.65 26.12
C ASN B 133 -18.55 -25.83 25.19
N LYS B 134 -18.06 -24.74 24.58
CA LYS B 134 -16.82 -24.74 23.81
C LYS B 134 -16.00 -23.49 24.15
N ALA B 135 -14.74 -23.48 23.73
CA ALA B 135 -13.85 -22.37 24.06
C ALA B 135 -12.75 -22.28 23.01
N THR B 136 -12.68 -21.12 22.34
CA THR B 136 -11.68 -20.87 21.32
C THR B 136 -10.94 -19.59 21.67
N LEU B 137 -9.62 -19.64 21.63
CA LEU B 137 -8.85 -18.41 21.68
C LEU B 137 -8.39 -18.08 20.27
N VAL B 138 -8.41 -16.78 19.95
CA VAL B 138 -8.24 -16.28 18.58
C VAL B 138 -7.07 -15.30 18.61
N CYS B 139 -5.99 -15.63 17.91
CA CYS B 139 -4.81 -14.78 17.78
C CYS B 139 -4.76 -14.23 16.36
N LEU B 140 -5.02 -12.93 16.21
CA LEU B 140 -5.06 -12.28 14.90
C LEU B 140 -3.77 -11.52 14.67
N ILE B 141 -3.15 -11.75 13.50
CA ILE B 141 -1.82 -11.24 13.16
C ILE B 141 -1.94 -10.55 11.80
N SER B 142 -1.74 -9.23 11.75
CA SER B 142 -1.99 -8.52 10.49
C SER B 142 -0.89 -7.51 10.17
N ASP B 143 -0.91 -7.06 8.91
CA ASP B 143 -0.09 -5.97 8.37
C ASP B 143 1.39 -6.14 8.68
N PHE B 144 1.94 -7.29 8.29
CA PHE B 144 3.37 -7.53 8.41
C PHE B 144 3.98 -7.82 7.03
N TYR B 145 5.26 -7.54 6.94
CA TYR B 145 6.05 -7.75 5.73
C TYR B 145 7.50 -7.94 6.14
N PRO B 146 8.18 -8.95 5.59
CA PRO B 146 7.69 -9.95 4.63
C PRO B 146 6.84 -11.07 5.29
N GLY B 147 6.31 -11.98 4.47
CA GLY B 147 5.34 -12.97 4.93
C GLY B 147 5.81 -14.26 5.58
N ALA B 148 6.50 -14.18 6.71
CA ALA B 148 6.85 -15.36 7.50
C ALA B 148 6.70 -15.01 8.96
N VAL B 149 5.97 -15.84 9.71
CA VAL B 149 5.73 -15.64 11.13
C VAL B 149 5.77 -16.99 11.82
N THR B 150 5.98 -16.95 13.13
CA THR B 150 5.94 -18.17 13.94
C THR B 150 5.00 -17.91 15.12
N VAL B 151 4.11 -18.87 15.38
CA VAL B 151 3.14 -18.77 16.46
C VAL B 151 3.34 -19.91 17.44
N ALA B 152 3.37 -19.59 18.73
CA ALA B 152 3.45 -20.59 19.79
C ALA B 152 2.47 -20.18 20.90
N TRP B 153 1.90 -21.18 21.56
CA TRP B 153 0.88 -20.96 22.57
C TRP B 153 1.38 -21.41 23.94
N LYS B 154 0.78 -20.85 24.97
CA LYS B 154 1.07 -21.24 26.34
C LYS B 154 -0.10 -21.19 27.31
N ALA B 155 -0.18 -22.20 28.15
CA ALA B 155 -1.09 -22.23 29.29
C ALA B 155 -0.29 -21.97 30.57
N ASP B 156 -0.62 -20.88 31.27
CA ASP B 156 0.19 -20.38 32.40
C ASP B 156 1.60 -20.13 31.88
N GLY B 157 2.60 -20.84 32.36
CA GLY B 157 3.94 -20.70 31.81
C GLY B 157 4.32 -21.86 30.88
N SER B 158 3.57 -22.95 30.91
CA SER B 158 3.86 -24.14 30.11
C SER B 158 3.37 -24.09 28.69
N PRO B 159 4.11 -24.60 27.74
CA PRO B 159 3.64 -24.50 26.35
C PRO B 159 2.52 -25.49 26.05
N VAL B 160 1.78 -25.17 24.99
CA VAL B 160 0.67 -26.01 24.54
C VAL B 160 0.78 -26.18 23.03
N LYS B 161 0.68 -27.43 22.59
CA LYS B 161 0.75 -27.81 21.19
C LYS B 161 -0.57 -28.37 20.66
N ALA B 162 -1.33 -29.05 21.52
CA ALA B 162 -2.55 -29.72 21.10
C ALA B 162 -3.66 -28.72 20.82
N GLY B 163 -4.43 -28.97 19.77
CA GLY B 163 -5.60 -28.16 19.48
C GLY B 163 -5.33 -26.79 18.88
N VAL B 164 -4.17 -26.61 18.25
CA VAL B 164 -3.78 -25.35 17.62
C VAL B 164 -3.96 -25.50 16.12
N GLU B 165 -4.56 -24.48 15.49
CA GLU B 165 -4.70 -24.42 14.04
C GLU B 165 -4.26 -23.04 13.59
N THR B 166 -3.32 -22.98 12.65
CA THR B 166 -2.72 -21.73 12.21
C THR B 166 -2.75 -21.67 10.69
N THR B 167 -3.22 -20.53 10.14
CA THR B 167 -3.28 -20.36 8.70
C THR B 167 -1.89 -20.05 8.14
N LYS B 168 -1.72 -20.29 6.82
CA LYS B 168 -0.52 -19.79 6.12
C LYS B 168 -0.64 -18.29 5.90
N PRO B 169 0.46 -17.55 6.03
CA PRO B 169 0.40 -16.10 5.77
C PRO B 169 -0.09 -15.81 4.37
N SER B 170 -1.07 -14.91 4.28
CA SER B 170 -1.76 -14.60 3.03
C SER B 170 -1.55 -13.14 2.64
N LYS B 171 -1.33 -12.90 1.35
CA LYS B 171 -0.98 -11.59 0.85
C LYS B 171 -2.21 -10.69 0.75
N GLN B 172 -2.22 -9.59 1.51
CA GLN B 172 -3.31 -8.64 1.43
C GLN B 172 -3.23 -7.85 0.12
N SER B 173 -4.19 -6.94 -0.06
CA SER B 173 -4.21 -6.12 -1.28
C SER B 173 -3.09 -5.09 -1.29
N ASN B 174 -2.67 -4.61 -0.11
CA ASN B 174 -1.62 -3.62 0.03
C ASN B 174 -0.22 -4.24 0.10
N ASN B 175 -0.07 -5.49 -0.33
CA ASN B 175 1.18 -6.26 -0.37
C ASN B 175 1.71 -6.63 1.02
N LYS B 176 1.02 -6.26 2.10
CA LYS B 176 1.34 -6.79 3.41
C LYS B 176 0.61 -8.13 3.62
N TYR B 177 0.80 -8.73 4.80
CA TYR B 177 0.36 -10.10 5.05
C TYR B 177 -0.52 -10.20 6.28
N ALA B 178 -1.35 -11.25 6.29
CA ALA B 178 -2.24 -11.57 7.42
C ALA B 178 -2.22 -13.07 7.70
N ALA B 179 -2.30 -13.43 8.98
CA ALA B 179 -2.40 -14.82 9.41
C ALA B 179 -3.22 -14.87 10.69
N SER B 180 -3.67 -16.07 11.05
CA SER B 180 -4.32 -16.23 12.36
C SER B 180 -4.04 -17.62 12.91
N SER B 181 -4.22 -17.75 14.22
CA SER B 181 -3.99 -18.99 14.94
C SER B 181 -5.11 -19.16 15.95
N TYR B 182 -5.62 -20.39 16.04
CA TYR B 182 -6.76 -20.72 16.88
C TYR B 182 -6.36 -21.82 17.86
N LEU B 183 -6.67 -21.60 19.13
CA LEU B 183 -6.43 -22.59 20.18
C LEU B 183 -7.77 -23.05 20.74
N SER B 184 -8.07 -24.34 20.57
CA SER B 184 -9.31 -24.95 21.06
C SER B 184 -9.11 -25.52 22.45
N LEU B 185 -9.98 -25.12 23.38
CA LEU B 185 -9.96 -25.58 24.76
C LEU B 185 -11.34 -26.08 25.18
N THR B 186 -11.35 -26.89 26.23
CA THR B 186 -12.64 -27.11 26.86
C THR B 186 -12.90 -25.91 27.76
N PRO B 187 -14.16 -25.59 28.04
CA PRO B 187 -14.44 -24.47 28.97
C PRO B 187 -13.72 -24.58 30.31
N GLU B 188 -13.54 -25.84 30.75
CA GLU B 188 -12.88 -26.23 31.98
C GLU B 188 -11.38 -25.95 32.03
N GLN B 189 -10.67 -26.29 30.97
CA GLN B 189 -9.27 -25.90 30.84
C GLN B 189 -9.13 -24.39 30.83
N TRP B 190 -10.07 -23.70 30.18
CA TRP B 190 -10.02 -22.25 30.16
C TRP B 190 -10.11 -21.70 31.57
N LYS B 191 -11.00 -22.28 32.38
CA LYS B 191 -11.23 -21.77 33.72
C LYS B 191 -10.22 -22.28 34.73
N SER B 192 -9.52 -23.39 34.41
CA SER B 192 -8.57 -23.98 35.34
C SER B 192 -7.24 -23.22 35.41
N HIS B 193 -6.84 -22.51 34.37
CA HIS B 193 -5.54 -21.88 34.35
C HIS B 193 -5.64 -20.39 34.67
N ARG B 194 -4.48 -19.81 35.02
CA ARG B 194 -4.45 -18.39 35.36
C ARG B 194 -4.56 -17.52 34.12
N SER B 195 -4.08 -18.01 32.97
CA SER B 195 -3.96 -17.23 31.75
C SER B 195 -3.49 -18.12 30.61
N TYR B 196 -3.69 -17.64 29.38
CA TYR B 196 -3.16 -18.27 28.19
C TYR B 196 -2.47 -17.21 27.35
N SER B 197 -1.47 -17.62 26.57
CA SER B 197 -0.68 -16.66 25.82
C SER B 197 -0.46 -17.12 24.38
N CYS B 198 -0.43 -16.13 23.50
CA CYS B 198 -0.06 -16.27 22.09
C CYS B 198 1.22 -15.50 21.85
N GLN B 199 2.24 -16.16 21.30
CA GLN B 199 3.54 -15.55 21.06
C GLN B 199 3.85 -15.59 19.56
N VAL B 200 4.03 -14.42 18.97
CA VAL B 200 4.27 -14.27 17.53
C VAL B 200 5.67 -13.71 17.31
N THR B 201 6.47 -14.41 16.52
CA THR B 201 7.81 -13.93 16.15
C THR B 201 7.82 -13.65 14.65
N HIS B 202 8.28 -12.46 14.28
CA HIS B 202 8.38 -12.01 12.89
C HIS B 202 9.61 -11.14 12.76
N GLU B 203 10.45 -11.45 11.78
CA GLU B 203 11.78 -10.82 11.62
C GLU B 203 12.56 -11.15 12.89
N GLY B 204 13.08 -10.17 13.60
CA GLY B 204 13.82 -10.42 14.82
C GLY B 204 13.07 -9.97 16.05
N SER B 205 11.75 -9.81 15.94
CA SER B 205 10.89 -9.37 17.04
C SER B 205 9.95 -10.48 17.47
N THR B 206 9.74 -10.62 18.79
CA THR B 206 8.77 -11.56 19.35
C THR B 206 7.83 -10.78 20.25
N VAL B 207 6.52 -10.96 20.05
CA VAL B 207 5.49 -10.37 20.89
C VAL B 207 4.63 -11.47 21.52
N GLU B 208 4.35 -11.33 22.82
CA GLU B 208 3.48 -12.25 23.53
C GLU B 208 2.27 -11.47 24.06
N LYS B 209 1.08 -11.96 23.76
CA LYS B 209 -0.17 -11.42 24.30
C LYS B 209 -0.82 -12.45 25.22
N THR B 210 -1.52 -11.96 26.24
CA THR B 210 -2.05 -12.85 27.25
C THR B 210 -3.49 -12.46 27.57
N VAL B 211 -4.32 -13.47 27.85
CA VAL B 211 -5.68 -13.25 28.31
C VAL B 211 -5.96 -14.20 29.46
N ALA B 212 -6.97 -13.85 30.25
CA ALA B 212 -7.28 -14.61 31.45
C ALA B 212 -8.79 -14.64 31.65
N PRO B 213 -9.31 -15.72 32.21
CA PRO B 213 -10.75 -15.76 32.52
C PRO B 213 -11.09 -14.64 33.50
N THR B 214 -12.18 -13.93 33.20
CA THR B 214 -12.55 -12.73 33.95
C THR B 214 -13.05 -13.05 35.37
N GLN C 1 24.23 23.27 20.68
CA GLN C 1 25.06 22.16 21.12
C GLN C 1 24.55 21.49 22.42
N VAL C 2 23.28 21.69 22.74
CA VAL C 2 22.63 20.88 23.76
C VAL C 2 22.42 19.46 23.23
N GLN C 3 22.64 18.47 24.09
CA GLN C 3 22.56 17.06 23.74
C GLN C 3 21.75 16.31 24.79
N LEU C 4 21.08 15.25 24.35
CA LEU C 4 20.18 14.45 25.17
C LEU C 4 20.63 12.99 25.15
N GLN C 5 20.49 12.32 26.29
CA GLN C 5 20.93 10.94 26.42
C GLN C 5 19.99 10.17 27.33
N GLU C 6 19.38 9.12 26.80
CA GLU C 6 18.53 8.23 27.59
C GLU C 6 19.37 7.27 28.42
N SER C 7 18.77 6.78 29.49
CA SER C 7 19.37 5.72 30.30
C SER C 7 19.34 4.39 29.53
N GLY C 8 20.07 3.40 30.05
CA GLY C 8 20.39 2.21 29.29
C GLY C 8 19.21 1.31 28.93
N PRO C 9 19.39 0.51 27.87
CA PRO C 9 18.34 -0.41 27.43
C PRO C 9 18.15 -1.54 28.41
N GLY C 10 16.94 -2.10 28.42
CA GLY C 10 16.65 -3.14 29.39
C GLY C 10 15.37 -3.86 29.08
N LEU C 11 15.14 -4.88 29.89
CA LEU C 11 13.96 -5.71 29.82
C LEU C 11 13.04 -5.30 30.96
N VAL C 12 11.73 -5.34 30.72
CA VAL C 12 10.72 -5.12 31.74
C VAL C 12 9.69 -6.24 31.68
N LYS C 13 9.28 -6.75 32.86
CA LYS C 13 8.28 -7.81 32.90
C LYS C 13 6.87 -7.24 32.75
N PRO C 14 5.98 -7.99 32.09
CA PRO C 14 4.60 -7.52 31.94
C PRO C 14 3.98 -7.16 33.29
N SER C 15 3.26 -6.05 33.31
CA SER C 15 2.56 -5.45 34.43
C SER C 15 3.49 -4.69 35.38
N GLN C 16 4.82 -4.77 35.22
CA GLN C 16 5.70 -3.91 36.00
C GLN C 16 5.75 -2.51 35.38
N THR C 17 6.58 -1.65 35.95
CA THR C 17 6.73 -0.26 35.55
C THR C 17 8.03 -0.03 34.81
N LEU C 18 7.94 0.61 33.64
CA LEU C 18 9.10 1.06 32.88
C LEU C 18 9.57 2.41 33.42
N SER C 19 10.88 2.55 33.70
CA SER C 19 11.46 3.82 34.14
C SER C 19 12.65 4.18 33.27
N LEU C 20 12.64 5.40 32.73
CA LEU C 20 13.75 5.92 31.94
C LEU C 20 14.12 7.30 32.41
N THR C 21 15.35 7.68 32.14
CA THR C 21 15.84 9.01 32.43
C THR C 21 16.55 9.55 31.20
N CYS C 22 16.40 10.85 30.97
CA CYS C 22 17.15 11.56 29.95
C CYS C 22 18.08 12.54 30.66
N THR C 23 19.36 12.49 30.32
CA THR C 23 20.32 13.46 30.83
C THR C 23 20.60 14.50 29.76
N VAL C 24 20.46 15.77 30.14
CA VAL C 24 20.72 16.92 29.27
C VAL C 24 22.12 17.45 29.55
N SER C 25 22.88 17.75 28.49
CA SER C 25 24.22 18.31 28.60
C SER C 25 24.37 19.42 27.57
N GLY C 26 25.36 20.29 27.82
CA GLY C 26 25.59 21.43 26.94
C GLY C 26 24.62 22.56 27.18
N GLY C 27 23.92 22.54 28.29
CA GLY C 27 22.93 23.51 28.64
C GLY C 27 22.07 22.98 29.76
N SER C 28 21.43 23.88 30.46
CA SER C 28 20.64 23.48 31.60
C SER C 28 19.17 23.36 31.20
N ILE C 29 18.52 22.29 31.67
CA ILE C 29 17.08 22.33 31.71
C ILE C 29 16.74 23.54 32.58
N SER C 30 15.63 24.19 32.29
CA SER C 30 15.12 25.40 32.96
C SER C 30 15.75 26.65 32.38
N SER C 31 16.69 26.51 31.46
CA SER C 31 17.07 27.66 30.65
C SER C 31 16.19 27.64 29.40
N GLY C 32 15.56 28.77 29.09
CA GLY C 32 14.65 28.87 27.96
C GLY C 32 13.29 28.26 28.27
N THR C 33 12.38 28.41 27.31
CA THR C 33 11.00 27.94 27.47
C THR C 33 10.77 26.74 26.56
N TYR C 34 11.34 25.60 26.97
CA TYR C 34 11.24 24.36 26.23
C TYR C 34 10.39 23.37 27.00
N TYR C 35 9.83 22.41 26.26
CA TYR C 35 9.22 21.25 26.89
C TYR C 35 10.07 20.02 26.58
N TRP C 36 10.18 19.12 27.56
CA TRP C 36 11.09 17.99 27.49
C TRP C 36 10.27 16.73 27.30
N SER C 37 10.54 16.03 26.22
CA SER C 37 9.54 15.16 25.64
C SER C 37 10.02 13.72 25.57
N TRP C 38 9.06 12.79 25.64
CA TRP C 38 9.34 11.38 25.37
C TRP C 38 8.52 10.97 24.16
N ILE C 39 9.17 10.29 23.23
CA ILE C 39 8.54 9.80 22.01
C ILE C 39 9.02 8.38 21.80
N ARG C 40 8.13 7.49 21.39
CA ARG C 40 8.56 6.11 21.26
C ARG C 40 8.24 5.58 19.86
N HIS C 41 9.01 4.57 19.46
CA HIS C 41 8.87 3.96 18.15
C HIS C 41 8.69 2.45 18.36
N HIS C 42 7.46 1.98 18.21
CA HIS C 42 7.16 0.57 18.30
C HIS C 42 7.79 -0.14 17.10
N PRO C 43 8.34 -1.34 17.30
CA PRO C 43 9.13 -1.98 16.23
C PRO C 43 8.37 -2.12 14.93
N GLY C 44 9.00 -1.64 13.83
CA GLY C 44 8.43 -1.75 12.50
C GLY C 44 7.10 -1.04 12.27
N LYS C 45 6.77 -0.17 13.22
CA LYS C 45 5.58 0.69 13.24
C LYS C 45 5.97 2.16 13.12
N GLY C 46 5.27 3.08 13.77
CA GLY C 46 5.56 4.49 13.60
C GLY C 46 6.18 5.22 14.78
N LEU C 47 5.75 6.46 14.98
CA LEU C 47 6.18 7.26 16.11
C LEU C 47 4.95 7.58 16.94
N GLU C 48 5.10 7.53 18.25
CA GLU C 48 4.00 7.88 19.14
C GLU C 48 4.53 8.82 20.23
N TRP C 49 3.98 10.03 20.28
CA TRP C 49 4.31 10.99 21.31
C TRP C 49 3.73 10.55 22.66
N ILE C 50 4.57 10.49 23.69
CA ILE C 50 4.10 10.07 25.00
C ILE C 50 3.68 11.27 25.83
N GLY C 51 4.47 12.33 25.79
CA GLY C 51 4.14 13.55 26.50
C GLY C 51 5.38 14.40 26.68
N TYR C 52 5.19 15.53 27.34
CA TYR C 52 6.33 16.34 27.68
C TYR C 52 6.03 17.16 28.93
N ILE C 53 7.10 17.78 29.47
CA ILE C 53 7.06 18.40 30.79
C ILE C 53 7.91 19.65 30.78
N TYR C 54 7.46 20.66 31.50
CA TYR C 54 8.18 21.92 31.66
C TYR C 54 9.16 21.79 32.82
N HIS C 55 10.20 22.62 32.81
CA HIS C 55 11.23 22.45 33.83
C HIS C 55 10.68 22.66 35.24
N SER C 56 9.67 23.51 35.40
CA SER C 56 9.10 23.69 36.73
C SER C 56 7.97 22.71 37.03
N GLY C 57 7.68 21.75 36.16
CA GLY C 57 6.88 20.64 36.61
C GLY C 57 5.63 20.26 35.85
N SER C 58 4.92 21.23 35.24
CA SER C 58 3.68 20.86 34.57
C SER C 58 3.97 19.97 33.38
N ALA C 59 3.10 18.99 33.15
CA ALA C 59 3.30 18.01 32.09
C ALA C 59 1.98 17.78 31.38
N TYR C 60 2.10 17.30 30.13
CA TYR C 60 0.95 17.00 29.28
C TYR C 60 1.22 15.66 28.62
N TYR C 61 0.23 14.78 28.61
CA TYR C 61 0.41 13.40 28.20
C TYR C 61 -0.50 13.06 27.03
N ASN C 62 -0.09 12.07 26.25
CA ASN C 62 -0.96 11.55 25.22
C ASN C 62 -2.18 10.91 25.90
N PRO C 63 -3.41 11.27 25.51
CA PRO C 63 -4.58 10.72 26.21
C PRO C 63 -4.68 9.20 26.16
N SER C 64 -4.09 8.53 25.16
CA SER C 64 -4.15 7.08 25.15
C SER C 64 -3.22 6.44 26.19
N LEU C 65 -2.28 7.19 26.75
CA LEU C 65 -1.39 6.69 27.80
C LEU C 65 -1.59 7.40 29.12
N GLU C 66 -2.45 8.41 29.18
CA GLU C 66 -2.51 9.32 30.33
C GLU C 66 -2.61 8.58 31.64
N SER C 67 -3.44 7.53 31.69
CA SER C 67 -3.70 6.85 32.96
C SER C 67 -2.50 6.08 33.49
N ARG C 68 -1.54 5.70 32.63
CA ARG C 68 -0.35 4.93 33.03
C ARG C 68 0.95 5.72 33.04
N VAL C 69 0.95 6.98 32.61
CA VAL C 69 2.18 7.73 32.37
C VAL C 69 2.35 8.78 33.45
N THR C 70 3.56 8.91 33.99
CA THR C 70 3.92 10.07 34.77
C THR C 70 5.35 10.48 34.40
N MET C 71 5.59 11.78 34.33
CA MET C 71 6.92 12.30 34.06
C MET C 71 7.35 13.20 35.20
N SER C 72 8.65 13.43 35.30
CA SER C 72 9.17 14.31 36.33
C SER C 72 10.47 14.93 35.84
N VAL C 73 10.88 15.98 36.54
CA VAL C 73 12.10 16.73 36.21
C VAL C 73 12.94 16.77 37.48
N ASP C 74 14.26 16.63 37.30
CA ASP C 74 15.22 16.72 38.40
C ASP C 74 16.26 17.74 37.95
N THR C 75 15.97 19.01 38.22
CA THR C 75 16.79 20.10 37.71
C THR C 75 18.20 20.12 38.31
N SER C 76 18.41 19.53 39.48
CA SER C 76 19.76 19.51 40.04
C SER C 76 20.67 18.57 39.26
N LYS C 77 20.12 17.44 38.81
CA LYS C 77 20.82 16.49 37.95
C LYS C 77 20.72 16.83 36.46
N ASN C 78 20.00 17.89 36.09
CA ASN C 78 19.78 18.24 34.67
C ASN C 78 19.11 17.09 33.92
N GLN C 79 18.12 16.47 34.56
CA GLN C 79 17.47 15.29 34.01
C GLN C 79 15.97 15.46 34.02
N PHE C 80 15.32 14.69 33.15
CA PHE C 80 13.89 14.46 33.26
C PHE C 80 13.68 13.00 32.98
N SER C 81 12.50 12.50 33.36
CA SER C 81 12.31 11.06 33.43
C SER C 81 10.88 10.69 33.11
N LEU C 82 10.69 9.39 32.90
CA LEU C 82 9.45 8.81 32.44
C LEU C 82 9.15 7.58 33.29
N LYS C 83 7.92 7.46 33.78
CA LYS C 83 7.42 6.22 34.36
C LYS C 83 6.17 5.77 33.60
N LEU C 84 6.18 4.53 33.13
CA LEU C 84 5.05 3.98 32.40
C LEU C 84 4.65 2.69 33.08
N SER C 85 3.44 2.65 33.64
CA SER C 85 3.08 1.54 34.52
C SER C 85 2.26 0.50 33.76
N SER C 86 2.13 -0.68 34.37
CA SER C 86 1.30 -1.78 33.85
C SER C 86 1.60 -2.09 32.39
N VAL C 87 2.86 -2.35 32.08
CA VAL C 87 3.29 -2.52 30.69
C VAL C 87 2.88 -3.89 30.17
N THR C 88 2.71 -3.95 28.85
CA THR C 88 2.58 -5.18 28.09
C THR C 88 3.53 -5.12 26.92
N ALA C 89 3.50 -6.18 26.11
CA ALA C 89 4.28 -6.24 24.88
C ALA C 89 3.98 -5.07 23.95
N ALA C 90 2.80 -4.44 24.09
CA ALA C 90 2.49 -3.27 23.29
C ALA C 90 3.42 -2.11 23.59
N ASP C 91 4.11 -2.14 24.72
CA ASP C 91 5.02 -1.07 25.09
C ASP C 91 6.48 -1.34 24.73
N THR C 92 6.79 -2.50 24.14
CA THR C 92 8.12 -2.74 23.58
C THR C 92 8.42 -1.68 22.54
N ALA C 93 9.51 -0.94 22.71
CA ALA C 93 9.75 0.16 21.79
C ALA C 93 11.14 0.70 21.98
N ILE C 94 11.58 1.48 21.00
CA ILE C 94 12.67 2.41 21.19
C ILE C 94 12.09 3.70 21.74
N TYR C 95 12.56 4.11 22.91
CA TYR C 95 12.10 5.32 23.57
C TYR C 95 13.13 6.41 23.36
N TYR C 96 12.70 7.53 22.77
CA TYR C 96 13.53 8.70 22.54
C TYR C 96 13.12 9.82 23.49
N CYS C 97 14.09 10.53 24.02
CA CYS C 97 13.82 11.85 24.58
C CYS C 97 14.15 12.90 23.53
N ALA C 98 13.51 14.05 23.69
CA ALA C 98 13.67 15.13 22.73
C ALA C 98 13.25 16.43 23.40
N ARG C 99 13.77 17.54 22.90
CA ARG C 99 13.39 18.84 23.40
C ARG C 99 12.45 19.50 22.40
N ALA C 100 11.25 19.85 22.84
CA ALA C 100 10.30 20.58 21.99
C ALA C 100 10.71 22.04 22.05
N GLU C 101 11.19 22.55 20.92
CA GLU C 101 12.01 23.75 20.95
C GLU C 101 11.21 25.04 20.77
N ASN C 102 10.06 24.99 20.12
CA ASN C 102 9.38 26.20 19.69
C ASN C 102 7.95 26.25 20.26
N LEU C 103 7.69 27.22 21.14
CA LEU C 103 6.38 27.38 21.76
C LEU C 103 5.38 28.06 20.83
N LEU C 104 4.22 27.44 20.63
CA LEU C 104 3.10 28.09 19.93
C LEU C 104 2.00 28.54 20.86
N SER C 105 2.01 28.07 22.09
CA SER C 105 1.07 28.48 23.12
C SER C 105 1.68 28.06 24.45
N PRO C 106 1.06 28.44 25.57
CA PRO C 106 1.67 28.07 26.86
C PRO C 106 1.93 26.57 27.02
N TYR C 107 1.15 25.72 26.37
CA TYR C 107 1.35 24.29 26.49
C TYR C 107 1.62 23.59 25.17
N LEU C 108 1.60 24.27 24.03
CA LEU C 108 1.78 23.59 22.76
C LEU C 108 3.16 23.99 22.23
N ALA C 109 4.06 23.03 22.19
CA ALA C 109 5.42 23.23 21.71
C ALA C 109 5.72 22.26 20.58
N GLU C 110 6.37 22.77 19.53
CA GLU C 110 6.66 22.02 18.32
C GLU C 110 8.16 22.03 18.07
N GLY C 111 8.55 21.33 17.00
CA GLY C 111 9.94 21.31 16.60
C GLY C 111 10.79 20.53 17.58
N PHE C 112 10.61 19.22 17.59
CA PHE C 112 11.38 18.32 18.45
C PHE C 112 12.82 18.29 17.96
N ASP C 113 13.73 18.85 18.75
CA ASP C 113 15.09 19.14 18.31
C ASP C 113 15.98 19.68 19.45
N PRO C 114 17.03 18.94 19.82
CA PRO C 114 17.46 17.65 19.29
C PRO C 114 16.72 16.47 19.92
N TRP C 115 16.99 15.26 19.41
CA TRP C 115 16.56 14.00 19.97
C TRP C 115 17.76 13.29 20.58
N GLY C 116 17.49 12.38 21.52
CA GLY C 116 18.53 11.47 21.94
C GLY C 116 18.73 10.40 20.90
N GLN C 117 19.75 9.60 21.10
CA GLN C 117 19.77 8.28 20.48
C GLN C 117 18.83 7.46 21.33
N GLY C 118 17.96 6.72 20.73
CA GLY C 118 16.95 6.08 21.57
C GLY C 118 17.51 4.98 22.45
N THR C 119 16.65 4.44 23.30
CA THR C 119 17.00 3.26 24.07
C THR C 119 15.90 2.22 23.92
N LEU C 120 16.29 0.98 23.63
CA LEU C 120 15.34 -0.10 23.41
C LEU C 120 14.91 -0.70 24.74
N VAL C 121 13.60 -0.72 24.99
CA VAL C 121 13.00 -1.36 26.15
C VAL C 121 12.14 -2.53 25.66
N THR C 122 12.49 -3.73 26.08
CA THR C 122 11.77 -4.94 25.70
C THR C 122 10.88 -5.38 26.86
N VAL C 123 9.60 -5.59 26.58
CA VAL C 123 8.66 -6.14 27.56
C VAL C 123 8.47 -7.62 27.27
N SER C 124 8.86 -8.47 28.21
CA SER C 124 8.81 -9.91 28.02
C SER C 124 8.84 -10.58 29.38
N SER C 125 8.27 -11.79 29.45
CA SER C 125 8.35 -12.64 30.62
C SER C 125 9.63 -13.46 30.66
N ALA C 126 10.34 -13.57 29.55
CA ALA C 126 11.61 -14.29 29.51
C ALA C 126 12.68 -13.61 30.36
N SER C 127 13.68 -14.38 30.78
CA SER C 127 14.78 -13.85 31.57
C SER C 127 15.88 -13.28 30.69
N THR C 128 16.61 -12.29 31.22
CA THR C 128 17.78 -11.80 30.51
C THR C 128 18.83 -12.91 30.45
N LYS C 129 19.58 -12.94 29.37
CA LYS C 129 20.68 -13.87 29.22
C LYS C 129 21.83 -13.14 28.56
N GLY C 130 23.00 -13.14 29.20
CA GLY C 130 24.18 -12.49 28.63
C GLY C 130 24.79 -13.37 27.56
N PRO C 131 25.55 -12.79 26.62
CA PRO C 131 26.12 -13.55 25.51
C PRO C 131 27.32 -14.39 25.89
N SER C 132 27.56 -15.40 25.06
CA SER C 132 28.85 -16.09 24.93
C SER C 132 29.56 -15.52 23.70
N VAL C 133 30.87 -15.31 23.79
CA VAL C 133 31.63 -14.67 22.71
C VAL C 133 32.69 -15.63 22.21
N PHE C 134 32.75 -15.79 20.89
CA PHE C 134 33.75 -16.66 20.28
C PHE C 134 34.55 -15.90 19.23
N PRO C 135 35.85 -16.18 19.12
CA PRO C 135 36.68 -15.52 18.11
C PRO C 135 36.48 -16.14 16.75
N LEU C 136 36.49 -15.32 15.72
CA LEU C 136 36.43 -15.79 14.36
C LEU C 136 37.79 -15.46 13.78
N ALA C 137 38.65 -16.46 13.73
CA ALA C 137 40.01 -16.27 13.31
C ALA C 137 40.25 -15.97 11.87
N PRO C 138 41.14 -15.05 11.64
CA PRO C 138 41.55 -14.69 10.30
C PRO C 138 42.35 -15.82 9.72
N SER C 139 42.23 -16.05 8.44
CA SER C 139 42.97 -17.12 7.81
C SER C 139 44.03 -16.57 6.92
N SER C 140 45.28 -16.94 7.21
CA SER C 140 46.48 -16.48 6.52
C SER C 140 47.38 -17.61 6.04
N GLY C 145 50.71 -9.88 2.08
CA GLY C 145 49.91 -9.71 0.89
C GLY C 145 48.90 -8.59 0.96
N GLY C 146 47.60 -8.94 1.06
CA GLY C 146 46.54 -7.95 1.07
C GLY C 146 45.91 -7.62 2.42
N THR C 147 44.65 -8.00 2.57
CA THR C 147 43.93 -7.75 3.79
C THR C 147 43.30 -8.99 4.33
N ALA C 148 43.02 -8.98 5.61
CA ALA C 148 42.41 -10.10 6.28
C ALA C 148 41.19 -9.67 7.05
N ALA C 149 40.25 -10.59 7.17
CA ALA C 149 39.05 -10.35 7.91
C ALA C 149 39.02 -11.19 9.16
N LEU C 150 38.71 -10.56 10.26
CA LEU C 150 38.61 -11.23 11.54
C LEU C 150 37.41 -10.72 12.30
N GLY C 151 36.88 -11.52 13.20
CA GLY C 151 35.70 -11.12 13.92
C GLY C 151 35.38 -11.86 15.16
N CYS C 152 34.25 -11.52 15.73
CA CYS C 152 33.77 -12.25 16.84
C CYS C 152 32.30 -12.55 16.73
N LEU C 153 31.91 -13.69 17.22
CA LEU C 153 30.55 -14.13 17.17
C LEU C 153 29.97 -13.98 18.56
N VAL C 154 28.86 -13.28 18.67
CA VAL C 154 28.22 -12.98 19.94
C VAL C 154 26.94 -13.81 19.98
N LYS C 155 26.95 -14.90 20.76
CA LYS C 155 25.93 -15.94 20.70
C LYS C 155 24.97 -15.90 21.88
N ASP C 156 23.68 -16.13 21.58
CA ASP C 156 22.64 -16.53 22.55
C ASP C 156 22.51 -15.53 23.71
N TYR C 157 22.05 -14.33 23.37
CA TYR C 157 21.72 -13.32 24.37
C TYR C 157 20.28 -12.87 24.20
N PHE C 158 19.74 -12.31 25.28
CA PHE C 158 18.41 -11.72 25.30
C PHE C 158 18.34 -10.71 26.44
N PRO C 159 17.69 -9.55 26.21
CA PRO C 159 17.17 -9.09 24.91
C PRO C 159 18.23 -8.34 24.11
N GLU C 160 17.87 -7.79 22.96
CA GLU C 160 18.71 -6.80 22.29
C GLU C 160 18.79 -5.57 23.16
N PRO C 161 19.83 -4.73 22.98
CA PRO C 161 20.96 -4.74 22.02
C PRO C 161 22.26 -5.26 22.66
N VAL C 162 23.25 -5.64 21.86
CA VAL C 162 24.62 -5.63 22.34
C VAL C 162 25.42 -4.61 21.53
N THR C 163 26.51 -4.13 22.13
CA THR C 163 27.45 -3.28 21.43
C THR C 163 28.78 -4.01 21.37
N VAL C 164 29.49 -3.85 20.27
CA VAL C 164 30.80 -4.42 20.06
C VAL C 164 31.75 -3.29 19.72
N SER C 165 32.87 -3.22 20.42
CA SER C 165 33.98 -2.38 19.99
C SER C 165 35.20 -3.26 19.84
N TRP C 166 36.26 -2.68 19.27
CA TRP C 166 37.52 -3.36 19.06
C TRP C 166 38.66 -2.58 19.68
N ASN C 167 39.54 -3.27 20.41
CA ASN C 167 40.67 -2.67 21.10
C ASN C 167 40.24 -1.45 21.90
N SER C 168 39.15 -1.63 22.65
CA SER C 168 38.59 -0.63 23.56
C SER C 168 38.20 0.66 22.84
N GLY C 169 37.93 0.57 21.54
CA GLY C 169 37.56 1.73 20.75
C GLY C 169 38.70 2.33 19.93
N ALA C 170 39.94 1.93 20.17
CA ALA C 170 41.05 2.46 19.39
C ALA C 170 40.99 2.03 17.94
N LEU C 171 40.27 0.95 17.63
CA LEU C 171 40.19 0.42 16.27
C LEU C 171 38.75 0.58 15.79
N THR C 172 38.54 1.46 14.81
CA THR C 172 37.20 1.73 14.29
C THR C 172 37.15 1.60 12.77
N SER C 173 38.26 1.90 12.11
CA SER C 173 38.32 1.79 10.66
C SER C 173 38.19 0.32 10.23
N GLY C 174 37.22 0.06 9.36
CA GLY C 174 37.02 -1.28 8.84
C GLY C 174 36.17 -2.18 9.72
N VAL C 175 35.50 -1.62 10.73
CA VAL C 175 34.66 -2.38 11.63
C VAL C 175 33.23 -2.39 11.09
N HIS C 176 32.68 -3.58 10.87
CA HIS C 176 31.27 -3.74 10.49
C HIS C 176 30.63 -4.72 11.47
N THR C 177 29.68 -4.23 12.27
CA THR C 177 28.87 -5.06 13.15
C THR C 177 27.49 -5.29 12.52
N PHE C 178 27.14 -6.55 12.32
CA PHE C 178 25.95 -6.93 11.56
C PHE C 178 24.71 -6.99 12.45
N PRO C 179 23.54 -6.73 11.86
CA PRO C 179 22.29 -6.94 12.60
C PRO C 179 22.15 -8.38 13.05
N ALA C 180 21.45 -8.57 14.17
CA ALA C 180 21.33 -9.87 14.81
C ALA C 180 20.32 -10.79 14.10
N VAL C 181 20.57 -12.13 14.20
CA VAL C 181 19.56 -13.13 13.90
C VAL C 181 18.86 -13.48 15.21
N LEU C 182 17.60 -13.87 15.10
CA LEU C 182 16.81 -14.39 16.22
C LEU C 182 16.61 -15.88 15.97
N GLN C 183 17.20 -16.72 16.83
CA GLN C 183 17.06 -18.16 16.69
C GLN C 183 15.71 -18.64 17.26
N SER C 184 15.32 -19.86 16.88
CA SER C 184 14.05 -20.41 17.37
C SER C 184 14.06 -20.60 18.88
N SER C 185 15.24 -20.68 19.50
CA SER C 185 15.33 -20.70 20.95
C SER C 185 14.84 -19.41 21.60
N GLY C 186 14.64 -18.35 20.81
CA GLY C 186 14.31 -17.04 21.33
C GLY C 186 15.49 -16.16 21.69
N LEU C 187 16.72 -16.63 21.45
CA LEU C 187 17.93 -15.88 21.75
C LEU C 187 18.53 -15.28 20.48
N TYR C 188 19.19 -14.14 20.64
CA TYR C 188 19.83 -13.45 19.52
C TYR C 188 21.29 -13.86 19.36
N SER C 189 21.79 -13.68 18.15
CA SER C 189 23.22 -13.78 17.86
C SER C 189 23.56 -12.74 16.82
N LEU C 190 24.77 -12.21 16.89
CA LEU C 190 25.26 -11.32 15.85
C LEU C 190 26.75 -11.55 15.67
N SER C 191 27.29 -10.97 14.63
CA SER C 191 28.71 -11.06 14.39
C SER C 191 29.25 -9.66 14.19
N SER C 192 30.52 -9.47 14.56
CA SER C 192 31.25 -8.25 14.22
C SER C 192 32.55 -8.64 13.56
N VAL C 193 32.88 -7.96 12.47
CA VAL C 193 34.06 -8.28 11.67
C VAL C 193 34.84 -6.99 11.40
N VAL C 194 36.15 -7.09 11.38
CA VAL C 194 37.01 -5.97 11.03
C VAL C 194 38.01 -6.47 10.00
N THR C 195 38.32 -5.62 9.03
CA THR C 195 39.30 -5.97 8.01
C THR C 195 40.60 -5.22 8.33
N VAL C 196 41.71 -5.94 8.32
CA VAL C 196 42.99 -5.36 8.73
C VAL C 196 44.06 -5.76 7.73
N PRO C 197 45.22 -5.12 7.75
CA PRO C 197 46.34 -5.55 6.88
C PRO C 197 46.82 -6.95 7.25
N SER C 198 47.03 -7.77 6.22
CA SER C 198 47.55 -9.12 6.44
C SER C 198 48.92 -9.10 7.09
N SER C 199 49.74 -8.09 6.79
CA SER C 199 51.09 -8.01 7.36
C SER C 199 51.06 -7.87 8.88
N SER C 200 50.11 -7.10 9.40
CA SER C 200 50.03 -6.82 10.83
C SER C 200 49.53 -8.00 11.67
N LEU C 201 49.12 -9.12 11.06
CA LEU C 201 48.52 -10.20 11.86
C LEU C 201 49.53 -10.76 12.85
N GLY C 202 50.81 -10.83 12.46
CA GLY C 202 51.84 -11.33 13.36
C GLY C 202 52.22 -10.35 14.46
N THR C 203 51.97 -9.06 14.28
CA THR C 203 52.50 -8.04 15.19
C THR C 203 51.44 -7.29 15.99
N GLN C 204 50.19 -7.26 15.57
CA GLN C 204 49.18 -6.44 16.20
C GLN C 204 48.18 -7.30 16.97
N THR C 205 47.71 -6.81 18.11
CA THR C 205 46.76 -7.54 18.95
C THR C 205 45.34 -7.05 18.70
N TYR C 206 44.40 -8.01 18.58
CA TYR C 206 43.00 -7.68 18.30
C TYR C 206 42.10 -8.30 19.35
N ILE C 207 41.35 -7.46 20.04
CA ILE C 207 40.41 -7.89 21.10
C ILE C 207 39.07 -7.28 20.80
N CYS C 208 38.02 -8.09 20.81
CA CYS C 208 36.71 -7.48 20.68
C CYS C 208 36.09 -7.34 22.06
N ASN C 209 35.38 -6.22 22.27
CA ASN C 209 34.78 -5.88 23.56
C ASN C 209 33.28 -5.88 23.39
N VAL C 210 32.59 -6.81 24.04
CA VAL C 210 31.17 -6.98 23.87
C VAL C 210 30.49 -6.43 25.13
N ASN C 211 29.53 -5.56 24.95
CA ASN C 211 28.77 -5.02 26.06
C ASN C 211 27.30 -5.35 25.86
N HIS C 212 26.70 -5.95 26.89
CA HIS C 212 25.29 -6.30 26.88
C HIS C 212 24.66 -5.66 28.12
N LYS C 213 24.22 -4.42 27.98
CA LYS C 213 23.69 -3.71 29.14
C LYS C 213 22.47 -4.37 29.79
N PRO C 214 21.52 -4.98 29.06
CA PRO C 214 20.36 -5.56 29.75
C PRO C 214 20.71 -6.58 30.82
N SER C 215 21.88 -7.22 30.74
CA SER C 215 22.29 -8.19 31.76
C SER C 215 23.57 -7.76 32.48
N ASN C 216 24.06 -6.54 32.23
CA ASN C 216 25.33 -6.05 32.79
C ASN C 216 26.49 -7.01 32.51
N THR C 217 26.63 -7.40 31.25
CA THR C 217 27.68 -8.33 30.85
C THR C 217 28.70 -7.60 29.97
N LYS C 218 29.96 -7.69 30.37
CA LYS C 218 31.09 -7.21 29.57
C LYS C 218 32.01 -8.39 29.31
N VAL C 219 32.30 -8.67 28.05
CA VAL C 219 33.16 -9.78 27.69
C VAL C 219 34.20 -9.29 26.70
N ASP C 220 35.47 -9.61 26.96
CA ASP C 220 36.55 -9.40 26.00
C ASP C 220 36.95 -10.73 25.37
N LYS C 221 37.30 -10.70 24.10
CA LYS C 221 37.76 -11.92 23.46
C LYS C 221 38.93 -11.57 22.55
N LYS C 222 40.06 -12.23 22.77
CA LYS C 222 41.23 -12.11 21.88
C LYS C 222 40.97 -12.89 20.60
N VAL C 223 41.28 -12.30 19.45
CA VAL C 223 41.12 -12.95 18.14
C VAL C 223 42.50 -13.03 17.50
N GLU C 224 43.01 -14.23 17.35
CA GLU C 224 44.37 -14.46 16.88
C GLU C 224 44.35 -15.37 15.67
N PRO C 225 45.40 -15.36 14.87
CA PRO C 225 45.46 -16.25 13.70
C PRO C 225 45.40 -17.71 14.13
N LYS C 226 45.03 -18.57 13.18
CA LYS C 226 44.95 -20.00 13.47
C LYS C 226 43.93 -20.31 14.56
N VAL D 3 -2.63 7.86 12.87
CA VAL D 3 -3.68 8.89 12.94
C VAL D 3 -3.65 9.81 11.73
N LEU D 4 -2.45 10.29 11.37
CA LEU D 4 -2.27 10.94 10.09
C LEU D 4 -1.93 9.88 9.05
N THR D 5 -2.38 10.09 7.82
CA THR D 5 -2.20 9.08 6.79
C THR D 5 -1.19 9.56 5.77
N GLN D 6 -0.13 8.78 5.58
CA GLN D 6 0.96 8.97 4.63
C GLN D 6 1.07 7.75 3.74
N PRO D 7 1.45 7.93 2.48
CA PRO D 7 1.82 6.78 1.64
C PRO D 7 3.00 6.04 2.25
N PRO D 8 2.99 4.70 2.21
CA PRO D 8 4.10 3.97 2.84
C PRO D 8 5.43 4.16 2.14
N SER D 9 5.44 4.40 0.82
CA SER D 9 6.71 4.57 0.13
C SER D 9 6.64 5.73 -0.86
N ALA D 10 7.81 6.17 -1.30
CA ALA D 10 7.93 7.16 -2.36
C ALA D 10 9.30 6.98 -2.99
N SER D 11 9.42 7.35 -4.27
CA SER D 11 10.69 7.12 -4.94
C SER D 11 10.89 8.13 -6.07
N GLY D 12 12.14 8.24 -6.49
CA GLY D 12 12.50 9.10 -7.59
C GLY D 12 13.95 8.82 -7.93
N THR D 13 14.37 9.35 -9.06
CA THR D 13 15.77 9.29 -9.45
C THR D 13 16.45 10.62 -9.12
N PRO D 14 17.78 10.64 -9.03
CA PRO D 14 18.46 11.87 -8.60
C PRO D 14 18.08 13.06 -9.46
N GLY D 15 17.93 14.22 -8.83
CA GLY D 15 17.48 15.41 -9.50
C GLY D 15 15.97 15.59 -9.55
N GLN D 16 15.19 14.53 -9.31
CA GLN D 16 13.76 14.77 -9.41
C GLN D 16 13.23 15.53 -8.21
N ARG D 17 11.99 15.99 -8.36
CA ARG D 17 11.20 16.55 -7.28
C ARG D 17 10.18 15.49 -6.90
N VAL D 18 10.21 15.08 -5.64
CA VAL D 18 9.32 14.07 -5.09
C VAL D 18 8.50 14.70 -3.95
N THR D 19 7.20 14.41 -3.93
CA THR D 19 6.29 14.95 -2.93
C THR D 19 5.77 13.81 -2.06
N ILE D 20 5.54 14.12 -0.79
CA ILE D 20 5.04 13.17 0.20
C ILE D 20 3.81 13.79 0.84
N SER D 21 2.68 13.12 0.74
CA SER D 21 1.45 13.71 1.22
C SER D 21 1.18 13.26 2.65
N CYS D 22 0.37 14.04 3.34
CA CYS D 22 -0.04 13.74 4.71
C CYS D 22 -1.49 14.19 4.87
N SER D 23 -2.37 13.23 5.15
CA SER D 23 -3.81 13.46 5.18
C SER D 23 -4.29 13.41 6.62
N GLY D 24 -4.96 14.47 7.05
CA GLY D 24 -5.46 14.55 8.40
C GLY D 24 -6.95 14.90 8.44
N SER D 25 -7.35 15.53 9.54
CA SER D 25 -8.72 15.97 9.80
C SER D 25 -8.71 17.41 10.27
N THR D 26 -9.90 17.97 10.50
CA THR D 26 -9.95 19.37 10.92
C THR D 26 -9.38 19.54 12.32
N SER D 27 -9.45 18.50 13.15
CA SER D 27 -9.00 18.65 14.52
C SER D 27 -7.48 18.61 14.65
N ASN D 28 -6.77 18.11 13.64
CA ASN D 28 -5.31 18.17 13.72
C ASN D 28 -4.77 19.07 12.63
N ILE D 29 -4.44 18.55 11.43
CA ILE D 29 -3.85 19.37 10.38
C ILE D 29 -4.70 20.60 10.07
N GLY D 30 -6.04 20.47 10.14
CA GLY D 30 -6.90 21.60 9.83
C GLY D 30 -6.78 22.76 10.80
N SER D 31 -6.40 22.49 12.05
CA SER D 31 -6.34 23.52 13.07
C SER D 31 -4.94 23.85 13.56
N ASN D 32 -3.93 23.09 13.15
CA ASN D 32 -2.64 23.16 13.84
C ASN D 32 -1.47 23.11 12.87
N ALA D 33 -0.35 23.64 13.36
CA ALA D 33 0.89 23.63 12.59
C ALA D 33 1.34 22.19 12.36
N VAL D 34 1.91 21.95 11.19
CA VAL D 34 2.42 20.65 10.82
C VAL D 34 3.95 20.64 11.00
N ASN D 35 4.50 19.52 11.43
CA ASN D 35 5.94 19.32 11.41
C ASN D 35 6.30 18.15 10.50
N TRP D 36 7.53 18.16 10.02
CA TRP D 36 8.09 17.02 9.31
C TRP D 36 9.41 16.63 9.96
N TYR D 37 9.63 15.32 10.07
CA TYR D 37 10.83 14.71 10.63
C TYR D 37 11.41 13.75 9.60
N GLN D 38 12.75 13.73 9.54
CA GLN D 38 13.53 12.84 8.69
C GLN D 38 14.30 11.84 9.54
N GLN D 39 14.17 10.55 9.23
CA GLN D 39 14.95 9.55 9.96
C GLN D 39 15.86 8.78 8.99
N LEU D 40 17.13 9.14 8.97
CA LEU D 40 18.13 8.40 8.20
C LEU D 40 18.32 7.02 8.82
N PRO D 41 18.74 6.05 8.03
CA PRO D 41 18.90 4.68 8.57
C PRO D 41 19.96 4.65 9.65
N GLY D 42 19.59 4.10 10.80
CA GLY D 42 20.53 4.00 11.90
C GLY D 42 20.61 5.20 12.83
N THR D 43 19.80 6.23 12.60
CA THR D 43 19.86 7.44 13.41
C THR D 43 18.48 7.74 13.99
N ALA D 44 18.46 8.70 14.91
CA ALA D 44 17.20 9.20 15.44
C ALA D 44 16.55 10.18 14.44
N PRO D 45 15.23 10.36 14.50
CA PRO D 45 14.59 11.40 13.68
C PRO D 45 15.22 12.76 13.93
N LYS D 46 15.24 13.58 12.88
CA LYS D 46 15.66 14.96 13.02
C LYS D 46 14.60 15.86 12.39
N LEU D 47 14.43 17.03 13.01
CA LEU D 47 13.44 17.99 12.55
C LEU D 47 13.77 18.51 11.16
N LEU D 48 12.80 18.48 10.27
CA LEU D 48 12.98 19.02 8.93
C LEU D 48 12.18 20.28 8.68
N ILE D 49 10.94 20.33 9.17
CA ILE D 49 10.03 21.43 8.94
C ILE D 49 9.25 21.65 10.23
N TYR D 50 9.13 22.91 10.64
CA TYR D 50 8.19 23.26 11.69
C TYR D 50 7.35 24.41 11.20
N SER D 51 6.22 24.64 11.88
CA SER D 51 5.32 25.73 11.54
C SER D 51 4.91 25.67 10.06
N ASN D 52 4.62 24.46 9.60
CA ASN D 52 4.14 24.18 8.25
C ASN D 52 5.18 24.31 7.15
N ASN D 53 6.03 25.34 7.21
CA ASN D 53 6.93 25.59 6.09
C ASN D 53 8.25 26.23 6.50
N GLN D 54 8.60 26.28 7.76
CA GLN D 54 9.85 26.89 8.21
C GLN D 54 10.94 25.84 8.35
N ARG D 55 12.24 26.21 7.90
CA ARG D 55 13.29 25.23 8.11
C ARG D 55 14.18 25.62 9.27
N PRO D 56 14.58 24.62 10.03
CA PRO D 56 15.68 24.82 10.98
C PRO D 56 16.96 25.12 10.23
N SER D 57 17.96 25.51 11.01
CA SER D 57 19.17 26.15 10.51
C SER D 57 19.85 25.36 9.38
N GLY D 58 20.15 24.10 9.62
CA GLY D 58 20.89 23.37 8.60
C GLY D 58 20.13 22.69 7.47
N VAL D 59 18.86 23.01 7.25
CA VAL D 59 18.02 22.31 6.29
C VAL D 59 17.85 23.16 5.04
N PRO D 60 18.30 22.69 3.87
CA PRO D 60 18.28 23.54 2.68
C PRO D 60 16.87 23.69 2.11
N ASP D 61 16.74 24.70 1.25
CA ASP D 61 15.48 25.07 0.60
C ASP D 61 14.85 23.97 -0.24
N ARG D 62 15.63 22.99 -0.71
CA ARG D 62 15.05 21.90 -1.50
C ARG D 62 13.90 21.22 -0.78
N PHE D 63 13.92 21.24 0.55
CA PHE D 63 12.84 20.68 1.34
C PHE D 63 11.83 21.78 1.59
N SER D 64 10.62 21.59 1.09
CA SER D 64 9.59 22.61 1.21
C SER D 64 8.32 21.98 1.73
N GLY D 65 7.81 22.49 2.86
CA GLY D 65 6.58 22.04 3.44
C GLY D 65 5.43 22.97 3.12
N SER D 66 4.22 22.40 3.07
CA SER D 66 3.03 23.19 2.83
C SER D 66 1.84 22.45 3.40
N LYS D 67 0.77 23.19 3.60
CA LYS D 67 -0.46 22.67 4.17
C LYS D 67 -1.62 23.40 3.51
N SER D 68 -2.73 22.71 3.32
CA SER D 68 -3.96 23.38 2.90
C SER D 68 -5.14 22.51 3.28
N GLY D 69 -6.08 23.09 4.02
CA GLY D 69 -7.19 22.29 4.51
C GLY D 69 -6.70 21.30 5.55
N THR D 70 -7.10 20.04 5.38
CA THR D 70 -6.71 18.96 6.30
C THR D 70 -5.59 18.10 5.73
N SER D 71 -4.85 18.61 4.75
CA SER D 71 -3.76 17.88 4.12
C SER D 71 -2.49 18.70 4.14
N ALA D 72 -1.37 18.00 4.17
CA ALA D 72 -0.06 18.62 4.20
C ALA D 72 0.82 17.88 3.21
N SER D 73 1.90 18.55 2.82
CA SER D 73 2.76 17.97 1.80
C SER D 73 4.20 18.40 2.02
N LEU D 74 5.13 17.46 1.79
CA LEU D 74 6.55 17.73 1.82
C LEU D 74 7.10 17.48 0.43
N ALA D 75 7.72 18.50 -0.15
CA ALA D 75 8.31 18.42 -1.47
C ALA D 75 9.82 18.43 -1.33
N ILE D 76 10.48 17.44 -1.93
CA ILE D 76 11.92 17.33 -1.91
C ILE D 76 12.40 17.54 -3.35
N SER D 77 13.00 18.70 -3.63
CA SER D 77 13.60 18.97 -4.93
C SER D 77 15.06 18.57 -4.94
N GLY D 78 15.59 18.41 -6.15
CA GLY D 78 16.98 18.07 -6.35
C GLY D 78 17.37 16.84 -5.58
N LEU D 79 16.51 15.82 -5.66
CA LEU D 79 16.68 14.59 -4.89
C LEU D 79 18.10 14.05 -4.98
N GLN D 80 18.65 13.68 -3.84
CA GLN D 80 19.98 13.09 -3.75
C GLN D 80 19.87 11.72 -3.09
N SER D 81 20.86 10.86 -3.32
CA SER D 81 20.83 9.55 -2.66
C SER D 81 20.91 9.70 -1.14
N GLU D 82 21.54 10.77 -0.65
CA GLU D 82 21.54 11.00 0.79
C GLU D 82 20.15 11.27 1.37
N ASP D 83 19.13 11.49 0.53
CA ASP D 83 17.78 11.70 1.04
C ASP D 83 17.04 10.39 1.34
N GLU D 84 17.62 9.23 1.06
CA GLU D 84 16.94 7.98 1.40
C GLU D 84 16.75 7.91 2.91
N ALA D 85 15.50 7.79 3.34
CA ALA D 85 15.15 7.99 4.74
C ALA D 85 13.68 7.66 4.91
N ASP D 86 13.24 7.64 6.18
CA ASP D 86 11.82 7.64 6.50
C ASP D 86 11.44 9.07 6.87
N TYR D 87 10.33 9.53 6.31
CA TYR D 87 9.83 10.89 6.52
C TYR D 87 8.50 10.81 7.26
N TYR D 88 8.38 11.57 8.35
CA TYR D 88 7.18 11.59 9.17
C TYR D 88 6.61 12.99 9.21
N CYS D 89 5.30 13.12 9.01
CA CYS D 89 4.61 14.35 9.34
C CYS D 89 4.04 14.25 10.76
N ALA D 90 3.80 15.40 11.38
CA ALA D 90 3.24 15.43 12.72
C ALA D 90 2.46 16.71 12.92
N ALA D 91 1.43 16.64 13.76
CA ALA D 91 0.66 17.82 14.11
C ALA D 91 0.03 17.62 15.48
N TRP D 92 -0.23 18.73 16.16
CA TRP D 92 -1.10 18.69 17.33
C TRP D 92 -2.54 18.35 16.93
N ASP D 93 -3.17 17.44 17.66
CA ASP D 93 -4.57 17.07 17.44
C ASP D 93 -5.38 17.51 18.65
N ASP D 94 -6.41 18.34 18.42
CA ASP D 94 -7.23 18.93 19.47
C ASP D 94 -8.18 17.94 20.16
N SER D 95 -8.34 16.73 19.63
CA SER D 95 -9.24 15.75 20.26
C SER D 95 -8.81 15.39 21.68
N LEU D 96 -9.81 15.21 22.55
CA LEU D 96 -9.61 14.65 23.90
C LEU D 96 -8.56 15.43 24.68
N SER D 97 -8.67 16.76 24.69
CA SER D 97 -7.76 17.63 25.42
C SER D 97 -6.35 17.70 24.82
N GLY D 98 -6.10 17.07 23.67
CA GLY D 98 -4.94 17.44 22.88
C GLY D 98 -3.72 16.56 22.98
N SER D 99 -3.06 16.31 21.84
CA SER D 99 -1.75 15.66 21.85
C SER D 99 -1.11 15.76 20.47
N TRP D 100 0.21 15.57 20.45
CA TRP D 100 0.92 15.39 19.19
C TRP D 100 0.54 14.06 18.56
N VAL D 101 0.40 14.04 17.24
CA VAL D 101 0.21 12.79 16.52
C VAL D 101 1.15 12.78 15.32
N PHE D 102 1.49 11.58 14.86
CA PHE D 102 2.37 11.36 13.74
C PHE D 102 1.67 10.56 12.65
N GLY D 103 2.08 10.80 11.40
CA GLY D 103 1.79 9.86 10.34
C GLY D 103 2.59 8.59 10.51
N GLY D 104 2.26 7.59 9.68
CA GLY D 104 2.94 6.31 9.74
C GLY D 104 4.34 6.33 9.17
N GLY D 105 4.73 7.40 8.48
CA GLY D 105 6.05 7.45 7.87
C GLY D 105 6.03 6.98 6.43
N THR D 106 6.88 7.61 5.63
CA THR D 106 7.04 7.27 4.22
C THR D 106 8.51 6.95 3.99
N LYS D 107 8.81 5.74 3.51
CA LYS D 107 10.17 5.40 3.13
C LYS D 107 10.44 5.91 1.72
N LEU D 108 11.46 6.74 1.58
CA LEU D 108 11.83 7.32 0.30
C LEU D 108 13.02 6.56 -0.29
N THR D 109 12.85 6.06 -1.50
CA THR D 109 13.92 5.37 -2.23
C THR D 109 14.41 6.26 -3.36
N VAL D 110 15.72 6.31 -3.55
CA VAL D 110 16.31 6.97 -4.71
C VAL D 110 16.74 5.89 -5.68
N LEU D 111 16.13 5.88 -6.85
CA LEU D 111 16.29 4.86 -7.87
C LEU D 111 17.46 5.21 -8.79
N GLY D 112 17.82 4.24 -9.63
CA GLY D 112 18.89 4.39 -10.60
C GLY D 112 20.29 4.29 -10.04
N GLN D 113 20.45 3.84 -8.82
CA GLN D 113 21.80 3.81 -8.30
C GLN D 113 22.55 2.59 -8.82
N PRO D 114 23.88 2.67 -8.95
CA PRO D 114 24.63 1.59 -9.57
C PRO D 114 24.57 0.32 -8.75
N LYS D 115 24.41 -0.80 -9.43
CA LYS D 115 24.45 -2.09 -8.76
C LYS D 115 25.84 -2.30 -8.16
N ALA D 116 25.88 -2.96 -7.00
CA ALA D 116 27.12 -3.22 -6.30
C ALA D 116 27.09 -4.66 -5.82
N ASN D 117 28.08 -5.45 -6.22
CA ASN D 117 28.03 -6.84 -5.82
C ASN D 117 28.60 -7.02 -4.40
N PRO D 118 28.22 -8.09 -3.70
CA PRO D 118 28.50 -8.16 -2.26
C PRO D 118 29.91 -8.65 -1.93
N THR D 119 30.42 -8.17 -0.78
CA THR D 119 31.57 -8.77 -0.12
C THR D 119 31.06 -9.90 0.77
N VAL D 120 31.56 -11.12 0.53
CA VAL D 120 31.18 -12.32 1.27
C VAL D 120 32.38 -12.89 2.03
N THR D 121 32.25 -13.04 3.35
CA THR D 121 33.23 -13.74 4.19
C THR D 121 32.55 -14.87 4.95
N LEU D 122 33.16 -16.06 4.90
CA LEU D 122 32.64 -17.24 5.57
C LEU D 122 33.59 -17.68 6.68
N PHE D 123 33.08 -17.77 7.91
CA PHE D 123 33.96 -18.25 8.97
C PHE D 123 33.56 -19.65 9.43
N PRO D 124 34.51 -20.55 9.66
CA PRO D 124 34.19 -21.88 10.25
C PRO D 124 33.92 -21.74 11.74
N PRO D 125 33.49 -22.82 12.42
CA PRO D 125 33.34 -22.74 13.88
C PRO D 125 34.69 -22.52 14.54
N SER D 126 34.69 -21.72 15.60
CA SER D 126 35.89 -21.55 16.43
C SER D 126 36.15 -22.81 17.27
N SER D 127 37.43 -23.02 17.63
CA SER D 127 37.79 -24.11 18.54
C SER D 127 37.02 -24.03 19.84
N GLU D 128 36.91 -22.84 20.41
CA GLU D 128 36.17 -22.66 21.65
C GLU D 128 34.72 -23.10 21.51
N GLU D 129 34.08 -22.77 20.39
CA GLU D 129 32.69 -23.18 20.24
C GLU D 129 32.56 -24.69 20.16
N LEU D 130 33.44 -25.35 19.40
CA LEU D 130 33.42 -26.81 19.29
C LEU D 130 33.60 -27.48 20.65
N GLN D 131 34.49 -26.94 21.49
CA GLN D 131 34.65 -27.54 22.82
C GLN D 131 33.44 -27.33 23.70
N ALA D 132 32.60 -26.36 23.37
CA ALA D 132 31.29 -26.23 24.01
C ALA D 132 30.20 -27.03 23.25
N ASN D 133 30.60 -27.94 22.36
CA ASN D 133 29.69 -28.87 21.66
C ASN D 133 28.69 -28.14 20.75
N LYS D 134 29.09 -27.03 20.15
CA LYS D 134 28.29 -26.38 19.13
C LYS D 134 29.20 -26.00 17.98
N ALA D 135 28.58 -25.69 16.85
CA ALA D 135 29.32 -25.37 15.64
C ALA D 135 28.45 -24.46 14.79
N THR D 136 28.91 -23.24 14.58
CA THR D 136 28.18 -22.25 13.81
C THR D 136 29.06 -21.82 12.64
N LEU D 137 28.50 -21.82 11.45
CA LEU D 137 29.17 -21.20 10.33
C LEU D 137 28.52 -19.86 10.06
N VAL D 138 29.34 -18.87 9.77
CA VAL D 138 28.93 -17.47 9.74
C VAL D 138 29.27 -16.96 8.34
N CYS D 139 28.23 -16.63 7.58
CA CYS D 139 28.37 -16.07 6.24
C CYS D 139 27.97 -14.61 6.29
N LEU D 140 28.94 -13.72 6.13
CA LEU D 140 28.74 -12.28 6.21
C LEU D 140 28.69 -11.67 4.80
N ILE D 141 27.64 -10.90 4.52
CA ILE D 141 27.35 -10.36 3.19
C ILE D 141 27.15 -8.85 3.30
N SER D 142 28.03 -8.07 2.69
CA SER D 142 27.99 -6.62 2.88
C SER D 142 28.21 -5.85 1.57
N ASP D 143 27.89 -4.55 1.63
CA ASP D 143 28.12 -3.61 0.53
C ASP D 143 27.59 -4.13 -0.81
N PHE D 144 26.32 -4.52 -0.82
CA PHE D 144 25.68 -4.89 -2.07
C PHE D 144 24.49 -3.97 -2.32
N TYR D 145 24.14 -3.84 -3.61
CA TYR D 145 23.03 -3.01 -4.07
C TYR D 145 22.51 -3.59 -5.38
N PRO D 146 21.18 -3.71 -5.51
CA PRO D 146 20.17 -3.35 -4.51
C PRO D 146 20.00 -4.42 -3.41
N GLY D 147 19.14 -4.15 -2.43
CA GLY D 147 19.04 -4.96 -1.23
C GLY D 147 18.23 -6.24 -1.35
N ALA D 148 18.67 -7.15 -2.21
CA ALA D 148 18.07 -8.48 -2.30
C ALA D 148 19.17 -9.48 -2.60
N VAL D 149 19.21 -10.58 -1.83
CA VAL D 149 20.16 -11.66 -2.08
C VAL D 149 19.48 -12.99 -1.80
N THR D 150 20.09 -14.04 -2.31
CA THR D 150 19.70 -15.39 -1.98
C THR D 150 20.93 -16.13 -1.48
N VAL D 151 20.77 -16.86 -0.37
CA VAL D 151 21.85 -17.59 0.24
C VAL D 151 21.50 -19.07 0.19
N ALA D 152 22.44 -19.89 -0.24
CA ALA D 152 22.28 -21.33 -0.28
C ALA D 152 23.53 -21.96 0.34
N TRP D 153 23.33 -23.05 1.06
CA TRP D 153 24.40 -23.72 1.78
C TRP D 153 24.57 -25.14 1.25
N LYS D 154 25.82 -25.59 1.17
CA LYS D 154 26.11 -26.96 0.76
C LYS D 154 27.03 -27.62 1.77
N ALA D 155 26.71 -28.86 2.13
CA ALA D 155 27.66 -29.76 2.80
C ALA D 155 28.25 -30.66 1.72
N ASP D 156 29.56 -30.53 1.50
CA ASP D 156 30.24 -31.11 0.33
C ASP D 156 29.49 -30.57 -0.89
N GLY D 157 28.97 -31.42 -1.77
CA GLY D 157 28.18 -30.94 -2.89
C GLY D 157 26.68 -30.91 -2.66
N SER D 158 26.20 -31.47 -1.53
CA SER D 158 24.76 -31.66 -1.29
C SER D 158 24.15 -30.46 -0.58
N PRO D 159 22.96 -30.04 -0.98
CA PRO D 159 22.31 -28.89 -0.34
C PRO D 159 21.95 -29.16 1.11
N VAL D 160 21.80 -28.07 1.86
CA VAL D 160 21.47 -28.08 3.27
C VAL D 160 20.39 -27.05 3.49
N LYS D 161 19.27 -27.46 4.07
CA LYS D 161 18.24 -26.50 4.44
C LYS D 161 18.01 -26.41 5.94
N ALA D 162 18.26 -27.48 6.68
CA ALA D 162 18.05 -27.47 8.11
C ALA D 162 19.11 -26.62 8.82
N GLY D 163 18.66 -25.86 9.81
CA GLY D 163 19.56 -25.11 10.66
C GLY D 163 20.10 -23.83 10.07
N VAL D 164 19.42 -23.25 9.09
CA VAL D 164 19.85 -22.01 8.44
C VAL D 164 18.98 -20.86 8.92
N GLU D 165 19.62 -19.76 9.29
CA GLU D 165 18.96 -18.50 9.64
C GLU D 165 19.65 -17.37 8.90
N THR D 166 18.89 -16.60 8.15
CA THR D 166 19.42 -15.54 7.31
C THR D 166 18.64 -14.27 7.60
N THR D 167 19.35 -13.16 7.82
CA THR D 167 18.68 -11.90 8.06
C THR D 167 18.17 -11.30 6.75
N LYS D 168 17.15 -10.42 6.88
CA LYS D 168 16.74 -9.63 5.73
C LYS D 168 17.75 -8.53 5.51
N PRO D 169 18.06 -8.20 4.26
CA PRO D 169 19.07 -7.15 3.99
C PRO D 169 18.71 -5.85 4.72
N SER D 170 19.71 -5.29 5.38
CA SER D 170 19.53 -4.11 6.21
C SER D 170 20.35 -2.98 5.61
N LYS D 171 19.79 -1.78 5.65
CA LYS D 171 20.40 -0.64 4.98
C LYS D 171 21.55 -0.11 5.82
N GLN D 172 22.77 -0.17 5.27
CA GLN D 172 23.93 0.37 5.95
C GLN D 172 23.93 1.89 5.93
N SER D 173 25.02 2.48 6.44
CA SER D 173 25.15 3.93 6.49
C SER D 173 25.40 4.53 5.11
N ASN D 174 26.13 3.82 4.24
CA ASN D 174 26.42 4.29 2.89
C ASN D 174 25.33 3.91 1.87
N ASN D 175 24.14 3.53 2.36
CA ASN D 175 22.96 3.15 1.60
C ASN D 175 23.09 1.83 0.86
N LYS D 176 24.22 1.14 0.94
CA LYS D 176 24.26 -0.25 0.49
C LYS D 176 23.72 -1.17 1.58
N TYR D 177 23.77 -2.46 1.34
CA TYR D 177 23.05 -3.40 2.19
C TYR D 177 23.99 -4.42 2.83
N ALA D 178 23.55 -4.94 3.97
CA ALA D 178 24.29 -5.97 4.69
C ALA D 178 23.32 -7.07 5.11
N ALA D 179 23.79 -8.30 5.08
CA ALA D 179 23.03 -9.42 5.61
C ALA D 179 24.00 -10.46 6.12
N SER D 180 23.48 -11.38 6.93
CA SER D 180 24.31 -12.51 7.33
C SER D 180 23.45 -13.75 7.38
N SER D 181 24.13 -14.89 7.29
CA SER D 181 23.46 -16.18 7.30
C SER D 181 24.26 -17.11 8.20
N TYR D 182 23.56 -17.83 9.06
CA TYR D 182 24.14 -18.70 10.05
C TYR D 182 23.66 -20.11 9.82
N LEU D 183 24.57 -21.04 9.75
CA LEU D 183 24.25 -22.45 9.63
C LEU D 183 24.67 -23.08 10.94
N SER D 184 23.70 -23.51 11.73
CA SER D 184 23.97 -24.14 13.01
C SER D 184 24.11 -25.64 12.78
N LEU D 185 25.26 -26.19 13.15
CA LEU D 185 25.59 -27.60 12.97
C LEU D 185 26.05 -28.16 14.30
N THR D 186 26.01 -29.47 14.42
CA THR D 186 26.73 -30.09 15.53
C THR D 186 28.19 -30.29 15.15
N PRO D 187 29.09 -30.35 16.14
CA PRO D 187 30.48 -30.70 15.83
C PRO D 187 30.59 -32.01 15.06
N GLU D 188 29.61 -32.90 15.18
CA GLU D 188 29.72 -34.17 14.47
C GLU D 188 29.35 -34.03 13.00
N GLN D 189 28.41 -33.13 12.67
CA GLN D 189 28.17 -32.80 11.26
C GLN D 189 29.35 -32.04 10.65
N TRP D 190 29.91 -31.09 11.40
CA TRP D 190 31.03 -30.28 10.90
C TRP D 190 32.24 -31.15 10.58
N LYS D 191 32.62 -32.04 11.48
CA LYS D 191 33.84 -32.83 11.27
C LYS D 191 33.59 -34.09 10.43
N SER D 192 32.35 -34.51 10.25
CA SER D 192 32.05 -35.68 9.43
C SER D 192 32.04 -35.39 7.92
N HIS D 193 31.87 -34.14 7.49
CA HIS D 193 31.91 -33.79 6.07
C HIS D 193 33.28 -33.21 5.73
N ARG D 194 33.57 -33.10 4.44
CA ARG D 194 34.90 -32.59 4.12
C ARG D 194 34.92 -31.09 3.87
N SER D 195 33.79 -30.47 3.56
CA SER D 195 33.71 -29.02 3.42
C SER D 195 32.25 -28.58 3.48
N TYR D 196 32.05 -27.29 3.76
CA TYR D 196 30.76 -26.65 3.67
C TYR D 196 30.95 -25.39 2.85
N SER D 197 29.88 -24.97 2.16
CA SER D 197 29.95 -23.79 1.30
C SER D 197 28.75 -22.89 1.50
N CYS D 198 29.01 -21.60 1.40
CA CYS D 198 27.99 -20.57 1.41
C CYS D 198 27.92 -19.99 0.00
N GLN D 199 26.74 -19.99 -0.60
CA GLN D 199 26.54 -19.50 -1.96
C GLN D 199 25.60 -18.30 -1.91
N VAL D 200 26.10 -17.16 -2.33
CA VAL D 200 25.34 -15.90 -2.30
C VAL D 200 25.09 -15.48 -3.73
N THR D 201 23.81 -15.37 -4.09
CA THR D 201 23.42 -14.93 -5.42
C THR D 201 22.77 -13.55 -5.34
N HIS D 202 23.25 -12.64 -6.20
CA HIS D 202 22.82 -11.25 -6.25
C HIS D 202 22.79 -10.84 -7.71
N GLU D 203 21.58 -10.60 -8.24
CA GLU D 203 21.37 -10.19 -9.64
C GLU D 203 22.00 -11.20 -10.61
N GLY D 204 21.55 -12.45 -10.47
CA GLY D 204 22.01 -13.60 -11.23
C GLY D 204 23.49 -13.94 -11.19
N SER D 205 24.22 -13.35 -10.25
CA SER D 205 25.64 -13.59 -10.10
C SER D 205 25.84 -14.34 -8.78
N THR D 206 26.72 -15.34 -8.77
CA THR D 206 26.92 -16.15 -7.58
C THR D 206 28.35 -16.05 -7.10
N VAL D 207 28.51 -15.84 -5.80
CA VAL D 207 29.80 -15.93 -5.13
C VAL D 207 29.69 -17.10 -4.15
N GLU D 208 30.72 -17.93 -4.14
CA GLU D 208 30.79 -19.09 -3.27
C GLU D 208 32.02 -19.01 -2.40
N LYS D 209 31.84 -19.22 -1.09
CA LYS D 209 32.95 -19.42 -0.16
C LYS D 209 32.84 -20.81 0.46
N THR D 210 33.97 -21.44 0.78
CA THR D 210 33.93 -22.77 1.36
C THR D 210 34.94 -22.84 2.50
N VAL D 211 34.61 -23.64 3.53
CA VAL D 211 35.51 -23.89 4.65
C VAL D 211 35.52 -25.38 4.96
N ALA D 212 36.54 -25.82 5.70
CA ALA D 212 36.75 -27.23 5.99
C ALA D 212 37.30 -27.43 7.39
N PRO D 213 36.95 -28.52 8.04
CA PRO D 213 37.52 -28.80 9.37
C PRO D 213 39.03 -28.91 9.31
N THR D 214 39.69 -28.27 10.27
CA THR D 214 41.15 -28.20 10.30
C THR D 214 41.76 -29.54 10.72
N PRO E 5 0.88 69.82 17.96
CA PRO E 5 1.62 68.59 17.65
C PRO E 5 0.77 67.33 17.87
N LEU E 6 0.71 66.47 16.86
CA LEU E 6 -0.20 65.33 16.83
C LEU E 6 0.52 63.99 16.87
N ILE E 7 -0.27 62.97 17.19
CA ILE E 7 0.20 61.61 17.29
C ILE E 7 -0.62 60.77 16.32
N LEU E 8 0.06 60.22 15.31
CA LEU E 8 -0.51 59.49 14.19
C LEU E 8 -0.02 58.05 14.25
N ARG E 9 -0.73 57.13 13.61
CA ARG E 9 -0.23 55.79 13.58
C ARG E 9 -0.89 54.82 12.63
N ASP E 10 -0.23 53.70 12.38
CA ASP E 10 -0.90 52.55 11.77
C ASP E 10 -0.87 51.37 12.77
N CYS E 11 -1.11 51.74 14.04
CA CYS E 11 -1.50 50.85 15.13
C CYS E 11 -2.71 51.41 15.83
N SER E 12 -3.40 50.56 16.58
CA SER E 12 -4.50 51.07 17.38
C SER E 12 -3.96 51.62 18.70
N VAL E 13 -4.77 52.45 19.35
CA VAL E 13 -4.38 52.97 20.66
C VAL E 13 -4.27 51.83 21.65
N ALA E 14 -5.29 50.97 21.67
CA ALA E 14 -5.16 49.70 22.35
C ALA E 14 -4.08 48.92 21.64
N GLY E 15 -3.23 48.26 22.39
CA GLY E 15 -2.21 47.51 21.71
C GLY E 15 -0.96 48.32 21.46
N TRP E 16 -1.11 49.63 21.21
CA TRP E 16 0.01 50.51 21.50
C TRP E 16 0.18 50.64 23.00
N LEU E 17 -0.91 50.83 23.74
CA LEU E 17 -0.84 50.91 25.19
C LEU E 17 -0.53 49.55 25.81
N LEU E 18 -1.07 48.49 25.21
CA LEU E 18 -0.81 47.13 25.69
C LEU E 18 0.57 46.65 25.28
N GLY E 19 1.13 47.20 24.19
CA GLY E 19 2.42 46.79 23.69
C GLY E 19 2.37 45.60 22.74
N ASN E 20 1.41 45.60 21.82
CA ASN E 20 1.33 44.54 20.84
C ASN E 20 2.70 44.43 20.15
N PRO E 21 3.33 43.26 20.15
CA PRO E 21 4.72 43.19 19.67
C PRO E 21 4.88 43.53 18.21
N MET E 22 3.87 43.27 17.38
CA MET E 22 3.93 43.67 15.98
C MET E 22 4.06 45.18 15.84
N CYS E 23 3.71 45.94 16.89
CA CYS E 23 3.81 47.40 16.90
C CYS E 23 5.11 47.81 17.58
N ASP E 24 5.92 48.58 16.89
CA ASP E 24 7.13 49.06 17.54
C ASP E 24 6.81 50.22 18.47
N GLU E 31 4.61 64.33 23.82
CA GLU E 31 3.58 65.36 23.88
C GLU E 31 2.67 65.36 22.67
N TRP E 32 1.37 65.54 22.88
CA TRP E 32 0.48 65.56 21.73
C TRP E 32 -0.82 66.27 22.11
N SER E 33 -1.50 66.76 21.08
CA SER E 33 -2.82 67.35 21.25
C SER E 33 -3.93 66.30 21.17
N TYR E 34 -4.00 65.57 20.06
CA TYR E 34 -5.00 64.53 19.92
C TYR E 34 -4.39 63.31 19.25
N ILE E 35 -4.99 62.17 19.50
CA ILE E 35 -4.61 60.93 18.86
C ILE E 35 -5.39 60.80 17.55
N VAL E 36 -4.70 60.32 16.52
CA VAL E 36 -5.33 59.96 15.26
C VAL E 36 -4.95 58.53 14.95
N GLU E 37 -5.95 57.68 14.74
CA GLU E 37 -5.73 56.28 14.45
C GLU E 37 -6.68 55.87 13.32
N LYS E 38 -6.25 54.90 12.52
CA LYS E 38 -7.09 54.33 11.47
C LYS E 38 -8.35 53.70 12.07
N ALA E 39 -9.39 53.62 11.23
CA ALA E 39 -10.60 52.91 11.65
C ALA E 39 -10.30 51.45 11.94
N ASN E 40 -9.54 50.79 11.06
CA ASN E 40 -9.16 49.37 11.21
C ASN E 40 -7.63 49.28 11.14
N PRO E 41 -6.94 49.61 12.22
CA PRO E 41 -5.48 49.43 12.21
C PRO E 41 -5.17 47.96 12.01
N VAL E 42 -4.10 47.68 11.27
CA VAL E 42 -3.75 46.30 10.98
C VAL E 42 -3.14 45.61 12.19
N ASN E 43 -2.58 46.37 13.14
CA ASN E 43 -2.09 45.83 14.39
C ASN E 43 -2.98 46.36 15.52
N ASP E 44 -3.95 45.54 15.93
CA ASP E 44 -4.87 45.90 16.99
C ASP E 44 -4.57 45.02 18.19
N LEU E 45 -5.37 44.00 18.48
CA LEU E 45 -5.11 43.07 19.56
C LEU E 45 -4.62 41.77 18.91
N CYS E 46 -3.33 41.49 19.08
CA CYS E 46 -2.78 40.29 18.48
C CYS E 46 -3.48 39.04 19.01
N TYR E 47 -3.58 38.92 20.33
CA TYR E 47 -4.51 37.95 20.89
C TYR E 47 -5.91 38.55 20.88
N PRO E 48 -6.89 37.92 20.22
CA PRO E 48 -8.20 38.57 20.02
C PRO E 48 -8.91 38.85 21.33
N GLY E 49 -9.72 39.89 21.30
CA GLY E 49 -10.53 40.20 22.47
C GLY E 49 -11.16 41.58 22.41
N ASP E 50 -11.32 42.19 23.59
CA ASP E 50 -12.02 43.45 23.77
C ASP E 50 -11.25 44.34 24.72
N PHE E 51 -11.42 45.65 24.55
CA PHE E 51 -10.81 46.67 25.41
C PHE E 51 -11.97 47.50 25.97
N ASN E 52 -12.21 47.41 27.27
CA ASN E 52 -13.34 48.11 27.89
C ASN E 52 -13.14 49.61 27.89
N ASP E 53 -14.24 50.35 27.73
CA ASP E 53 -14.24 51.82 27.78
C ASP E 53 -13.17 52.41 26.88
N TYR E 54 -13.15 51.93 25.63
CA TYR E 54 -12.11 52.32 24.70
C TYR E 54 -12.26 53.79 24.30
N GLU E 55 -13.49 54.23 24.00
CA GLU E 55 -13.72 55.60 23.56
C GLU E 55 -13.44 56.59 24.68
N GLU E 56 -13.86 56.24 25.91
CA GLU E 56 -13.52 57.07 27.04
C GLU E 56 -12.00 57.22 27.18
N LEU E 57 -11.24 56.15 26.93
CA LEU E 57 -9.79 56.24 27.09
C LEU E 57 -9.15 57.08 26.00
N LYS E 58 -9.56 56.90 24.75
CA LYS E 58 -9.07 57.75 23.66
C LYS E 58 -9.39 59.22 23.93
N HIS E 59 -10.60 59.51 24.41
CA HIS E 59 -10.95 60.90 24.71
C HIS E 59 -10.12 61.41 25.87
N LEU E 60 -9.81 60.56 26.82
CA LEU E 60 -9.06 61.01 27.98
C LEU E 60 -7.61 61.33 27.62
N LEU E 61 -7.06 60.61 26.65
CA LEU E 61 -5.67 60.80 26.26
C LEU E 61 -5.46 61.96 25.28
N SER E 62 -6.19 63.06 25.44
CA SER E 62 -5.98 64.24 24.62
C SER E 62 -5.31 65.34 25.44
N ARG E 63 -4.58 66.22 24.72
CA ARG E 63 -3.89 67.39 25.29
C ARG E 63 -2.96 67.00 26.44
N ILE E 64 -2.34 65.83 26.37
CA ILE E 64 -1.54 65.32 27.48
C ILE E 64 -0.12 65.86 27.36
N ASN E 65 0.41 66.34 28.46
CA ASN E 65 1.84 66.59 28.59
C ASN E 65 2.41 65.43 29.35
N HIS E 66 3.67 65.09 29.05
CA HIS E 66 4.36 63.97 29.70
C HIS E 66 3.57 62.66 29.74
N PHE E 67 4.11 61.66 29.07
CA PHE E 67 3.57 60.32 29.00
C PHE E 67 4.80 59.46 29.21
N GLU E 68 4.89 58.76 30.33
CA GLU E 68 6.10 57.98 30.63
C GLU E 68 5.73 56.59 31.10
N LYS E 69 6.18 55.58 30.37
CA LYS E 69 6.00 54.20 30.77
C LYS E 69 6.94 53.85 31.89
N ILE E 70 6.41 53.22 32.95
CA ILE E 70 7.20 52.74 34.08
C ILE E 70 6.75 51.31 34.42
N GLN E 71 7.68 50.58 35.06
CA GLN E 71 7.41 49.22 35.51
C GLN E 71 6.86 49.24 36.93
N ILE E 72 5.67 48.66 37.12
CA ILE E 72 5.07 48.65 38.45
C ILE E 72 5.05 47.25 39.07
N ILE E 73 4.98 46.20 38.27
CA ILE E 73 5.03 44.82 38.79
C ILE E 73 5.97 44.02 37.90
N PRO E 74 7.21 43.80 38.34
CA PRO E 74 8.18 43.13 37.47
C PRO E 74 7.72 41.73 37.04
N LYS E 75 7.90 41.45 35.76
CA LYS E 75 7.62 40.12 35.23
C LYS E 75 8.39 39.04 36.00
N SER E 76 9.53 39.40 36.59
CA SER E 76 10.36 38.46 37.31
C SER E 76 9.95 38.25 38.76
N SER E 77 8.94 38.95 39.26
CA SER E 77 8.53 38.83 40.66
C SER E 77 7.48 37.75 40.88
N TRP E 78 7.01 37.05 39.85
CA TRP E 78 5.96 36.05 40.02
C TRP E 78 6.62 34.71 40.35
N SER E 79 6.74 34.40 41.63
CA SER E 79 7.55 33.27 42.05
C SER E 79 6.79 31.93 42.03
N SER E 80 5.47 31.94 42.13
CA SER E 80 4.72 30.68 42.13
C SER E 80 3.78 30.56 40.93
N HIS E 81 3.99 31.38 39.90
CA HIS E 81 3.31 31.19 38.63
C HIS E 81 4.34 31.31 37.52
N GLU E 82 3.99 30.78 36.34
CA GLU E 82 4.89 30.87 35.18
C GLU E 82 4.53 32.14 34.40
N ALA E 83 5.43 33.11 34.40
CA ALA E 83 5.23 34.32 33.61
C ALA E 83 5.84 34.23 32.23
N SER E 84 6.63 33.19 31.97
CA SER E 84 7.35 33.08 30.71
C SER E 84 6.62 32.21 29.68
N LEU E 85 5.57 31.51 30.08
CA LEU E 85 4.82 30.63 29.19
C LEU E 85 3.63 31.33 28.55
N GLY E 86 3.33 32.55 28.98
CA GLY E 86 2.18 33.27 28.50
C GLY E 86 2.46 33.91 27.15
N VAL E 87 2.59 33.08 26.11
CA VAL E 87 2.93 33.56 24.79
C VAL E 87 2.01 32.86 23.81
N SER E 88 1.95 33.40 22.60
CA SER E 88 0.99 32.91 21.62
C SER E 88 1.55 33.13 20.22
N SER E 89 1.26 32.17 19.33
CA SER E 89 1.59 32.34 17.92
C SER E 89 0.81 33.47 17.29
N ALA E 90 -0.31 33.89 17.92
CA ALA E 90 -1.03 35.07 17.48
C ALA E 90 -0.26 36.37 17.73
N CYS E 91 0.76 36.36 18.59
CA CYS E 91 1.49 37.57 18.93
C CYS E 91 2.97 37.42 18.62
N PRO E 92 3.33 37.22 17.34
CA PRO E 92 4.72 36.95 17.00
C PRO E 92 5.60 38.17 17.17
N TYR E 93 6.81 37.91 17.62
CA TYR E 93 7.87 38.91 17.57
C TYR E 93 9.13 38.21 17.09
N GLN E 94 9.60 38.59 15.89
CA GLN E 94 10.79 38.02 15.28
C GLN E 94 10.57 36.54 14.99
N ARG E 95 9.40 36.22 14.45
CA ARG E 95 9.02 34.87 14.04
C ARG E 95 8.89 33.89 15.22
N LYS E 96 8.89 34.40 16.44
CA LYS E 96 8.81 33.64 17.67
C LYS E 96 7.56 34.05 18.47
N SER E 97 6.88 33.10 19.09
CA SER E 97 5.66 33.44 19.84
C SER E 97 5.94 34.43 20.98
N SER E 98 5.07 35.42 21.14
CA SER E 98 5.25 36.44 22.18
C SER E 98 3.88 36.83 22.73
N PHE E 99 3.80 38.04 23.29
CA PHE E 99 2.59 38.55 23.93
C PHE E 99 2.71 40.07 24.05
N PHE E 100 1.59 40.73 24.35
CA PHE E 100 1.64 42.15 24.70
C PHE E 100 2.74 42.40 25.73
N ARG E 101 3.50 43.48 25.52
CA ARG E 101 4.71 43.69 26.31
C ARG E 101 4.43 44.29 27.67
N ASN E 102 3.29 44.95 27.86
CA ASN E 102 3.08 45.70 29.10
C ASN E 102 2.20 44.98 30.10
N VAL E 103 1.73 43.79 29.77
CA VAL E 103 0.99 42.93 30.69
C VAL E 103 1.53 41.51 30.57
N VAL E 104 1.27 40.71 31.59
CA VAL E 104 1.83 39.37 31.70
C VAL E 104 0.70 38.36 31.82
N TRP E 105 0.66 37.42 30.89
CA TRP E 105 -0.26 36.29 30.87
C TRP E 105 0.30 35.21 31.79
N LEU E 106 -0.20 35.13 33.03
CA LEU E 106 0.37 34.19 33.99
C LEU E 106 -0.20 32.79 33.83
N ILE E 107 0.67 31.79 33.91
CA ILE E 107 0.31 30.39 33.70
C ILE E 107 0.59 29.64 34.99
N LYS E 108 -0.12 28.53 35.18
CA LYS E 108 0.15 27.67 36.33
C LYS E 108 1.60 27.20 36.33
N LYS E 109 2.02 26.73 37.48
CA LYS E 109 3.40 26.32 37.70
C LYS E 109 3.39 25.05 38.53
N ASN E 110 4.07 24.01 38.05
CA ASN E 110 4.05 22.68 38.68
C ASN E 110 2.61 22.23 38.95
N SER E 111 1.80 22.29 37.90
CA SER E 111 0.40 21.83 37.92
C SER E 111 -0.42 22.52 38.99
N THR E 112 -0.03 23.72 39.40
CA THR E 112 -0.67 24.44 40.49
C THR E 112 -0.80 25.91 40.13
N TYR E 113 -1.89 26.54 40.56
CA TYR E 113 -2.06 27.98 40.42
C TYR E 113 -2.49 28.51 41.78
N PRO E 114 -1.54 28.88 42.63
CA PRO E 114 -1.90 29.44 43.94
C PRO E 114 -2.62 30.76 43.78
N THR E 115 -3.38 31.12 44.81
CA THR E 115 -4.12 32.37 44.78
C THR E 115 -3.15 33.57 44.84
N ILE E 116 -3.35 34.51 43.91
CA ILE E 116 -2.54 35.73 43.86
C ILE E 116 -3.20 36.80 44.72
N LYS E 117 -2.39 37.50 45.50
CA LYS E 117 -2.83 38.70 46.22
C LYS E 117 -1.70 39.71 46.08
N ARG E 118 -1.84 40.65 45.17
CA ARG E 118 -0.83 41.67 44.94
C ARG E 118 -1.45 43.05 45.08
N SER E 119 -0.66 43.99 45.60
CA SER E 119 -1.03 45.40 45.65
C SER E 119 0.10 46.23 45.08
N TYR E 120 -0.28 47.34 44.45
CA TYR E 120 0.67 48.34 43.99
C TYR E 120 0.14 49.69 44.42
N ASN E 121 0.93 50.42 45.21
CA ASN E 121 0.62 51.75 45.68
C ASN E 121 1.29 52.75 44.73
N ASN E 122 0.50 53.67 44.18
CA ASN E 122 1.08 54.71 43.30
C ASN E 122 1.75 55.77 44.17
N THR E 123 3.07 55.62 44.36
CA THR E 123 3.84 56.57 45.15
C THR E 123 4.51 57.63 44.29
N ASN E 124 4.29 57.63 42.98
CA ASN E 124 4.68 58.78 42.16
C ASN E 124 3.76 59.96 42.45
N GLN E 125 4.02 61.08 41.78
CA GLN E 125 3.18 62.26 41.96
C GLN E 125 2.31 62.51 40.74
N GLU E 126 2.45 61.72 39.70
CA GLU E 126 1.57 61.74 38.55
C GLU E 126 0.51 60.66 38.70
N ASP E 127 -0.62 60.85 38.00
CA ASP E 127 -1.57 59.76 37.83
C ASP E 127 -0.94 58.62 37.04
N LEU E 128 -1.39 57.40 37.32
CA LEU E 128 -0.99 56.22 36.55
C LEU E 128 -2.17 55.64 35.79
N LEU E 129 -1.98 55.42 34.50
CA LEU E 129 -2.91 54.64 33.70
C LEU E 129 -2.47 53.18 33.78
N VAL E 130 -3.27 52.37 34.49
CA VAL E 130 -2.95 50.98 34.79
C VAL E 130 -3.84 50.07 33.95
N LEU E 131 -3.26 49.07 33.32
CA LEU E 131 -3.99 48.14 32.46
C LEU E 131 -3.84 46.71 32.94
N TRP E 132 -4.94 45.95 32.80
CA TRP E 132 -4.92 44.53 33.12
C TRP E 132 -6.00 43.84 32.30
N GLY E 133 -6.05 42.51 32.41
CA GLY E 133 -6.99 41.78 31.59
C GLY E 133 -7.43 40.49 32.23
N ILE E 134 -8.33 39.80 31.54
CA ILE E 134 -8.81 38.48 31.92
C ILE E 134 -8.84 37.61 30.66
N HIS E 135 -8.55 36.32 30.81
CA HIS E 135 -8.59 35.42 29.66
C HIS E 135 -9.86 34.54 29.75
N HIS E 136 -10.61 34.48 28.68
CA HIS E 136 -11.77 33.63 28.58
C HIS E 136 -11.39 32.47 27.68
N PRO E 137 -11.18 31.28 28.22
CA PRO E 137 -10.76 30.16 27.37
C PRO E 137 -11.90 29.62 26.54
N ASN E 138 -11.51 28.83 25.54
CA ASN E 138 -12.51 28.33 24.60
C ASN E 138 -13.21 27.10 25.16
N ASP E 139 -12.58 26.32 26.02
CA ASP E 139 -13.29 25.20 26.62
C ASP E 139 -12.69 24.88 27.98
N ALA E 140 -13.35 23.93 28.66
CA ALA E 140 -12.96 23.58 30.02
C ALA E 140 -11.61 22.88 30.07
N ALA E 141 -11.29 22.09 29.04
CA ALA E 141 -9.98 21.42 29.04
C ALA E 141 -8.85 22.43 28.91
N GLU E 142 -9.05 23.46 28.09
CA GLU E 142 -8.09 24.56 27.99
C GLU E 142 -7.88 25.21 29.34
N GLN E 143 -8.96 25.31 30.13
CA GLN E 143 -8.87 25.96 31.43
C GLN E 143 -7.99 25.15 32.38
N THR E 144 -8.11 23.82 32.36
CA THR E 144 -7.23 22.96 33.18
C THR E 144 -5.78 23.08 32.72
N LYS E 145 -5.54 22.99 31.41
CA LYS E 145 -4.19 23.02 30.88
C LYS E 145 -3.45 24.31 31.24
N LEU E 146 -4.15 25.43 31.28
CA LEU E 146 -3.49 26.70 31.57
C LEU E 146 -3.42 27.02 33.05
N TYR E 147 -4.50 26.74 33.81
CA TYR E 147 -4.63 27.26 35.16
C TYR E 147 -4.92 26.23 36.26
N GLN E 148 -5.19 24.96 35.92
CA GLN E 148 -5.62 23.89 36.84
C GLN E 148 -7.01 24.11 37.41
N ASN E 149 -7.16 25.19 38.19
CA ASN E 149 -8.43 25.43 38.87
C ASN E 149 -9.57 25.57 37.86
N PRO E 150 -10.63 24.77 37.97
CA PRO E 150 -11.74 24.89 37.01
C PRO E 150 -12.55 26.15 37.20
N THR E 151 -12.59 26.70 38.40
CA THR E 151 -13.56 27.72 38.75
C THR E 151 -12.80 28.89 39.37
N THR E 152 -12.71 30.00 38.64
CA THR E 152 -11.75 31.03 39.00
C THR E 152 -12.41 32.41 39.00
N TYR E 153 -11.70 33.36 39.57
CA TYR E 153 -12.19 34.71 39.64
C TYR E 153 -11.02 35.68 39.54
N ILE E 154 -11.36 36.93 39.24
CA ILE E 154 -10.43 38.05 39.39
C ILE E 154 -11.15 39.15 40.16
N SER E 155 -10.49 39.65 41.20
CA SER E 155 -10.97 40.75 42.01
CA SER E 155 -10.97 40.76 42.01
C SER E 155 -9.98 41.91 41.89
N VAL E 156 -10.48 43.09 41.56
CA VAL E 156 -9.65 44.28 41.44
C VAL E 156 -10.31 45.40 42.24
N GLY E 157 -9.52 46.16 42.97
CA GLY E 157 -10.04 47.25 43.78
C GLY E 157 -9.10 48.42 43.93
N THR E 158 -9.60 49.63 43.75
CA THR E 158 -8.98 50.87 44.20
C THR E 158 -9.97 51.57 45.13
N SER E 159 -9.69 52.83 45.47
CA SER E 159 -10.68 53.57 46.24
C SER E 159 -11.92 53.96 45.43
N THR E 160 -11.85 53.87 44.09
CA THR E 160 -12.93 54.28 43.21
C THR E 160 -13.44 53.15 42.31
N LEU E 161 -12.97 51.93 42.47
CA LEU E 161 -13.27 50.86 41.54
C LEU E 161 -13.46 49.55 42.29
N ASN E 162 -14.40 48.73 41.83
CA ASN E 162 -14.63 47.41 42.42
C ASN E 162 -15.03 46.45 41.32
N GLN E 163 -14.18 45.44 41.05
CA GLN E 163 -14.42 44.45 40.03
C GLN E 163 -14.35 43.07 40.66
N ARG E 164 -15.34 42.23 40.39
CA ARG E 164 -15.25 40.82 40.78
C ARG E 164 -15.68 40.05 39.53
N LEU E 165 -14.70 39.62 38.76
CA LEU E 165 -14.96 39.02 37.47
C LEU E 165 -14.82 37.50 37.52
N VAL E 166 -15.45 36.87 36.54
CA VAL E 166 -15.45 35.44 36.34
C VAL E 166 -15.24 35.18 34.85
N PRO E 167 -14.31 34.32 34.46
CA PRO E 167 -14.13 34.02 33.02
C PRO E 167 -15.30 33.23 32.48
N ARG E 168 -15.68 33.57 31.25
CA ARG E 168 -16.72 32.90 30.52
C ARG E 168 -16.06 31.90 29.58
N ILE E 169 -16.15 30.62 29.90
CA ILE E 169 -15.56 29.57 29.10
C ILE E 169 -16.51 29.25 27.95
N ALA E 170 -16.10 29.56 26.71
CA ALA E 170 -16.99 29.44 25.55
C ALA E 170 -16.19 29.44 24.24
N THR E 171 -16.64 28.65 23.26
CA THR E 171 -15.93 28.56 22.00
C THR E 171 -16.31 29.72 21.11
N ARG E 172 -15.32 30.50 20.68
CA ARG E 172 -15.55 31.58 19.74
C ARG E 172 -15.00 31.21 18.37
N SER E 173 -15.37 32.02 17.39
CA SER E 173 -14.79 31.94 16.06
C SER E 173 -13.27 32.17 16.12
N LYS E 174 -12.53 31.44 15.30
CA LYS E 174 -11.08 31.55 15.36
C LYS E 174 -10.65 32.88 14.77
N VAL E 175 -9.85 33.63 15.53
CA VAL E 175 -9.32 34.92 15.11
C VAL E 175 -7.83 34.89 15.40
N ASN E 176 -7.02 35.08 14.36
CA ASN E 176 -5.57 34.93 14.47
C ASN E 176 -5.24 33.55 15.01
N GLY E 177 -6.09 32.56 14.69
CA GLY E 177 -5.89 31.19 15.13
C GLY E 177 -6.48 30.85 16.49
N GLN E 178 -7.04 31.82 17.22
CA GLN E 178 -7.48 31.62 18.59
C GLN E 178 -8.99 31.63 18.71
N SER E 179 -9.54 30.63 19.40
CA SER E 179 -10.97 30.55 19.69
C SER E 179 -11.33 31.04 21.10
N GLY E 180 -10.33 31.45 21.89
CA GLY E 180 -10.56 32.16 23.14
C GLY E 180 -10.41 33.66 22.95
N ARG E 181 -10.58 34.38 24.05
CA ARG E 181 -10.64 35.84 24.00
C ARG E 181 -10.05 36.42 25.27
N MET E 182 -9.44 37.59 25.14
CA MET E 182 -8.96 38.34 26.27
C MET E 182 -9.71 39.65 26.36
N GLU E 183 -10.00 40.07 27.57
CA GLU E 183 -10.70 41.32 27.79
C GLU E 183 -9.83 42.19 28.68
N PHE E 184 -9.67 43.45 28.33
CA PHE E 184 -8.72 44.32 29.01
C PHE E 184 -9.44 45.48 29.66
N PHE E 185 -8.91 45.91 30.79
CA PHE E 185 -9.48 46.98 31.60
C PHE E 185 -8.42 48.00 31.91
N TRP E 186 -8.86 49.20 32.27
CA TRP E 186 -7.93 50.24 32.66
C TRP E 186 -8.57 51.10 33.72
N THR E 187 -7.71 51.77 34.50
CA THR E 187 -8.15 52.78 35.45
C THR E 187 -7.05 53.82 35.60
N ILE E 188 -7.40 54.94 36.18
CA ILE E 188 -6.43 55.95 36.56
C ILE E 188 -6.20 55.78 38.05
N LEU E 189 -5.00 55.33 38.42
CA LEU E 189 -4.64 55.19 39.82
C LEU E 189 -4.00 56.50 40.26
N LYS E 190 -4.67 57.21 41.17
CA LYS E 190 -4.21 58.50 41.65
C LYS E 190 -3.11 58.34 42.70
N PRO E 191 -2.21 59.32 42.81
CA PRO E 191 -1.09 59.22 43.76
C PRO E 191 -1.59 58.93 45.16
N ASN E 192 -0.90 58.00 45.83
CA ASN E 192 -1.18 57.53 47.19
C ASN E 192 -2.39 56.59 47.25
N ASP E 193 -3.02 56.27 46.13
CA ASP E 193 -3.97 55.19 46.10
C ASP E 193 -3.26 53.88 45.75
N ALA E 194 -3.90 52.76 46.11
CA ALA E 194 -3.39 51.44 45.79
C ALA E 194 -4.43 50.67 44.97
N ILE E 195 -3.95 49.87 44.02
CA ILE E 195 -4.79 48.92 43.32
C ILE E 195 -4.48 47.53 43.89
N ASN E 196 -5.53 46.76 44.19
CA ASN E 196 -5.40 45.45 44.83
C ASN E 196 -5.94 44.39 43.89
N PHE E 197 -5.13 43.36 43.64
CA PHE E 197 -5.49 42.26 42.76
C PHE E 197 -5.57 40.98 43.56
N GLU E 198 -6.60 40.17 43.28
CA GLU E 198 -6.69 38.83 43.82
C GLU E 198 -7.22 37.90 42.73
N SER E 199 -6.55 36.77 42.52
CA SER E 199 -7.01 35.85 41.49
C SER E 199 -6.47 34.45 41.72
N ASN E 200 -7.24 33.46 41.29
CA ASN E 200 -6.75 32.09 41.21
C ASN E 200 -6.80 31.56 39.78
N GLY E 201 -6.78 32.42 38.77
CA GLY E 201 -6.69 31.96 37.40
C GLY E 201 -7.16 33.02 36.43
N ASN E 202 -6.75 32.85 35.17
CA ASN E 202 -7.20 33.66 34.04
C ASN E 202 -6.87 35.15 34.15
N PHE E 203 -5.85 35.50 34.94
CA PHE E 203 -5.46 36.88 35.20
C PHE E 203 -4.35 37.32 34.23
N ILE E 204 -4.60 38.42 33.51
CA ILE E 204 -3.57 39.09 32.72
C ILE E 204 -3.10 40.27 33.54
N ALA E 205 -1.96 40.12 34.20
CA ALA E 205 -1.48 41.07 35.21
C ALA E 205 -0.78 42.27 34.59
N PRO E 206 -0.86 43.44 35.23
CA PRO E 206 -0.03 44.56 34.80
C PRO E 206 1.45 44.24 34.95
N GLU E 207 2.24 44.74 34.00
CA GLU E 207 3.68 44.83 34.17
C GLU E 207 4.11 46.28 34.13
N TYR E 208 3.82 46.97 33.03
CA TYR E 208 4.14 48.38 32.85
C TYR E 208 2.86 49.21 32.90
N ALA E 209 2.96 50.40 33.48
CA ALA E 209 1.89 51.38 33.53
C ALA E 209 2.41 52.72 33.03
N TYR E 210 1.53 53.73 32.90
CA TYR E 210 1.91 55.01 32.31
C TYR E 210 1.64 56.17 33.26
N LYS E 211 2.65 57.02 33.49
CA LYS E 211 2.42 58.29 34.17
C LYS E 211 1.79 59.29 33.19
N ILE E 212 0.74 60.00 33.63
CA ILE E 212 -0.03 60.92 32.78
C ILE E 212 -0.20 62.25 33.51
N VAL E 213 0.05 63.37 32.82
CA VAL E 213 -0.37 64.68 33.30
C VAL E 213 -1.08 65.42 32.17
N LYS E 214 -2.26 65.98 32.46
CA LYS E 214 -3.04 66.78 31.51
C LYS E 214 -3.51 65.99 30.29
N PRO F 5 -9.56 9.32 -70.71
CA PRO F 5 -9.30 9.46 -69.27
C PRO F 5 -8.97 8.11 -68.60
N LEU F 6 -7.80 8.04 -67.98
CA LEU F 6 -7.32 6.82 -67.37
C LEU F 6 -7.50 6.69 -65.85
N ILE F 7 -7.34 5.46 -65.34
CA ILE F 7 -7.49 5.15 -63.92
C ILE F 7 -6.19 4.51 -63.42
N LEU F 8 -5.55 5.17 -62.46
CA LEU F 8 -4.25 4.77 -61.94
C LEU F 8 -4.45 4.38 -60.49
N ARG F 9 -3.61 3.47 -59.98
CA ARG F 9 -3.85 2.97 -58.63
C ARG F 9 -2.59 2.39 -57.98
N ASP F 10 -2.67 2.21 -56.66
CA ASP F 10 -1.68 1.52 -55.85
C ASP F 10 -2.26 0.21 -55.18
N CYS F 11 -3.38 -0.26 -55.73
CA CYS F 11 -4.05 -1.49 -55.33
C CYS F 11 -4.12 -2.42 -56.54
N SER F 12 -4.61 -3.64 -56.34
CA SER F 12 -4.88 -4.46 -57.51
C SER F 12 -6.32 -4.25 -57.96
N VAL F 13 -6.60 -4.62 -59.22
CA VAL F 13 -7.98 -4.62 -59.69
C VAL F 13 -8.80 -5.63 -58.89
N ALA F 14 -8.20 -6.77 -58.57
CA ALA F 14 -8.85 -7.77 -57.73
C ALA F 14 -9.23 -7.18 -56.36
N GLY F 15 -8.27 -6.59 -55.66
CA GLY F 15 -8.56 -6.05 -54.34
C GLY F 15 -9.55 -4.89 -54.37
N TRP F 16 -9.50 -4.08 -55.41
CA TRP F 16 -10.48 -3.00 -55.57
C TRP F 16 -11.88 -3.53 -55.87
N LEU F 17 -12.02 -4.51 -56.77
CA LEU F 17 -13.35 -5.04 -57.07
C LEU F 17 -13.93 -5.86 -55.90
N LEU F 18 -13.09 -6.57 -55.17
CA LEU F 18 -13.56 -7.35 -54.04
C LEU F 18 -13.83 -6.47 -52.83
N GLY F 19 -13.23 -5.28 -52.77
CA GLY F 19 -13.40 -4.42 -51.63
C GLY F 19 -12.47 -4.75 -50.50
N ASN F 20 -11.21 -5.02 -50.80
CA ASN F 20 -10.23 -5.24 -49.76
C ASN F 20 -10.29 -4.05 -48.81
N PRO F 21 -10.41 -4.29 -47.49
CA PRO F 21 -10.63 -3.15 -46.59
C PRO F 21 -9.45 -2.19 -46.54
N MET F 22 -8.23 -2.69 -46.75
CA MET F 22 -7.03 -1.86 -46.78
C MET F 22 -7.04 -0.86 -47.94
N CYS F 23 -7.85 -1.08 -48.97
CA CYS F 23 -7.97 -0.18 -50.12
C CYS F 23 -9.16 0.74 -49.93
N ASP F 24 -8.95 2.04 -50.05
CA ASP F 24 -10.07 2.97 -49.99
C ASP F 24 -10.84 2.98 -51.31
N PRO F 30 -15.55 7.06 -62.42
CA PRO F 30 -16.52 6.01 -62.75
C PRO F 30 -16.60 5.73 -64.25
N GLU F 31 -15.59 6.17 -64.98
CA GLU F 31 -15.53 6.03 -66.44
C GLU F 31 -14.08 6.16 -66.89
N TRP F 32 -13.65 5.26 -67.77
CA TRP F 32 -12.25 5.24 -68.13
C TRP F 32 -12.04 4.52 -69.45
N SER F 33 -10.90 4.82 -70.09
CA SER F 33 -10.54 4.10 -71.31
C SER F 33 -9.87 2.78 -71.00
N TYR F 34 -8.77 2.79 -70.27
CA TYR F 34 -8.21 1.53 -69.84
C TYR F 34 -7.66 1.67 -68.43
N ILE F 35 -7.24 0.54 -67.87
CA ILE F 35 -6.74 0.45 -66.51
C ILE F 35 -5.27 0.10 -66.61
N VAL F 36 -4.45 0.78 -65.82
CA VAL F 36 -3.08 0.33 -65.65
C VAL F 36 -2.82 0.26 -64.16
N GLU F 37 -2.27 -0.86 -63.73
CA GLU F 37 -2.09 -1.28 -62.36
C GLU F 37 -0.63 -1.62 -62.18
N LYS F 38 -0.15 -1.47 -60.95
CA LYS F 38 1.17 -1.92 -60.57
C LYS F 38 1.30 -3.42 -60.84
N ALA F 39 2.49 -3.84 -61.23
CA ALA F 39 2.77 -5.26 -61.34
C ALA F 39 2.60 -5.96 -59.99
N ASN F 40 3.05 -5.33 -58.90
CA ASN F 40 2.96 -5.92 -57.56
C ASN F 40 2.34 -4.93 -56.58
N PRO F 41 1.02 -4.74 -56.65
CA PRO F 41 0.36 -3.81 -55.72
C PRO F 41 0.49 -4.24 -54.27
N VAL F 42 0.53 -3.23 -53.39
CA VAL F 42 0.71 -3.53 -51.96
C VAL F 42 -0.55 -4.15 -51.36
N ASN F 43 -1.71 -3.85 -51.90
CA ASN F 43 -2.99 -4.41 -51.44
C ASN F 43 -3.58 -5.26 -52.55
N ASP F 44 -3.40 -6.58 -52.49
CA ASP F 44 -3.97 -7.45 -53.50
C ASP F 44 -5.08 -8.22 -52.82
N LEU F 45 -4.87 -9.48 -52.44
CA LEU F 45 -5.86 -10.27 -51.72
C LEU F 45 -5.39 -10.35 -50.28
N CYS F 46 -6.09 -9.65 -49.38
CA CYS F 46 -5.68 -9.64 -47.97
C CYS F 46 -5.72 -11.06 -47.41
N TYR F 47 -6.86 -11.74 -47.57
CA TYR F 47 -6.88 -13.18 -47.33
C TYR F 47 -6.27 -13.86 -48.55
N PRO F 48 -5.23 -14.68 -48.37
CA PRO F 48 -4.49 -15.18 -49.54
C PRO F 48 -5.32 -16.11 -50.42
N GLY F 49 -5.02 -16.08 -51.71
CA GLY F 49 -5.69 -16.98 -52.64
C GLY F 49 -5.46 -16.58 -54.08
N ASP F 50 -6.48 -16.85 -54.91
CA ASP F 50 -6.39 -16.64 -56.34
C ASP F 50 -7.67 -16.00 -56.86
N PHE F 51 -7.53 -15.28 -57.97
CA PHE F 51 -8.64 -14.63 -58.65
C PHE F 51 -8.65 -15.22 -60.06
N ASN F 52 -9.69 -15.97 -60.39
CA ASN F 52 -9.75 -16.68 -61.68
C ASN F 52 -9.98 -15.76 -62.86
N ASP F 53 -9.32 -16.09 -63.98
CA ASP F 53 -9.42 -15.34 -65.23
C ASP F 53 -9.18 -13.84 -64.98
N TYR F 54 -8.09 -13.56 -64.28
CA TYR F 54 -7.78 -12.20 -63.88
C TYR F 54 -7.50 -11.31 -65.10
N GLU F 55 -6.66 -11.78 -66.03
CA GLU F 55 -6.29 -10.94 -67.17
C GLU F 55 -7.47 -10.71 -68.09
N GLU F 56 -8.27 -11.75 -68.34
CA GLU F 56 -9.48 -11.56 -69.13
C GLU F 56 -10.37 -10.49 -68.53
N LEU F 57 -10.48 -10.46 -67.19
CA LEU F 57 -11.32 -9.44 -66.56
C LEU F 57 -10.70 -8.07 -66.71
N LYS F 58 -9.38 -7.95 -66.50
CA LYS F 58 -8.72 -6.66 -66.67
C LYS F 58 -8.93 -6.11 -68.08
N HIS F 59 -8.82 -6.97 -69.10
CA HIS F 59 -9.03 -6.53 -70.47
C HIS F 59 -10.48 -6.15 -70.70
N LEU F 60 -11.40 -6.82 -70.03
CA LEU F 60 -12.80 -6.49 -70.25
C LEU F 60 -13.10 -5.11 -69.66
N LEU F 61 -12.44 -4.75 -68.57
CA LEU F 61 -12.69 -3.45 -67.94
C LEU F 61 -11.93 -2.32 -68.62
N SER F 62 -11.79 -2.37 -69.93
CA SER F 62 -11.23 -1.28 -70.70
C SER F 62 -12.34 -0.58 -71.46
N ARG F 63 -12.14 0.71 -71.64
CA ARG F 63 -13.06 1.51 -72.41
C ARG F 63 -14.44 1.40 -71.80
N ILE F 64 -14.49 1.27 -70.48
CA ILE F 64 -15.80 1.19 -69.84
C ILE F 64 -16.26 2.60 -69.58
N ASN F 65 -17.55 2.72 -69.80
CA ASN F 65 -18.40 3.85 -69.61
C ASN F 65 -19.32 3.49 -68.44
N HIS F 66 -19.62 4.45 -67.57
CA HIS F 66 -20.58 4.16 -66.51
C HIS F 66 -20.30 2.89 -65.72
N PHE F 67 -19.88 3.08 -64.49
CA PHE F 67 -19.51 2.01 -63.58
C PHE F 67 -20.09 2.34 -62.21
N GLU F 68 -21.07 1.56 -61.76
CA GLU F 68 -21.67 1.82 -60.45
C GLU F 68 -21.88 0.52 -59.69
N LYS F 69 -21.39 0.51 -58.46
CA LYS F 69 -21.61 -0.60 -57.54
C LYS F 69 -23.04 -0.55 -56.99
N ILE F 70 -23.71 -1.69 -57.00
CA ILE F 70 -25.05 -1.82 -56.42
C ILE F 70 -25.10 -3.07 -55.54
N GLN F 71 -26.03 -3.05 -54.59
CA GLN F 71 -26.25 -4.19 -53.68
C GLN F 71 -27.22 -5.16 -54.34
N ILE F 72 -26.81 -6.42 -54.49
CA ILE F 72 -27.69 -7.40 -55.10
C ILE F 72 -28.14 -8.45 -54.10
N ILE F 73 -27.34 -8.79 -53.11
CA ILE F 73 -27.76 -9.75 -52.10
C ILE F 73 -27.42 -9.16 -50.74
N PRO F 74 -28.39 -8.54 -50.08
CA PRO F 74 -28.08 -7.87 -48.81
C PRO F 74 -27.48 -8.83 -47.80
N LYS F 75 -26.43 -8.36 -47.15
CA LYS F 75 -25.83 -9.10 -46.06
C LYS F 75 -26.85 -9.47 -44.99
N SER F 76 -27.93 -8.70 -44.85
CA SER F 76 -28.95 -8.92 -43.83
C SER F 76 -29.97 -9.96 -44.23
N SER F 77 -29.90 -10.49 -45.44
CA SER F 77 -30.89 -11.44 -45.94
C SER F 77 -30.55 -12.88 -45.59
N TRP F 78 -29.43 -13.13 -44.92
CA TRP F 78 -29.01 -14.48 -44.55
C TRP F 78 -29.60 -14.80 -43.18
N SER F 79 -30.74 -15.47 -43.15
CA SER F 79 -31.42 -15.68 -41.88
C SER F 79 -30.93 -16.92 -41.13
N SER F 80 -30.40 -17.91 -41.83
CA SER F 80 -29.98 -19.14 -41.16
C SER F 80 -28.48 -19.41 -41.29
N HIS F 81 -27.69 -18.43 -41.71
CA HIS F 81 -26.24 -18.52 -41.68
C HIS F 81 -25.73 -17.25 -41.02
N GLU F 82 -24.50 -17.32 -40.51
CA GLU F 82 -23.89 -16.16 -39.88
C GLU F 82 -23.12 -15.33 -40.92
N ALA F 83 -23.58 -14.09 -41.14
CA ALA F 83 -22.91 -13.12 -42.01
C ALA F 83 -21.98 -12.18 -41.26
N SER F 84 -21.94 -12.23 -39.93
CA SER F 84 -21.15 -11.29 -39.15
C SER F 84 -19.84 -11.87 -38.65
N LEU F 85 -19.62 -13.17 -38.80
CA LEU F 85 -18.41 -13.81 -38.28
C LEU F 85 -17.31 -13.93 -39.31
N GLY F 86 -17.60 -13.60 -40.57
CA GLY F 86 -16.65 -13.82 -41.64
C GLY F 86 -15.59 -12.75 -41.73
N VAL F 87 -14.70 -12.70 -40.75
CA VAL F 87 -13.64 -11.70 -40.69
C VAL F 87 -12.34 -12.41 -40.37
N SER F 88 -11.24 -11.71 -40.60
CA SER F 88 -9.94 -12.33 -40.46
C SER F 88 -8.92 -11.25 -40.11
N SER F 89 -7.96 -11.63 -39.26
CA SER F 89 -6.86 -10.74 -38.94
C SER F 89 -5.97 -10.48 -40.14
N ALA F 90 -6.05 -11.32 -41.17
CA ALA F 90 -5.35 -11.04 -42.43
C ALA F 90 -5.93 -9.85 -43.16
N CYS F 91 -7.16 -9.45 -42.85
CA CYS F 91 -7.84 -8.35 -43.54
C CYS F 91 -8.19 -7.25 -42.54
N PRO F 92 -7.19 -6.63 -41.92
CA PRO F 92 -7.49 -5.63 -40.88
C PRO F 92 -8.04 -4.37 -41.49
N TYR F 93 -8.96 -3.74 -40.76
CA TYR F 93 -9.41 -2.39 -41.02
C TYR F 93 -9.46 -1.65 -39.69
N GLN F 94 -8.53 -0.72 -39.50
CA GLN F 94 -8.45 0.07 -38.26
C GLN F 94 -8.21 -0.83 -37.06
N ARG F 95 -7.25 -1.73 -37.20
CA ARG F 95 -6.76 -2.63 -36.13
C ARG F 95 -7.77 -3.71 -35.72
N LYS F 96 -8.92 -3.83 -36.37
CA LYS F 96 -9.86 -4.91 -36.09
C LYS F 96 -10.05 -5.78 -37.32
N SER F 97 -10.26 -7.07 -37.09
CA SER F 97 -10.38 -8.03 -38.18
C SER F 97 -11.60 -7.71 -39.05
N SER F 98 -11.40 -7.80 -40.36
CA SER F 98 -12.45 -7.48 -41.33
C SER F 98 -12.29 -8.46 -42.50
N PHE F 99 -12.83 -8.08 -43.65
CA PHE F 99 -12.86 -8.96 -44.81
C PHE F 99 -13.18 -8.09 -46.01
N PHE F 100 -12.95 -8.64 -47.21
CA PHE F 100 -13.41 -7.99 -48.43
C PHE F 100 -14.83 -7.51 -48.24
N ARG F 101 -15.14 -6.31 -48.71
CA ARG F 101 -16.43 -5.75 -48.33
C ARG F 101 -17.54 -6.04 -49.33
N ASN F 102 -17.23 -6.49 -50.55
CA ASN F 102 -18.30 -6.70 -51.53
C ASN F 102 -18.75 -8.16 -51.66
N VAL F 103 -18.18 -9.06 -50.87
CA VAL F 103 -18.60 -10.44 -50.76
C VAL F 103 -18.70 -10.79 -49.27
N VAL F 104 -19.41 -11.86 -48.97
CA VAL F 104 -19.71 -12.23 -47.60
C VAL F 104 -19.20 -13.65 -47.34
N TRP F 105 -18.32 -13.78 -46.35
CA TRP F 105 -17.82 -15.07 -45.90
C TRP F 105 -18.86 -15.66 -44.96
N LEU F 106 -19.71 -16.56 -45.45
CA LEU F 106 -20.79 -17.10 -44.61
C LEU F 106 -20.31 -18.23 -43.71
N ILE F 107 -20.80 -18.21 -42.49
CA ILE F 107 -20.40 -19.14 -41.44
C ILE F 107 -21.65 -19.89 -40.97
N LYS F 108 -21.43 -21.08 -40.42
CA LYS F 108 -22.52 -21.79 -39.76
C LYS F 108 -23.13 -20.92 -38.67
N LYS F 109 -24.35 -21.26 -38.29
CA LYS F 109 -25.12 -20.50 -37.33
C LYS F 109 -25.80 -21.48 -36.40
N ASN F 110 -25.61 -21.30 -35.10
CA ASN F 110 -26.08 -22.26 -34.12
C ASN F 110 -25.69 -23.69 -34.50
N SER F 111 -24.41 -23.86 -34.78
CA SER F 111 -23.77 -25.14 -35.08
C SER F 111 -24.40 -25.85 -36.29
N THR F 112 -25.01 -25.11 -37.20
CA THR F 112 -25.68 -25.70 -38.35
C THR F 112 -25.36 -24.88 -39.58
N TYR F 113 -25.20 -25.56 -40.72
CA TYR F 113 -25.05 -24.86 -42.00
C TYR F 113 -26.05 -25.48 -42.98
N PRO F 114 -27.28 -24.98 -43.01
CA PRO F 114 -28.28 -25.50 -43.96
C PRO F 114 -27.86 -25.23 -45.40
N THR F 115 -28.42 -26.02 -46.31
CA THR F 115 -28.09 -25.84 -47.73
C THR F 115 -28.64 -24.52 -48.22
N ILE F 116 -27.80 -23.74 -48.86
CA ILE F 116 -28.20 -22.45 -49.41
C ILE F 116 -28.73 -22.68 -50.82
N LYS F 117 -29.85 -22.04 -51.15
CA LYS F 117 -30.36 -22.02 -52.52
C LYS F 117 -30.84 -20.60 -52.78
N ARG F 118 -29.99 -19.79 -53.41
CA ARG F 118 -30.31 -18.42 -53.75
C ARG F 118 -30.12 -18.17 -55.22
N SER F 119 -31.00 -17.39 -55.80
CA SER F 119 -30.83 -16.91 -57.16
C SER F 119 -31.01 -15.41 -57.15
N TYR F 120 -30.36 -14.75 -58.09
CA TYR F 120 -30.54 -13.32 -58.30
C TYR F 120 -30.79 -13.09 -59.76
N ASN F 121 -31.95 -12.51 -60.09
CA ASN F 121 -32.31 -12.20 -61.46
C ASN F 121 -31.89 -10.76 -61.72
N ASN F 122 -31.06 -10.56 -62.75
CA ASN F 122 -30.62 -9.21 -63.10
C ASN F 122 -31.77 -8.50 -63.81
N THR F 123 -32.52 -7.72 -63.05
CA THR F 123 -33.66 -6.97 -63.54
C THR F 123 -33.30 -5.56 -63.97
N ASN F 124 -32.02 -5.18 -63.92
CA ASN F 124 -31.53 -3.98 -64.57
C ASN F 124 -31.43 -4.18 -66.07
N GLN F 125 -30.99 -3.14 -66.77
CA GLN F 125 -30.72 -3.18 -68.21
C GLN F 125 -29.24 -3.09 -68.53
N GLU F 126 -28.38 -2.92 -67.54
CA GLU F 126 -26.95 -2.96 -67.75
C GLU F 126 -26.43 -4.36 -67.44
N ASP F 127 -25.28 -4.68 -68.01
CA ASP F 127 -24.56 -5.88 -67.58
C ASP F 127 -24.16 -5.73 -66.12
N LEU F 128 -24.19 -6.84 -65.38
CA LEU F 128 -23.67 -6.85 -64.01
C LEU F 128 -22.46 -7.77 -63.93
N LEU F 129 -21.36 -7.24 -63.39
CA LEU F 129 -20.20 -8.03 -63.03
C LEU F 129 -20.40 -8.57 -61.61
N VAL F 130 -20.58 -9.87 -61.47
CA VAL F 130 -20.85 -10.51 -60.18
C VAL F 130 -19.63 -11.32 -59.76
N LEU F 131 -19.23 -11.19 -58.50
CA LEU F 131 -18.07 -11.89 -57.97
C LEU F 131 -18.49 -12.80 -56.82
N TRP F 132 -17.84 -13.97 -56.72
CA TRP F 132 -18.06 -14.90 -55.61
C TRP F 132 -16.80 -15.72 -55.39
N GLY F 133 -16.80 -16.51 -54.32
CA GLY F 133 -15.58 -17.23 -53.98
C GLY F 133 -15.84 -18.54 -53.26
N ILE F 134 -14.75 -19.25 -53.04
CA ILE F 134 -14.78 -20.52 -52.30
C ILE F 134 -13.62 -20.51 -51.32
N HIS F 135 -13.85 -21.05 -50.13
CA HIS F 135 -12.84 -21.17 -49.10
C HIS F 135 -12.32 -22.60 -49.02
N HIS F 136 -10.99 -22.76 -49.16
CA HIS F 136 -10.22 -23.99 -49.04
C HIS F 136 -9.58 -23.99 -47.65
N PRO F 137 -10.14 -24.68 -46.66
CA PRO F 137 -9.56 -24.63 -45.31
C PRO F 137 -8.28 -25.44 -45.25
N ASN F 138 -7.53 -25.24 -44.15
CA ASN F 138 -6.25 -25.94 -44.01
C ASN F 138 -6.41 -27.36 -43.45
N ASP F 139 -7.44 -27.64 -42.65
CA ASP F 139 -7.60 -29.01 -42.18
C ASP F 139 -9.06 -29.33 -41.90
N ALA F 140 -9.31 -30.60 -41.59
CA ALA F 140 -10.68 -31.05 -41.39
C ALA F 140 -11.29 -30.43 -40.13
N ALA F 141 -10.49 -30.15 -39.12
CA ALA F 141 -11.01 -29.52 -37.91
C ALA F 141 -11.47 -28.10 -38.19
N GLU F 142 -10.70 -27.37 -39.00
CA GLU F 142 -11.12 -26.05 -39.47
C GLU F 142 -12.46 -26.14 -40.19
N GLN F 143 -12.65 -27.18 -41.02
CA GLN F 143 -13.88 -27.28 -41.79
C GLN F 143 -15.09 -27.47 -40.88
N THR F 144 -14.92 -28.27 -39.81
CA THR F 144 -16.00 -28.44 -38.83
C THR F 144 -16.31 -27.13 -38.10
N LYS F 145 -15.27 -26.43 -37.65
CA LYS F 145 -15.47 -25.22 -36.86
C LYS F 145 -16.19 -24.14 -37.66
N LEU F 146 -15.93 -24.03 -38.97
CA LEU F 146 -16.58 -22.96 -39.74
C LEU F 146 -17.93 -23.36 -40.32
N TYR F 147 -18.05 -24.58 -40.82
CA TYR F 147 -19.19 -24.95 -41.65
C TYR F 147 -19.99 -26.14 -41.14
N GLN F 148 -19.50 -26.85 -40.12
CA GLN F 148 -20.14 -28.06 -39.59
C GLN F 148 -20.09 -29.22 -40.59
N ASN F 149 -20.72 -29.07 -41.77
CA ASN F 149 -20.76 -30.14 -42.77
C ASN F 149 -19.35 -30.50 -43.24
N PRO F 150 -18.92 -31.75 -43.10
CA PRO F 150 -17.54 -32.11 -43.49
C PRO F 150 -17.30 -32.13 -44.99
N THR F 151 -18.33 -32.38 -45.81
CA THR F 151 -18.18 -32.67 -47.24
C THR F 151 -19.10 -31.73 -48.00
N THR F 152 -18.52 -30.77 -48.71
CA THR F 152 -19.30 -29.64 -49.17
C THR F 152 -19.07 -29.37 -50.65
N TYR F 153 -19.94 -28.54 -51.22
CA TYR F 153 -19.89 -28.21 -52.63
C TYR F 153 -20.40 -26.79 -52.79
N ILE F 154 -20.09 -26.21 -53.95
CA ILE F 154 -20.68 -24.95 -54.39
C ILE F 154 -21.10 -25.14 -55.82
N SER F 155 -22.38 -24.93 -56.10
CA SER F 155 -22.93 -25.03 -57.44
CA SER F 155 -22.94 -25.03 -57.44
C SER F 155 -23.33 -23.64 -57.92
N VAL F 156 -22.84 -23.27 -59.10
CA VAL F 156 -23.17 -21.98 -59.67
C VAL F 156 -23.67 -22.18 -61.10
N GLY F 157 -24.74 -21.48 -61.46
CA GLY F 157 -25.30 -21.60 -62.78
C GLY F 157 -25.92 -20.30 -63.28
N THR F 158 -25.54 -19.90 -64.49
CA THR F 158 -26.28 -18.93 -65.29
C THR F 158 -26.67 -19.63 -66.58
N SER F 159 -27.22 -18.86 -67.51
CA SER F 159 -27.53 -19.44 -68.81
C SER F 159 -26.28 -19.72 -69.63
N THR F 160 -25.11 -19.20 -69.23
CA THR F 160 -23.87 -19.35 -69.97
C THR F 160 -22.77 -20.05 -69.17
N LEU F 161 -23.04 -20.44 -67.94
CA LEU F 161 -21.98 -20.85 -67.04
C LEU F 161 -22.48 -21.97 -66.14
N ASN F 162 -21.59 -22.91 -65.82
CA ASN F 162 -21.92 -24.02 -64.91
C ASN F 162 -20.68 -24.36 -64.07
N GLN F 163 -20.79 -24.21 -62.77
CA GLN F 163 -19.72 -24.54 -61.85
C GLN F 163 -20.21 -25.57 -60.84
N ARG F 164 -19.42 -26.60 -60.59
CA ARG F 164 -19.75 -27.57 -59.54
C ARG F 164 -18.44 -27.76 -58.78
N LEU F 165 -18.24 -26.93 -57.77
CA LEU F 165 -16.94 -26.86 -57.13
C LEU F 165 -16.93 -27.67 -55.85
N VAL F 166 -15.72 -28.05 -55.44
CA VAL F 166 -15.43 -28.79 -54.21
C VAL F 166 -14.22 -28.15 -53.55
N PRO F 167 -14.30 -27.78 -52.28
CA PRO F 167 -13.13 -27.18 -51.63
C PRO F 167 -12.08 -28.23 -51.35
N ARG F 168 -10.81 -27.85 -51.51
CA ARG F 168 -9.69 -28.73 -51.21
C ARG F 168 -9.17 -28.42 -49.81
N ILE F 169 -9.40 -29.34 -48.88
CA ILE F 169 -8.91 -29.19 -47.50
C ILE F 169 -7.46 -29.67 -47.44
N ALA F 170 -6.52 -28.73 -47.28
CA ALA F 170 -5.11 -29.05 -47.33
C ALA F 170 -4.30 -27.91 -46.71
N THR F 171 -3.20 -28.27 -46.04
CA THR F 171 -2.36 -27.28 -45.36
C THR F 171 -1.39 -26.66 -46.36
N ARG F 172 -1.43 -25.33 -46.46
CA ARG F 172 -0.48 -24.55 -47.24
C ARG F 172 0.45 -23.76 -46.32
N SER F 173 1.51 -23.22 -46.91
CA SER F 173 2.40 -22.32 -46.20
C SER F 173 1.66 -21.06 -45.78
N LYS F 174 2.00 -20.54 -44.60
CA LYS F 174 1.29 -19.38 -44.08
C LYS F 174 1.63 -18.11 -44.84
N VAL F 175 0.57 -17.39 -45.24
CA VAL F 175 0.62 -16.12 -45.93
C VAL F 175 -0.37 -15.21 -45.21
N ASN F 176 0.11 -14.07 -44.71
CA ASN F 176 -0.70 -13.17 -43.89
C ASN F 176 -1.33 -13.90 -42.71
N GLY F 177 -0.63 -14.91 -42.20
CA GLY F 177 -1.06 -15.69 -41.06
C GLY F 177 -1.95 -16.86 -41.38
N GLN F 178 -2.42 -17.00 -42.61
CA GLN F 178 -3.42 -17.98 -42.98
C GLN F 178 -2.82 -19.09 -43.82
N SER F 179 -3.05 -20.34 -43.41
CA SER F 179 -2.60 -21.49 -44.18
C SER F 179 -3.71 -22.06 -45.05
N GLY F 180 -4.91 -21.48 -45.01
CA GLY F 180 -5.96 -21.77 -45.96
C GLY F 180 -5.98 -20.75 -47.07
N ARG F 181 -6.93 -20.92 -47.99
CA ARG F 181 -6.97 -20.10 -49.20
C ARG F 181 -8.39 -19.80 -49.63
N MET F 182 -8.54 -18.64 -50.26
CA MET F 182 -9.80 -18.24 -50.85
C MET F 182 -9.61 -18.09 -52.35
N GLU F 183 -10.55 -18.57 -53.12
CA GLU F 183 -10.47 -18.50 -54.56
C GLU F 183 -11.73 -17.81 -55.08
N PHE F 184 -11.55 -16.86 -56.00
CA PHE F 184 -12.63 -16.00 -56.44
C PHE F 184 -12.91 -16.16 -57.93
N PHE F 185 -14.19 -16.01 -58.27
CA PHE F 185 -14.70 -16.17 -59.62
C PHE F 185 -15.55 -14.96 -59.97
N TRP F 186 -15.74 -14.76 -61.26
CA TRP F 186 -16.56 -13.66 -61.72
C TRP F 186 -17.30 -14.10 -62.96
N THR F 187 -18.39 -13.40 -63.26
CA THR F 187 -19.08 -13.57 -64.53
C THR F 187 -19.82 -12.26 -64.83
N ILE F 188 -20.21 -12.12 -66.09
CA ILE F 188 -21.05 -11.03 -66.53
C ILE F 188 -22.46 -11.58 -66.63
N LEU F 189 -23.35 -11.11 -65.75
CA LEU F 189 -24.74 -11.53 -65.78
C LEU F 189 -25.52 -10.58 -66.68
N LYS F 190 -26.12 -11.13 -67.75
CA LYS F 190 -26.82 -10.35 -68.76
C LYS F 190 -28.20 -9.95 -68.23
N PRO F 191 -28.73 -8.80 -68.65
CA PRO F 191 -30.05 -8.38 -68.16
C PRO F 191 -31.09 -9.46 -68.40
N ASN F 192 -31.87 -9.74 -67.37
CA ASN F 192 -32.95 -10.74 -67.30
C ASN F 192 -32.47 -12.19 -67.24
N ASP F 193 -31.17 -12.43 -67.16
CA ASP F 193 -30.67 -13.74 -66.78
C ASP F 193 -30.52 -13.78 -65.24
N ALA F 194 -30.54 -14.98 -64.69
CA ALA F 194 -30.39 -15.17 -63.26
C ALA F 194 -29.17 -16.04 -62.96
N ILE F 195 -28.46 -15.72 -61.86
CA ILE F 195 -27.40 -16.57 -61.34
C ILE F 195 -27.95 -17.36 -60.15
N ASN F 196 -27.67 -18.65 -60.12
CA ASN F 196 -28.19 -19.58 -59.13
C ASN F 196 -27.05 -20.18 -58.32
N PHE F 197 -27.12 -20.06 -57.01
CA PHE F 197 -26.12 -20.58 -56.08
C PHE F 197 -26.70 -21.69 -55.23
N GLU F 198 -25.94 -22.75 -55.05
CA GLU F 198 -26.34 -23.75 -54.07
C GLU F 198 -25.09 -24.22 -53.32
N SER F 199 -25.16 -24.22 -51.99
CA SER F 199 -23.99 -24.60 -51.23
C SER F 199 -24.38 -25.07 -49.84
N ASN F 200 -23.60 -26.01 -49.31
CA ASN F 200 -23.65 -26.40 -47.91
C ASN F 200 -22.34 -26.11 -47.18
N GLY F 201 -21.54 -25.16 -47.67
CA GLY F 201 -20.33 -24.77 -46.96
C GLY F 201 -19.31 -24.11 -47.87
N ASN F 202 -18.38 -23.38 -47.24
CA ASN F 202 -17.21 -22.82 -47.94
C ASN F 202 -17.55 -21.83 -49.06
N PHE F 203 -18.73 -21.21 -48.98
CA PHE F 203 -19.24 -20.30 -49.99
C PHE F 203 -18.95 -18.85 -49.60
N ILE F 204 -18.27 -18.11 -50.46
CA ILE F 204 -18.09 -16.67 -50.28
C ILE F 204 -19.09 -16.00 -51.22
N ALA F 205 -20.24 -15.54 -50.66
CA ALA F 205 -21.37 -15.09 -51.45
C ALA F 205 -21.21 -13.65 -51.96
N PRO F 206 -21.77 -13.34 -53.13
CA PRO F 206 -21.85 -11.94 -53.56
C PRO F 206 -22.65 -11.12 -52.56
N GLU F 207 -22.24 -9.86 -52.38
CA GLU F 207 -23.12 -8.85 -51.81
C GLU F 207 -23.34 -7.70 -52.78
N TYR F 208 -22.26 -7.06 -53.21
CA TYR F 208 -22.32 -5.96 -54.16
C TYR F 208 -21.83 -6.45 -55.51
N ALA F 209 -22.47 -5.95 -56.57
CA ALA F 209 -22.12 -6.21 -57.95
C ALA F 209 -21.92 -4.87 -58.66
N TYR F 210 -21.46 -4.91 -59.92
CA TYR F 210 -21.10 -3.70 -60.65
C TYR F 210 -21.85 -3.62 -61.97
N LYS F 211 -22.50 -2.48 -62.23
CA LYS F 211 -23.08 -2.21 -63.54
C LYS F 211 -21.98 -1.82 -64.50
N ILE F 212 -22.03 -2.40 -65.71
CA ILE F 212 -20.99 -2.22 -66.71
C ILE F 212 -21.65 -1.77 -68.00
N VAL F 213 -21.18 -0.65 -68.56
CA VAL F 213 -21.61 -0.23 -69.87
C VAL F 213 -20.34 -0.04 -70.67
N LYS F 214 -20.27 -0.66 -71.84
CA LYS F 214 -19.07 -0.47 -72.66
C LYS F 214 -19.32 0.50 -73.84
C1 NAG G . 5.65 19.85 42.41
C2 NAG G . 6.86 19.89 43.36
C3 NAG G . 7.06 18.54 44.06
C4 NAG G . 5.75 18.05 44.68
C5 NAG G . 4.63 18.05 43.64
C6 NAG G . 3.29 17.68 44.23
C7 NAG G . 8.71 21.44 42.92
C8 NAG G . 9.95 21.70 42.13
N2 NAG G . 8.07 20.29 42.67
O3 NAG G . 8.03 18.67 45.08
O4 NAG G . 5.92 16.72 45.17
O5 NAG G . 4.49 19.38 43.11
O6 NAG G . 2.55 16.84 43.37
O7 NAG G . 8.28 22.23 43.76
C1 NAG H . 0.47 54.57 49.76
C2 NAG H . -0.66 54.39 50.79
C3 NAG H . -0.66 55.52 51.84
C4 NAG H . 0.73 55.69 52.45
C5 NAG H . 1.75 55.92 51.35
C6 NAG H . 3.17 56.05 51.86
C7 NAG H . -2.82 53.33 50.25
C8 NAG H . -4.11 53.46 49.50
N2 NAG H . -1.95 54.34 50.13
O3 NAG H . -1.60 55.20 52.85
O4 NAG H . 0.74 56.79 53.36
O5 NAG H . 1.72 54.80 50.44
O6 NAG H . 3.37 55.39 53.10
O7 NAG H . -2.57 52.34 50.94
C1 NAG I . -29.62 -24.12 -31.49
C2 NAG I . -31.11 -23.68 -31.30
C3 NAG I . -31.79 -24.45 -30.15
C4 NAG I . -31.50 -25.95 -30.22
C5 NAG I . -30.00 -26.17 -30.32
C6 NAG I . -29.61 -27.63 -30.41
C7 NAG I . -31.82 -21.36 -31.75
C8 NAG I . -31.73 -19.93 -31.32
N2 NAG I . -31.16 -22.25 -31.01
O3 NAG I . -33.19 -24.21 -30.27
O4 NAG I . -32.02 -26.57 -29.05
O5 NAG I . -29.53 -25.51 -31.51
O6 NAG I . -28.27 -27.83 -29.98
O7 NAG I . -32.46 -21.71 -32.75
C1 NAG J . -36.00 -12.57 -64.80
C2 NAG J . -36.31 -13.89 -65.53
C3 NAG J . -37.15 -13.62 -66.79
C4 NAG J . -38.38 -12.79 -66.47
C5 NAG J . -37.97 -11.50 -65.80
C6 NAG J . -39.14 -10.64 -65.39
C7 NAG J . -34.78 -15.79 -65.34
C8 NAG J . -33.49 -16.40 -65.81
N2 NAG J . -35.09 -14.60 -65.87
O3 NAG J . -37.53 -14.88 -67.37
O4 NAG J . -39.10 -12.49 -67.67
O5 NAG J . -37.23 -11.81 -64.60
O6 NAG J . -39.85 -11.16 -64.28
O7 NAG J . -35.49 -16.32 -64.51
#